data_2L2Q
#
_entry.id   2L2Q
#
_entity_poly.entity_id   1
_entity_poly.type   'polypeptide(L)'
_entity_poly.pdbx_seq_one_letter_code
;GPGSMNILLVCGAGMSTSMLVQRIEKYAKSKNINATIEAIAETRLSEVVDRFDVVLLAPQSRFNKKRLEEITKPKGIPIE
IINTIDYGTMNGEKVLQLAINAFNNKSSV
;
_entity_poly.pdbx_strand_id   A
#
# COMPACT_ATOMS: atom_id res chain seq x y z
N GLY A 1 -12.56 12.47 -15.38
CA GLY A 1 -11.67 12.47 -16.53
C GLY A 1 -10.66 11.33 -16.49
N PRO A 2 -9.69 11.38 -17.40
CA PRO A 2 -8.63 10.36 -17.48
C PRO A 2 -7.68 10.41 -16.30
N GLY A 3 -8.04 9.74 -15.21
CA GLY A 3 -7.21 9.73 -14.02
C GLY A 3 -7.23 8.38 -13.31
N SER A 4 -6.25 8.16 -12.45
CA SER A 4 -6.15 6.91 -11.71
C SER A 4 -5.19 7.04 -10.54
N MET A 5 -5.07 5.98 -9.75
CA MET A 5 -4.17 5.97 -8.60
C MET A 5 -3.42 4.65 -8.50
N ASN A 6 -2.28 4.68 -7.83
CA ASN A 6 -1.46 3.47 -7.67
C ASN A 6 -1.07 3.28 -6.20
N ILE A 7 -1.37 2.10 -5.67
CA ILE A 7 -1.04 1.79 -4.28
C ILE A 7 0.00 0.67 -4.20
N LEU A 8 1.03 0.90 -3.39
CA LEU A 8 2.10 -0.08 -3.23
C LEU A 8 2.00 -0.76 -1.87
N LEU A 9 2.20 -2.07 -1.85
CA LEU A 9 2.13 -2.84 -0.61
C LEU A 9 3.46 -3.55 -0.34
N VAL A 10 3.95 -3.41 0.89
CA VAL A 10 5.20 -4.04 1.28
C VAL A 10 4.96 -5.23 2.20
N CYS A 11 5.14 -6.44 1.68
CA CYS A 11 4.95 -7.66 2.44
C CYS A 11 5.43 -8.87 1.68
N GLY A 12 4.85 -9.10 0.50
CA GLY A 12 5.24 -10.24 -0.31
C GLY A 12 6.28 -9.87 -1.37
N ALA A 13 6.81 -10.88 -2.04
CA ALA A 13 7.82 -10.66 -3.08
C ALA A 13 7.22 -10.78 -4.46
N GLY A 14 6.02 -10.21 -4.64
CA GLY A 14 5.37 -10.27 -5.93
C GLY A 14 4.96 -11.68 -6.32
N MET A 15 4.17 -12.32 -5.46
CA MET A 15 3.71 -13.68 -5.72
C MET A 15 2.27 -13.69 -6.20
N SER A 16 1.89 -14.75 -6.91
CA SER A 16 0.53 -14.87 -7.44
C SER A 16 -0.42 -15.36 -6.35
N THR A 17 -1.69 -14.97 -6.48
CA THR A 17 -2.70 -15.37 -5.52
C THR A 17 -2.41 -14.79 -4.14
N SER A 18 -3.09 -13.71 -3.80
CA SER A 18 -2.89 -13.05 -2.51
C SER A 18 -4.24 -12.74 -1.84
N MET A 19 -4.27 -12.84 -0.52
CA MET A 19 -5.48 -12.58 0.24
C MET A 19 -5.88 -11.11 0.12
N LEU A 20 -5.04 -10.23 0.66
CA LEU A 20 -5.30 -8.79 0.62
C LEU A 20 -5.57 -8.32 -0.81
N VAL A 21 -4.72 -8.74 -1.73
CA VAL A 21 -4.86 -8.37 -3.13
C VAL A 21 -6.21 -8.83 -3.68
N GLN A 22 -6.58 -10.07 -3.36
CA GLN A 22 -7.84 -10.62 -3.83
C GLN A 22 -9.02 -9.77 -3.35
N ARG A 23 -9.13 -9.60 -2.04
CA ARG A 23 -10.21 -8.81 -1.46
C ARG A 23 -10.26 -7.42 -2.08
N ILE A 24 -9.16 -6.69 -1.97
CA ILE A 24 -9.09 -5.34 -2.53
C ILE A 24 -9.48 -5.32 -4.01
N GLU A 25 -8.87 -6.21 -4.78
CA GLU A 25 -9.15 -6.31 -6.21
C GLU A 25 -10.64 -6.53 -6.45
N LYS A 26 -11.27 -7.31 -5.58
CA LYS A 26 -12.69 -7.61 -5.71
C LYS A 26 -13.52 -6.35 -5.49
N TYR A 27 -13.34 -5.71 -4.33
CA TYR A 27 -14.08 -4.50 -4.00
C TYR A 27 -13.93 -3.47 -5.11
N ALA A 28 -12.71 -3.24 -5.56
CA ALA A 28 -12.45 -2.27 -6.61
C ALA A 28 -13.08 -2.72 -7.93
N LYS A 29 -12.84 -3.96 -8.31
CA LYS A 29 -13.39 -4.51 -9.54
C LYS A 29 -14.91 -4.44 -9.54
N SER A 30 -15.50 -4.48 -8.34
CA SER A 30 -16.94 -4.43 -8.19
C SER A 30 -17.44 -2.99 -8.20
N LYS A 31 -16.73 -2.12 -7.50
CA LYS A 31 -17.09 -0.71 -7.42
C LYS A 31 -16.79 0.01 -8.74
N ASN A 32 -15.98 -0.63 -9.57
CA ASN A 32 -15.61 -0.06 -10.86
C ASN A 32 -14.82 1.24 -10.69
N ILE A 33 -13.67 1.14 -10.03
CA ILE A 33 -12.82 2.30 -9.80
C ILE A 33 -11.51 2.20 -10.58
N ASN A 34 -11.03 3.34 -11.06
CA ASN A 34 -9.79 3.37 -11.82
C ASN A 34 -8.58 3.44 -10.89
N ALA A 35 -8.17 2.28 -10.39
CA ALA A 35 -7.02 2.22 -9.49
C ALA A 35 -6.32 0.86 -9.61
N THR A 36 -5.07 0.82 -9.16
CA THR A 36 -4.29 -0.41 -9.21
C THR A 36 -3.47 -0.61 -7.95
N ILE A 37 -3.10 -1.85 -7.66
CA ILE A 37 -2.31 -2.16 -6.47
C ILE A 37 -1.30 -3.26 -6.76
N GLU A 38 -0.15 -3.18 -6.10
CA GLU A 38 0.91 -4.18 -6.29
C GLU A 38 1.63 -4.45 -4.98
N ALA A 39 2.18 -5.66 -4.85
CA ALA A 39 2.91 -6.05 -3.64
C ALA A 39 4.34 -6.44 -3.97
N ILE A 40 5.30 -5.85 -3.25
CA ILE A 40 6.71 -6.15 -3.46
C ILE A 40 7.51 -5.97 -2.17
N ALA A 41 8.82 -6.17 -2.26
CA ALA A 41 9.69 -6.03 -1.11
C ALA A 41 10.14 -4.58 -0.94
N GLU A 42 10.98 -4.34 0.06
CA GLU A 42 11.49 -3.00 0.33
C GLU A 42 12.64 -2.66 -0.61
N THR A 43 13.33 -3.68 -1.09
CA THR A 43 14.46 -3.49 -2.00
C THR A 43 14.01 -2.84 -3.30
N ARG A 44 12.83 -3.23 -3.77
CA ARG A 44 12.29 -2.68 -5.01
C ARG A 44 11.18 -1.68 -4.72
N LEU A 45 11.13 -1.19 -3.49
CA LEU A 45 10.12 -0.22 -3.08
C LEU A 45 10.53 1.19 -3.51
N SER A 46 11.83 1.45 -3.51
CA SER A 46 12.34 2.76 -3.89
C SER A 46 12.33 2.93 -5.41
N GLU A 47 12.33 1.81 -6.12
CA GLU A 47 12.32 1.84 -7.57
C GLU A 47 10.89 1.93 -8.10
N VAL A 48 9.93 1.46 -7.31
CA VAL A 48 8.53 1.50 -7.69
C VAL A 48 7.85 2.76 -7.18
N VAL A 49 8.30 3.24 -6.03
CA VAL A 49 7.74 4.44 -5.42
C VAL A 49 7.91 5.65 -6.34
N ASP A 50 8.94 5.59 -7.19
CA ASP A 50 9.22 6.68 -8.12
C ASP A 50 8.02 6.94 -9.04
N ARG A 51 7.21 5.90 -9.25
CA ARG A 51 6.03 6.01 -10.10
C ARG A 51 4.75 5.94 -9.29
N PHE A 52 4.75 5.06 -8.28
CA PHE A 52 3.59 4.89 -7.42
C PHE A 52 3.19 6.22 -6.77
N ASP A 53 2.13 6.18 -5.97
CA ASP A 53 1.66 7.37 -5.28
C ASP A 53 1.69 7.18 -3.78
N VAL A 54 0.98 6.16 -3.29
CA VAL A 54 0.92 5.86 -1.87
C VAL A 54 1.59 4.53 -1.56
N VAL A 55 2.16 4.42 -0.36
CA VAL A 55 2.85 3.21 0.06
C VAL A 55 2.25 2.68 1.36
N LEU A 56 2.21 1.36 1.49
CA LEU A 56 1.67 0.73 2.69
C LEU A 56 2.61 -0.36 3.20
N LEU A 57 2.88 -0.35 4.51
CA LEU A 57 3.75 -1.34 5.12
C LEU A 57 2.96 -2.31 5.99
N ALA A 58 3.27 -3.59 5.87
CA ALA A 58 2.59 -4.62 6.64
C ALA A 58 3.16 -4.70 8.06
N PRO A 59 2.38 -5.30 8.97
CA PRO A 59 2.79 -5.45 10.37
C PRO A 59 3.92 -6.47 10.54
N GLN A 60 4.35 -6.66 11.78
CA GLN A 60 5.43 -7.61 12.06
C GLN A 60 6.71 -7.20 11.34
N SER A 61 7.50 -6.35 11.98
CA SER A 61 8.74 -5.88 11.39
C SER A 61 9.73 -5.44 12.48
N ARG A 62 10.96 -5.94 12.39
CA ARG A 62 11.98 -5.59 13.37
C ARG A 62 12.78 -4.38 12.91
N PHE A 63 13.42 -4.50 11.75
CA PHE A 63 14.22 -3.42 11.20
C PHE A 63 13.58 -2.86 9.93
N ASN A 64 12.81 -3.70 9.25
CA ASN A 64 12.14 -3.28 8.02
C ASN A 64 11.35 -2.00 8.23
N LYS A 65 10.46 -2.01 9.22
CA LYS A 65 9.65 -0.84 9.54
C LYS A 65 10.52 0.33 9.97
N LYS A 66 11.62 0.02 10.66
CA LYS A 66 12.54 1.05 11.12
C LYS A 66 13.11 1.85 9.96
N ARG A 67 13.75 1.16 9.03
CA ARG A 67 14.34 1.80 7.86
C ARG A 67 13.26 2.48 7.02
N LEU A 68 12.18 1.76 6.76
CA LEU A 68 11.08 2.30 5.95
C LEU A 68 10.64 3.65 6.49
N GLU A 69 10.15 3.68 7.72
CA GLU A 69 9.70 4.91 8.34
C GLU A 69 10.82 5.93 8.42
N GLU A 70 12.03 5.45 8.69
CA GLU A 70 13.20 6.32 8.79
C GLU A 70 13.50 7.00 7.45
N ILE A 71 13.08 6.34 6.37
CA ILE A 71 13.30 6.87 5.03
C ILE A 71 12.11 7.70 4.56
N THR A 72 10.91 7.28 4.96
CA THR A 72 9.69 7.98 4.58
C THR A 72 9.62 9.35 5.25
N LYS A 73 10.10 9.43 6.48
CA LYS A 73 10.08 10.68 7.23
C LYS A 73 10.71 11.81 6.41
N PRO A 74 11.99 11.64 6.07
CA PRO A 74 12.74 12.63 5.29
C PRO A 74 12.25 12.71 3.84
N LYS A 75 11.89 11.57 3.28
CA LYS A 75 11.41 11.50 1.90
C LYS A 75 10.09 12.25 1.76
N GLY A 76 9.36 12.38 2.87
CA GLY A 76 8.09 13.08 2.83
C GLY A 76 7.12 12.48 1.83
N ILE A 77 6.72 11.23 2.08
CA ILE A 77 5.79 10.55 1.19
C ILE A 77 4.63 9.94 1.98
N PRO A 78 3.49 9.76 1.31
CA PRO A 78 2.29 9.18 1.92
C PRO A 78 2.45 7.70 2.23
N ILE A 79 2.77 7.40 3.49
CA ILE A 79 2.96 6.02 3.92
C ILE A 79 1.95 5.64 5.01
N GLU A 80 1.27 4.51 4.80
CA GLU A 80 0.28 4.04 5.77
C GLU A 80 0.70 2.70 6.36
N ILE A 81 0.27 2.43 7.59
CA ILE A 81 0.59 1.19 8.26
C ILE A 81 -0.66 0.35 8.52
N ILE A 82 -0.57 -0.94 8.23
CA ILE A 82 -1.70 -1.83 8.43
C ILE A 82 -1.68 -2.44 9.83
N ASN A 83 -2.81 -2.31 10.53
CA ASN A 83 -2.93 -2.83 11.88
C ASN A 83 -2.93 -4.36 11.88
N THR A 84 -2.41 -4.96 12.95
CA THR A 84 -2.36 -6.41 13.07
C THR A 84 -3.72 -7.04 12.81
N ILE A 85 -4.76 -6.40 13.33
CA ILE A 85 -6.13 -6.90 13.16
C ILE A 85 -6.55 -6.83 11.71
N ASP A 86 -6.51 -5.62 11.14
CA ASP A 86 -6.90 -5.42 9.74
C ASP A 86 -6.11 -6.35 8.82
N TYR A 87 -4.84 -6.55 9.14
CA TYR A 87 -3.98 -7.41 8.34
C TYR A 87 -4.42 -8.87 8.44
N GLY A 88 -4.40 -9.40 9.66
CA GLY A 88 -4.79 -10.78 9.88
C GLY A 88 -6.20 -11.06 9.37
N THR A 89 -7.03 -10.03 9.33
CA THR A 89 -8.40 -10.17 8.85
C THR A 89 -8.49 -10.02 7.35
N MET A 90 -7.53 -9.32 6.77
CA MET A 90 -7.50 -9.10 5.33
C MET A 90 -8.72 -8.31 4.86
N ASN A 91 -8.87 -7.10 5.39
CA ASN A 91 -10.00 -6.25 5.03
C ASN A 91 -9.67 -5.39 3.81
N GLY A 92 -9.95 -5.91 2.63
CA GLY A 92 -9.68 -5.18 1.40
C GLY A 92 -10.27 -3.79 1.42
N GLU A 93 -11.54 -3.68 1.79
CA GLU A 93 -12.21 -2.40 1.85
C GLU A 93 -11.42 -1.40 2.68
N LYS A 94 -11.03 -1.81 3.89
CA LYS A 94 -10.26 -0.95 4.78
C LYS A 94 -8.91 -0.58 4.16
N VAL A 95 -8.31 -1.53 3.46
CA VAL A 95 -7.03 -1.30 2.81
C VAL A 95 -7.13 -0.20 1.76
N LEU A 96 -7.87 -0.47 0.70
CA LEU A 96 -8.05 0.51 -0.38
C LEU A 96 -8.55 1.83 0.17
N GLN A 97 -9.43 1.77 1.16
CA GLN A 97 -9.99 2.97 1.78
C GLN A 97 -8.89 3.82 2.40
N LEU A 98 -8.04 3.19 3.19
CA LEU A 98 -6.93 3.89 3.85
C LEU A 98 -5.99 4.50 2.82
N ALA A 99 -5.58 3.69 1.84
CA ALA A 99 -4.68 4.14 0.80
C ALA A 99 -5.22 5.41 0.13
N ILE A 100 -6.44 5.34 -0.39
CA ILE A 100 -7.06 6.47 -1.05
C ILE A 100 -7.16 7.68 -0.11
N ASN A 101 -7.50 7.41 1.15
CA ASN A 101 -7.62 8.47 2.13
C ASN A 101 -6.32 9.27 2.25
N ALA A 102 -5.22 8.56 2.47
CA ALA A 102 -3.92 9.20 2.58
C ALA A 102 -3.54 9.92 1.30
N PHE A 103 -3.83 9.29 0.17
CA PHE A 103 -3.50 9.87 -1.14
C PHE A 103 -4.12 11.26 -1.27
N ASN A 104 -5.45 11.32 -1.13
CA ASN A 104 -6.17 12.59 -1.24
C ASN A 104 -5.71 13.57 -0.16
N ASN A 105 -5.53 13.06 1.06
CA ASN A 105 -5.10 13.89 2.18
C ASN A 105 -3.79 14.59 1.85
N LYS A 106 -2.88 13.88 1.18
CA LYS A 106 -1.59 14.43 0.81
C LYS A 106 -0.88 15.04 2.03
N SER A 107 -0.41 14.17 2.91
CA SER A 107 0.28 14.61 4.12
C SER A 107 1.78 14.33 4.03
N SER A 108 2.57 15.06 4.81
CA SER A 108 4.02 14.89 4.81
C SER A 108 4.62 15.41 6.10
N VAL A 109 5.70 14.78 6.55
CA VAL A 109 6.38 15.18 7.77
C VAL A 109 5.44 15.08 8.97
N GLY A 1 -5.85 7.90 -21.53
CA GLY A 1 -6.86 7.42 -20.61
C GLY A 1 -7.31 8.49 -19.64
N PRO A 2 -8.39 8.20 -18.89
CA PRO A 2 -8.94 9.15 -17.91
C PRO A 2 -8.02 9.32 -16.71
N GLY A 3 -7.37 8.23 -16.30
CA GLY A 3 -6.48 8.29 -15.16
C GLY A 3 -6.70 7.15 -14.19
N SER A 4 -5.75 6.94 -13.29
CA SER A 4 -5.84 5.87 -12.30
C SER A 4 -4.76 6.02 -11.23
N MET A 5 -5.03 5.46 -10.05
CA MET A 5 -4.08 5.52 -8.95
C MET A 5 -3.29 4.23 -8.84
N ASN A 6 -2.12 4.30 -8.20
CA ASN A 6 -1.27 3.13 -8.02
C ASN A 6 -0.81 3.00 -6.57
N ILE A 7 -1.10 1.85 -5.97
CA ILE A 7 -0.72 1.61 -4.58
C ILE A 7 0.37 0.53 -4.49
N LEU A 8 1.29 0.70 -3.55
CA LEU A 8 2.36 -0.25 -3.36
C LEU A 8 2.29 -0.89 -1.97
N LEU A 9 2.60 -2.18 -1.90
CA LEU A 9 2.57 -2.91 -0.64
C LEU A 9 3.93 -3.51 -0.33
N VAL A 10 4.44 -3.25 0.88
CA VAL A 10 5.73 -3.78 1.30
C VAL A 10 5.56 -5.04 2.15
N CYS A 11 5.92 -6.18 1.57
CA CYS A 11 5.82 -7.45 2.28
C CYS A 11 6.38 -8.59 1.44
N GLY A 12 5.65 -8.95 0.38
CA GLY A 12 6.08 -10.02 -0.50
C GLY A 12 4.99 -11.05 -0.73
N ALA A 13 4.42 -11.04 -1.93
CA ALA A 13 3.36 -11.98 -2.27
C ALA A 13 3.94 -13.25 -2.88
N GLY A 14 5.08 -13.11 -3.57
CA GLY A 14 5.71 -14.25 -4.19
C GLY A 14 4.90 -14.80 -5.35
N MET A 15 4.77 -14.00 -6.40
CA MET A 15 4.02 -14.41 -7.59
C MET A 15 2.56 -14.67 -7.24
N SER A 16 1.74 -14.88 -8.26
CA SER A 16 0.31 -15.14 -8.06
C SER A 16 -0.33 -14.02 -7.26
N THR A 17 -1.57 -14.23 -6.85
CA THR A 17 -2.31 -13.24 -6.08
C THR A 17 -2.34 -13.59 -4.60
N SER A 18 -2.64 -12.61 -3.76
CA SER A 18 -2.69 -12.81 -2.32
C SER A 18 -4.07 -12.49 -1.77
N MET A 19 -4.28 -12.78 -0.50
CA MET A 19 -5.56 -12.52 0.15
C MET A 19 -5.94 -11.04 0.05
N LEU A 20 -5.06 -10.19 0.55
CA LEU A 20 -5.28 -8.75 0.51
C LEU A 20 -5.63 -8.28 -0.90
N VAL A 21 -4.74 -8.57 -1.85
CA VAL A 21 -4.94 -8.19 -3.24
C VAL A 21 -6.31 -8.65 -3.73
N GLN A 22 -6.70 -9.86 -3.34
CA GLN A 22 -7.98 -10.42 -3.75
C GLN A 22 -9.14 -9.56 -3.25
N ARG A 23 -9.15 -9.31 -1.95
CA ARG A 23 -10.19 -8.50 -1.34
C ARG A 23 -10.29 -7.13 -2.02
N ILE A 24 -9.20 -6.39 -2.01
CA ILE A 24 -9.16 -5.07 -2.63
C ILE A 24 -9.60 -5.13 -4.09
N GLU A 25 -9.01 -6.06 -4.84
CA GLU A 25 -9.34 -6.23 -6.26
C GLU A 25 -10.84 -6.42 -6.45
N LYS A 26 -11.45 -7.19 -5.53
CA LYS A 26 -12.88 -7.46 -5.59
C LYS A 26 -13.69 -6.18 -5.35
N TYR A 27 -13.54 -5.60 -4.16
CA TYR A 27 -14.25 -4.38 -3.81
C TYR A 27 -14.05 -3.31 -4.87
N ALA A 28 -12.81 -3.18 -5.35
CA ALA A 28 -12.48 -2.19 -6.36
C ALA A 28 -13.15 -2.52 -7.69
N LYS A 29 -13.04 -3.78 -8.10
CA LYS A 29 -13.62 -4.24 -9.35
C LYS A 29 -15.15 -4.05 -9.34
N SER A 30 -15.73 -4.09 -8.15
CA SER A 30 -17.17 -3.94 -7.99
C SER A 30 -17.56 -2.46 -7.99
N LYS A 31 -16.79 -1.66 -7.25
CA LYS A 31 -17.05 -0.23 -7.16
C LYS A 31 -16.65 0.47 -8.45
N ASN A 32 -15.86 -0.20 -9.28
CA ASN A 32 -15.41 0.37 -10.54
C ASN A 32 -14.55 1.60 -10.31
N ILE A 33 -13.42 1.40 -9.62
CA ILE A 33 -12.51 2.50 -9.34
C ILE A 33 -11.20 2.36 -10.12
N ASN A 34 -10.65 3.47 -10.56
CA ASN A 34 -9.41 3.47 -11.32
C ASN A 34 -8.20 3.47 -10.39
N ALA A 35 -7.84 2.29 -9.89
CA ALA A 35 -6.70 2.15 -9.00
C ALA A 35 -6.00 0.82 -9.21
N THR A 36 -4.78 0.70 -8.67
CA THR A 36 -4.01 -0.53 -8.80
C THR A 36 -3.25 -0.83 -7.51
N ILE A 37 -2.81 -2.08 -7.36
CA ILE A 37 -2.07 -2.49 -6.18
C ILE A 37 -1.05 -3.58 -6.53
N GLU A 38 0.05 -3.61 -5.78
CA GLU A 38 1.09 -4.60 -6.00
C GLU A 38 1.92 -4.82 -4.74
N ALA A 39 2.70 -5.90 -4.73
CA ALA A 39 3.54 -6.22 -3.58
C ALA A 39 4.95 -6.59 -4.03
N ILE A 40 5.94 -5.97 -3.39
CA ILE A 40 7.34 -6.23 -3.72
C ILE A 40 8.25 -5.99 -2.52
N ALA A 41 9.55 -6.17 -2.71
CA ALA A 41 10.52 -5.96 -1.65
C ALA A 41 10.88 -4.49 -1.50
N GLU A 42 11.80 -4.19 -0.59
CA GLU A 42 12.22 -2.81 -0.37
C GLU A 42 13.23 -2.37 -1.42
N THR A 43 14.01 -3.32 -1.91
CA THR A 43 15.02 -3.03 -2.93
C THR A 43 14.37 -2.45 -4.19
N ARG A 44 13.19 -2.95 -4.53
CA ARG A 44 12.48 -2.49 -5.71
C ARG A 44 11.48 -1.39 -5.34
N LEU A 45 11.14 -1.32 -4.06
CA LEU A 45 10.19 -0.32 -3.59
C LEU A 45 10.60 1.08 -4.04
N SER A 46 11.85 1.46 -3.74
CA SER A 46 12.36 2.77 -4.12
C SER A 46 12.52 2.87 -5.64
N GLU A 47 12.43 1.73 -6.31
CA GLU A 47 12.57 1.69 -7.77
C GLU A 47 11.20 1.81 -8.44
N VAL A 48 10.15 1.50 -7.70
CA VAL A 48 8.79 1.57 -8.23
C VAL A 48 8.10 2.86 -7.81
N VAL A 49 8.50 3.39 -6.65
CA VAL A 49 7.93 4.63 -6.15
C VAL A 49 7.96 5.73 -7.20
N ASP A 50 8.96 5.67 -8.07
CA ASP A 50 9.09 6.67 -9.14
C ASP A 50 7.82 6.76 -9.96
N ARG A 51 7.05 5.68 -10.00
CA ARG A 51 5.81 5.63 -10.76
C ARG A 51 4.60 5.60 -9.82
N PHE A 52 4.72 4.81 -8.76
CA PHE A 52 3.64 4.68 -7.78
C PHE A 52 3.27 6.03 -7.20
N ASP A 53 2.29 6.04 -6.30
CA ASP A 53 1.83 7.27 -5.67
C ASP A 53 1.66 7.08 -4.17
N VAL A 54 1.11 5.93 -3.78
CA VAL A 54 0.88 5.63 -2.37
C VAL A 54 1.62 4.35 -1.96
N VAL A 55 2.12 4.33 -0.74
CA VAL A 55 2.84 3.17 -0.22
C VAL A 55 2.20 2.65 1.06
N LEU A 56 2.34 1.34 1.29
CA LEU A 56 1.77 0.71 2.48
C LEU A 56 2.73 -0.31 3.07
N LEU A 57 2.74 -0.41 4.39
CA LEU A 57 3.61 -1.35 5.08
C LEU A 57 2.82 -2.49 5.70
N ALA A 58 3.45 -3.65 5.83
CA ALA A 58 2.80 -4.81 6.41
C ALA A 58 3.20 -5.00 7.87
N PRO A 59 2.38 -5.75 8.62
CA PRO A 59 2.64 -6.02 10.04
C PRO A 59 3.83 -6.93 10.26
N GLN A 60 4.17 -7.17 11.53
CA GLN A 60 5.30 -8.03 11.86
C GLN A 60 6.60 -7.47 11.29
N SER A 61 7.13 -6.43 11.94
CA SER A 61 8.36 -5.81 11.48
C SER A 61 9.08 -5.12 12.64
N ARG A 62 10.28 -5.61 12.95
CA ARG A 62 11.06 -5.05 14.04
C ARG A 62 11.97 -3.93 13.53
N PHE A 63 12.76 -4.23 12.51
CA PHE A 63 13.68 -3.25 11.94
C PHE A 63 13.06 -2.59 10.71
N ASN A 64 12.35 -3.38 9.91
CA ASN A 64 11.71 -2.87 8.71
C ASN A 64 10.84 -1.65 9.02
N LYS A 65 10.11 -1.72 10.13
CA LYS A 65 9.24 -0.63 10.55
C LYS A 65 10.04 0.66 10.73
N LYS A 66 11.05 0.61 11.59
CA LYS A 66 11.89 1.78 11.86
C LYS A 66 12.50 2.30 10.55
N ARG A 67 12.87 1.39 9.66
CA ARG A 67 13.46 1.76 8.39
C ARG A 67 12.46 2.50 7.51
N LEU A 68 11.34 1.84 7.23
CA LEU A 68 10.30 2.44 6.39
C LEU A 68 9.91 3.83 6.91
N GLU A 69 9.82 3.95 8.24
CA GLU A 69 9.47 5.23 8.85
C GLU A 69 10.61 6.23 8.74
N GLU A 70 11.83 5.76 9.00
CA GLU A 70 13.01 6.61 8.92
C GLU A 70 13.28 7.05 7.49
N ILE A 71 12.70 6.33 6.53
CA ILE A 71 12.88 6.65 5.12
C ILE A 71 11.71 7.48 4.60
N THR A 72 10.50 7.14 5.03
CA THR A 72 9.31 7.85 4.60
C THR A 72 9.29 9.27 5.17
N LYS A 73 9.78 9.41 6.40
CA LYS A 73 9.81 10.71 7.07
C LYS A 73 10.49 11.75 6.18
N PRO A 74 11.76 11.51 5.85
CA PRO A 74 12.54 12.42 4.99
C PRO A 74 12.05 12.42 3.55
N LYS A 75 11.65 11.26 3.07
CA LYS A 75 11.16 11.11 1.69
C LYS A 75 9.87 11.90 1.50
N GLY A 76 9.15 12.14 2.59
CA GLY A 76 7.90 12.88 2.51
C GLY A 76 6.91 12.26 1.54
N ILE A 77 6.55 11.01 1.78
CA ILE A 77 5.61 10.30 0.92
C ILE A 77 4.46 9.70 1.73
N PRO A 78 3.32 9.51 1.07
CA PRO A 78 2.12 8.94 1.71
C PRO A 78 2.29 7.46 2.04
N ILE A 79 2.54 7.17 3.31
CA ILE A 79 2.72 5.80 3.76
C ILE A 79 1.66 5.41 4.79
N GLU A 80 1.06 4.24 4.60
CA GLU A 80 0.03 3.75 5.51
C GLU A 80 0.40 2.38 6.06
N ILE A 81 0.43 2.26 7.39
CA ILE A 81 0.77 1.01 8.04
C ILE A 81 -0.48 0.28 8.50
N ILE A 82 -0.59 -0.99 8.13
CA ILE A 82 -1.74 -1.81 8.50
C ILE A 82 -1.55 -2.42 9.89
N ASN A 83 -2.66 -2.63 10.60
CA ASN A 83 -2.61 -3.21 11.93
C ASN A 83 -2.59 -4.73 11.87
N THR A 84 -2.24 -5.37 13.00
CA THR A 84 -2.18 -6.82 13.06
C THR A 84 -3.55 -7.44 12.82
N ILE A 85 -4.59 -6.84 13.40
CA ILE A 85 -5.95 -7.34 13.25
C ILE A 85 -6.46 -7.08 11.84
N ASP A 86 -6.39 -5.81 11.41
CA ASP A 86 -6.85 -5.43 10.08
C ASP A 86 -6.22 -6.33 9.01
N TYR A 87 -4.92 -6.54 9.13
CA TYR A 87 -4.21 -7.37 8.17
C TYR A 87 -4.62 -8.84 8.28
N GLY A 88 -4.53 -9.38 9.49
CA GLY A 88 -4.91 -10.76 9.72
C GLY A 88 -6.31 -11.07 9.23
N THR A 89 -7.17 -10.06 9.23
CA THR A 89 -8.55 -10.22 8.79
C THR A 89 -8.66 -10.04 7.28
N MET A 90 -7.71 -9.31 6.70
CA MET A 90 -7.71 -9.07 5.26
C MET A 90 -8.94 -8.27 4.84
N ASN A 91 -9.06 -7.06 5.36
CA ASN A 91 -10.19 -6.19 5.04
C ASN A 91 -9.88 -5.33 3.82
N GLY A 92 -10.26 -5.81 2.64
CA GLY A 92 -10.02 -5.06 1.42
C GLY A 92 -10.53 -3.64 1.49
N GLU A 93 -11.77 -3.48 1.97
CA GLU A 93 -12.37 -2.16 2.08
C GLU A 93 -11.48 -1.23 2.90
N LYS A 94 -11.05 -1.69 4.05
CA LYS A 94 -10.19 -0.90 4.93
C LYS A 94 -8.87 -0.58 4.24
N VAL A 95 -8.35 -1.53 3.47
CA VAL A 95 -7.10 -1.36 2.75
C VAL A 95 -7.21 -0.23 1.74
N LEU A 96 -8.01 -0.45 0.70
CA LEU A 96 -8.20 0.55 -0.35
C LEU A 96 -8.57 1.90 0.24
N GLN A 97 -9.45 1.87 1.25
CA GLN A 97 -9.89 3.10 1.90
C GLN A 97 -8.72 3.82 2.55
N LEU A 98 -7.85 3.06 3.20
CA LEU A 98 -6.67 3.65 3.85
C LEU A 98 -5.74 4.29 2.84
N ALA A 99 -5.44 3.56 1.77
CA ALA A 99 -4.56 4.07 0.73
C ALA A 99 -5.10 5.37 0.14
N ILE A 100 -6.33 5.33 -0.36
CA ILE A 100 -6.95 6.51 -0.95
C ILE A 100 -6.98 7.67 0.03
N ASN A 101 -7.44 7.40 1.25
CA ASN A 101 -7.52 8.42 2.29
C ASN A 101 -6.15 9.08 2.49
N ALA A 102 -5.11 8.27 2.61
CA ALA A 102 -3.76 8.79 2.80
C ALA A 102 -3.34 9.67 1.64
N PHE A 103 -3.63 9.22 0.43
CA PHE A 103 -3.27 9.98 -0.77
C PHE A 103 -3.90 11.37 -0.74
N ASN A 104 -5.21 11.42 -0.58
CA ASN A 104 -5.94 12.68 -0.53
C ASN A 104 -5.44 13.55 0.62
N ASN A 105 -5.44 12.99 1.82
CA ASN A 105 -4.98 13.71 3.01
C ASN A 105 -3.58 14.29 2.79
N LYS A 106 -2.76 13.55 2.05
CA LYS A 106 -1.40 13.98 1.76
C LYS A 106 -1.04 13.73 0.31
N SER A 107 -1.19 14.75 -0.53
CA SER A 107 -0.89 14.64 -1.95
C SER A 107 0.33 15.47 -2.32
N SER A 108 1.27 15.58 -1.38
CA SER A 108 2.50 16.35 -1.60
C SER A 108 2.16 17.79 -1.96
N VAL A 109 1.21 18.38 -1.23
CA VAL A 109 0.80 19.75 -1.47
C VAL A 109 1.91 20.73 -1.11
N GLY A 1 -4.13 8.03 -20.89
CA GLY A 1 -5.47 7.83 -20.35
C GLY A 1 -5.93 8.98 -19.48
N PRO A 2 -7.11 8.84 -18.87
CA PRO A 2 -7.68 9.88 -18.00
C PRO A 2 -6.91 10.04 -16.70
N GLY A 3 -6.43 8.92 -16.16
CA GLY A 3 -5.68 8.96 -14.92
C GLY A 3 -6.19 7.95 -13.90
N SER A 4 -5.32 7.56 -12.98
CA SER A 4 -5.70 6.59 -11.95
C SER A 4 -4.67 6.59 -10.81
N MET A 5 -5.09 6.09 -9.65
CA MET A 5 -4.21 6.03 -8.49
C MET A 5 -3.43 4.72 -8.46
N ASN A 6 -2.18 4.79 -8.02
CA ASN A 6 -1.33 3.60 -7.94
C ASN A 6 -0.88 3.35 -6.51
N ILE A 7 -1.43 2.31 -5.89
CA ILE A 7 -1.09 1.97 -4.52
C ILE A 7 -0.07 0.83 -4.49
N LEU A 8 0.81 0.87 -3.49
CA LEU A 8 1.85 -0.16 -3.35
C LEU A 8 1.67 -0.91 -2.03
N LEU A 9 2.08 -2.17 -2.03
CA LEU A 9 1.97 -3.01 -0.83
C LEU A 9 3.31 -3.66 -0.51
N VAL A 10 3.82 -3.40 0.70
CA VAL A 10 5.09 -3.97 1.13
C VAL A 10 4.89 -4.88 2.34
N CYS A 11 5.29 -6.13 2.19
CA CYS A 11 5.16 -7.11 3.27
C CYS A 11 6.44 -7.93 3.42
N GLY A 12 7.56 -7.35 3.01
CA GLY A 12 8.83 -8.03 3.10
C GLY A 12 8.83 -9.37 2.40
N ALA A 13 9.22 -9.38 1.13
CA ALA A 13 9.26 -10.60 0.34
C ALA A 13 7.86 -11.18 0.16
N GLY A 14 7.75 -12.21 -0.68
CA GLY A 14 6.47 -12.83 -0.92
C GLY A 14 6.58 -14.09 -1.75
N MET A 15 5.50 -14.43 -2.46
CA MET A 15 5.49 -15.62 -3.30
C MET A 15 4.24 -15.65 -4.17
N SER A 16 3.90 -14.51 -4.75
CA SER A 16 2.73 -14.40 -5.60
C SER A 16 1.45 -14.74 -4.82
N THR A 17 0.30 -14.51 -5.46
CA THR A 17 -0.98 -14.79 -4.82
C THR A 17 -1.09 -14.10 -3.46
N SER A 18 -1.62 -12.88 -3.47
CA SER A 18 -1.77 -12.12 -2.23
C SER A 18 -3.25 -11.94 -1.89
N MET A 19 -3.66 -12.50 -0.77
CA MET A 19 -5.05 -12.39 -0.32
C MET A 19 -5.51 -10.94 -0.31
N LEU A 20 -4.72 -10.08 0.33
CA LEU A 20 -5.05 -8.66 0.41
C LEU A 20 -5.33 -8.08 -0.97
N VAL A 21 -4.37 -8.22 -1.87
CA VAL A 21 -4.52 -7.72 -3.23
C VAL A 21 -5.81 -8.22 -3.87
N GLN A 22 -6.09 -9.50 -3.70
CA GLN A 22 -7.29 -10.10 -4.25
C GLN A 22 -8.54 -9.37 -3.77
N ARG A 23 -8.66 -9.23 -2.45
CA ARG A 23 -9.81 -8.55 -1.86
C ARG A 23 -9.96 -7.14 -2.43
N ILE A 24 -8.90 -6.36 -2.32
CA ILE A 24 -8.92 -4.99 -2.83
C ILE A 24 -9.33 -4.94 -4.29
N GLU A 25 -8.77 -5.86 -5.08
CA GLU A 25 -9.07 -5.93 -6.51
C GLU A 25 -10.56 -6.20 -6.73
N LYS A 26 -11.13 -7.06 -5.89
CA LYS A 26 -12.55 -7.40 -6.00
C LYS A 26 -13.42 -6.20 -5.70
N TYR A 27 -13.27 -5.64 -4.51
CA TYR A 27 -14.04 -4.47 -4.09
C TYR A 27 -13.94 -3.36 -5.13
N ALA A 28 -12.72 -3.09 -5.58
CA ALA A 28 -12.48 -2.05 -6.57
C ALA A 28 -13.13 -2.40 -7.90
N LYS A 29 -12.87 -3.62 -8.39
CA LYS A 29 -13.44 -4.08 -9.65
C LYS A 29 -14.97 -4.03 -9.62
N SER A 30 -15.53 -4.15 -8.42
CA SER A 30 -16.98 -4.13 -8.25
C SER A 30 -17.48 -2.69 -8.14
N LYS A 31 -16.76 -1.88 -7.39
CA LYS A 31 -17.14 -0.48 -7.19
C LYS A 31 -16.87 0.34 -8.45
N ASN A 32 -16.07 -0.23 -9.35
CA ASN A 32 -15.74 0.45 -10.61
C ASN A 32 -14.95 1.73 -10.34
N ILE A 33 -13.78 1.58 -9.74
CA ILE A 33 -12.94 2.73 -9.42
C ILE A 33 -11.64 2.69 -10.23
N ASN A 34 -11.19 3.86 -10.67
CA ASN A 34 -9.96 3.95 -11.45
C ASN A 34 -8.73 3.94 -10.54
N ALA A 35 -8.32 2.75 -10.13
CA ALA A 35 -7.16 2.59 -9.26
C ALA A 35 -6.48 1.25 -9.49
N THR A 36 -5.25 1.11 -8.97
CA THR A 36 -4.50 -0.12 -9.12
C THR A 36 -3.57 -0.35 -7.93
N ILE A 37 -3.47 -1.59 -7.48
CA ILE A 37 -2.63 -1.94 -6.35
C ILE A 37 -1.75 -3.15 -6.67
N GLU A 38 -0.58 -3.20 -6.06
CA GLU A 38 0.35 -4.31 -6.27
C GLU A 38 1.25 -4.51 -5.05
N ALA A 39 1.63 -5.76 -4.80
CA ALA A 39 2.49 -6.09 -3.67
C ALA A 39 3.81 -6.68 -4.15
N ILE A 40 4.91 -6.24 -3.54
CA ILE A 40 6.23 -6.73 -3.89
C ILE A 40 7.13 -6.82 -2.67
N ALA A 41 8.38 -7.24 -2.88
CA ALA A 41 9.34 -7.36 -1.80
C ALA A 41 9.93 -6.01 -1.42
N GLU A 42 10.89 -6.03 -0.51
CA GLU A 42 11.54 -4.80 -0.06
C GLU A 42 12.79 -4.51 -0.91
N THR A 43 13.04 -5.37 -1.89
CA THR A 43 14.19 -5.21 -2.77
C THR A 43 13.88 -4.22 -3.89
N ARG A 44 12.74 -4.41 -4.54
CA ARG A 44 12.34 -3.54 -5.65
C ARG A 44 11.36 -2.48 -5.16
N LEU A 45 11.31 -2.28 -3.85
CA LEU A 45 10.41 -1.29 -3.27
C LEU A 45 10.86 0.13 -3.61
N SER A 46 12.18 0.34 -3.65
CA SER A 46 12.74 1.65 -3.96
C SER A 46 12.65 1.92 -5.46
N GLU A 47 12.57 0.86 -6.25
CA GLU A 47 12.49 0.99 -7.71
C GLU A 47 11.04 1.18 -8.15
N VAL A 48 10.11 0.70 -7.34
CA VAL A 48 8.69 0.82 -7.65
C VAL A 48 8.09 2.07 -7.02
N VAL A 49 8.62 2.45 -5.87
CA VAL A 49 8.14 3.64 -5.16
C VAL A 49 8.36 4.89 -5.99
N ASP A 50 9.35 4.85 -6.87
CA ASP A 50 9.66 5.98 -7.73
C ASP A 50 8.50 6.28 -8.69
N ARG A 51 7.72 5.25 -8.99
CA ARG A 51 6.58 5.39 -9.90
C ARG A 51 5.27 5.40 -9.13
N PHE A 52 5.14 4.47 -8.18
CA PHE A 52 3.93 4.36 -7.37
C PHE A 52 3.60 5.70 -6.72
N ASP A 53 2.41 5.79 -6.13
CA ASP A 53 1.98 7.00 -5.46
C ASP A 53 1.93 6.81 -3.94
N VAL A 54 1.18 5.80 -3.50
CA VAL A 54 1.04 5.51 -2.08
C VAL A 54 1.78 4.22 -1.72
N VAL A 55 2.35 4.19 -0.52
CA VAL A 55 3.08 3.02 -0.06
C VAL A 55 2.47 2.47 1.24
N LEU A 56 2.49 1.15 1.38
CA LEU A 56 1.94 0.51 2.58
C LEU A 56 2.93 -0.50 3.16
N LEU A 57 2.97 -0.58 4.48
CA LEU A 57 3.86 -1.51 5.15
C LEU A 57 3.09 -2.47 6.04
N ALA A 58 3.26 -3.77 5.80
CA ALA A 58 2.57 -4.80 6.59
C ALA A 58 3.29 -5.04 7.91
N PRO A 59 2.56 -5.64 8.87
CA PRO A 59 3.11 -5.95 10.19
C PRO A 59 4.15 -7.06 10.14
N GLN A 60 5.36 -6.72 9.73
CA GLN A 60 6.44 -7.70 9.64
C GLN A 60 7.77 -7.01 9.31
N SER A 61 8.42 -6.50 10.34
CA SER A 61 9.71 -5.81 10.16
C SER A 61 10.25 -5.32 11.50
N ARG A 62 11.47 -5.72 11.82
CA ARG A 62 12.10 -5.34 13.07
C ARG A 62 12.80 -3.98 12.92
N PHE A 63 13.52 -3.81 11.81
CA PHE A 63 14.24 -2.57 11.56
C PHE A 63 13.69 -1.88 10.32
N ASN A 64 13.10 -2.66 9.42
CA ASN A 64 12.53 -2.13 8.18
C ASN A 64 11.58 -0.97 8.48
N LYS A 65 10.73 -1.15 9.48
CA LYS A 65 9.78 -0.13 9.87
C LYS A 65 10.49 1.15 10.31
N LYS A 66 11.54 0.98 11.11
CA LYS A 66 12.31 2.12 11.60
C LYS A 66 12.89 2.92 10.44
N ARG A 67 13.51 2.22 9.49
CA ARG A 67 14.12 2.86 8.34
C ARG A 67 13.06 3.49 7.44
N LEU A 68 12.03 2.71 7.11
CA LEU A 68 10.95 3.19 6.26
C LEU A 68 10.37 4.49 6.79
N GLU A 69 10.16 4.54 8.10
CA GLU A 69 9.62 5.74 8.74
C GLU A 69 10.63 6.88 8.73
N GLU A 70 11.89 6.55 9.02
CA GLU A 70 12.95 7.54 9.04
C GLU A 70 13.21 8.10 7.65
N ILE A 71 12.79 7.34 6.64
CA ILE A 71 12.98 7.75 5.25
C ILE A 71 11.74 8.48 4.72
N THR A 72 10.56 7.98 5.08
CA THR A 72 9.31 8.57 4.65
C THR A 72 9.11 9.95 5.28
N LYS A 73 9.55 10.10 6.51
CA LYS A 73 9.43 11.37 7.23
C LYS A 73 9.98 12.52 6.38
N PRO A 74 11.28 12.45 6.07
CA PRO A 74 11.95 13.48 5.26
C PRO A 74 11.48 13.47 3.81
N LYS A 75 11.24 12.29 3.28
CA LYS A 75 10.78 12.14 1.90
C LYS A 75 9.41 12.78 1.71
N GLY A 76 8.66 12.88 2.80
CA GLY A 76 7.33 13.46 2.72
C GLY A 76 6.44 12.76 1.73
N ILE A 77 6.26 11.45 1.91
CA ILE A 77 5.42 10.66 1.02
C ILE A 77 4.32 9.95 1.79
N PRO A 78 3.21 9.65 1.10
CA PRO A 78 2.06 8.97 1.70
C PRO A 78 2.36 7.51 2.04
N ILE A 79 2.60 7.25 3.33
CA ILE A 79 2.89 5.89 3.78
C ILE A 79 1.93 5.46 4.88
N GLU A 80 1.29 4.31 4.66
CA GLU A 80 0.33 3.77 5.63
C GLU A 80 0.81 2.44 6.19
N ILE A 81 0.30 2.07 7.36
CA ILE A 81 0.67 0.82 8.00
C ILE A 81 -0.56 0.08 8.52
N ILE A 82 -0.74 -1.15 8.06
CA ILE A 82 -1.88 -1.95 8.48
C ILE A 82 -1.63 -2.55 9.87
N ASN A 83 -2.71 -2.65 10.65
CA ASN A 83 -2.61 -3.21 12.00
C ASN A 83 -2.67 -4.73 11.96
N THR A 84 -2.16 -5.36 13.02
CA THR A 84 -2.17 -6.81 13.11
C THR A 84 -3.55 -7.38 12.86
N ILE A 85 -4.57 -6.65 13.30
CA ILE A 85 -5.96 -7.09 13.11
C ILE A 85 -6.37 -6.99 11.65
N ASP A 86 -6.39 -5.76 11.14
CA ASP A 86 -6.78 -5.53 9.75
C ASP A 86 -5.97 -6.42 8.80
N TYR A 87 -4.75 -6.74 9.20
CA TYR A 87 -3.87 -7.57 8.39
C TYR A 87 -4.26 -9.05 8.51
N GLY A 88 -4.54 -9.49 9.74
CA GLY A 88 -4.92 -10.86 9.95
C GLY A 88 -6.27 -11.20 9.35
N THR A 89 -7.22 -10.28 9.48
CA THR A 89 -8.56 -10.48 8.94
C THR A 89 -8.58 -10.26 7.43
N MET A 90 -7.64 -9.48 6.93
CA MET A 90 -7.55 -9.20 5.51
C MET A 90 -8.81 -8.50 5.01
N ASN A 91 -8.91 -7.20 5.26
CA ASN A 91 -10.07 -6.43 4.84
C ASN A 91 -9.73 -5.54 3.64
N GLY A 92 -10.04 -6.02 2.45
CA GLY A 92 -9.75 -5.24 1.25
C GLY A 92 -10.30 -3.84 1.32
N GLU A 93 -11.56 -3.72 1.71
CA GLU A 93 -12.21 -2.42 1.82
C GLU A 93 -11.40 -1.47 2.69
N LYS A 94 -10.98 -1.96 3.85
CA LYS A 94 -10.20 -1.16 4.78
C LYS A 94 -8.85 -0.77 4.17
N VAL A 95 -8.26 -1.71 3.42
CA VAL A 95 -6.98 -1.46 2.77
C VAL A 95 -7.08 -0.32 1.77
N LEU A 96 -7.86 -0.53 0.71
CA LEU A 96 -8.05 0.48 -0.33
C LEU A 96 -8.50 1.80 0.28
N GLN A 97 -9.39 1.72 1.27
CA GLN A 97 -9.91 2.91 1.93
C GLN A 97 -8.78 3.70 2.60
N LEU A 98 -7.90 2.99 3.29
CA LEU A 98 -6.77 3.62 3.97
C LEU A 98 -5.83 4.29 2.97
N ALA A 99 -5.43 3.52 1.96
CA ALA A 99 -4.53 4.03 0.93
C ALA A 99 -5.07 5.33 0.32
N ILE A 100 -6.29 5.27 -0.19
CA ILE A 100 -6.92 6.44 -0.80
C ILE A 100 -6.98 7.60 0.18
N ASN A 101 -7.43 7.33 1.40
CA ASN A 101 -7.53 8.35 2.43
C ASN A 101 -6.21 9.08 2.61
N ALA A 102 -5.12 8.31 2.62
CA ALA A 102 -3.79 8.88 2.78
C ALA A 102 -3.40 9.73 1.58
N PHE A 103 -3.68 9.22 0.38
CA PHE A 103 -3.36 9.93 -0.84
C PHE A 103 -3.99 11.32 -0.85
N ASN A 104 -5.29 11.36 -0.53
CA ASN A 104 -6.02 12.62 -0.51
C ASN A 104 -5.53 13.51 0.63
N ASN A 105 -5.48 12.94 1.83
CA ASN A 105 -5.02 13.69 3.01
C ASN A 105 -3.67 14.33 2.76
N LYS A 106 -2.75 13.56 2.18
CA LYS A 106 -1.42 14.05 1.88
C LYS A 106 -1.40 14.78 0.54
N SER A 107 -0.21 15.27 0.16
CA SER A 107 -0.05 16.00 -1.10
C SER A 107 -0.96 17.22 -1.14
N SER A 108 -1.17 17.83 0.03
CA SER A 108 -2.03 19.00 0.12
C SER A 108 -1.48 19.98 1.17
N VAL A 109 -0.18 20.23 1.10
CA VAL A 109 0.47 21.14 2.04
C VAL A 109 0.33 20.66 3.47
N GLY A 1 -8.18 6.66 -19.57
CA GLY A 1 -6.80 6.27 -19.34
C GLY A 1 -6.17 7.02 -18.19
N PRO A 2 -5.90 8.32 -18.39
CA PRO A 2 -5.30 9.18 -17.37
C PRO A 2 -6.24 9.45 -16.20
N GLY A 3 -5.66 9.68 -15.03
CA GLY A 3 -6.46 9.94 -13.85
C GLY A 3 -6.60 8.72 -12.95
N SER A 4 -5.51 7.98 -12.81
CA SER A 4 -5.51 6.78 -11.97
C SER A 4 -4.46 6.89 -10.87
N MET A 5 -4.65 6.11 -9.80
CA MET A 5 -3.72 6.12 -8.68
C MET A 5 -3.02 4.77 -8.55
N ASN A 6 -1.70 4.80 -8.43
CA ASN A 6 -0.91 3.58 -8.28
C ASN A 6 -0.50 3.36 -6.84
N ILE A 7 -1.15 2.40 -6.19
CA ILE A 7 -0.84 2.09 -4.80
C ILE A 7 0.24 1.01 -4.70
N LEU A 8 1.04 1.07 -3.64
CA LEU A 8 2.11 0.10 -3.43
C LEU A 8 1.92 -0.63 -2.10
N LEU A 9 2.13 -1.94 -2.12
CA LEU A 9 1.99 -2.76 -0.92
C LEU A 9 3.27 -3.51 -0.62
N VAL A 10 3.76 -3.40 0.61
CA VAL A 10 4.99 -4.07 1.03
C VAL A 10 4.67 -5.24 1.95
N CYS A 11 4.77 -6.45 1.42
CA CYS A 11 4.50 -7.65 2.19
C CYS A 11 4.90 -8.90 1.40
N GLY A 12 6.09 -9.44 1.71
CA GLY A 12 6.55 -10.63 1.01
C GLY A 12 5.71 -11.85 1.32
N ALA A 13 4.72 -12.09 0.48
CA ALA A 13 3.82 -13.24 0.66
C ALA A 13 4.42 -14.50 0.04
N GLY A 14 5.23 -14.31 -0.99
CA GLY A 14 5.85 -15.44 -1.67
C GLY A 14 4.83 -16.40 -2.26
N MET A 15 3.65 -15.87 -2.58
CA MET A 15 2.59 -16.69 -3.15
C MET A 15 2.10 -16.11 -4.48
N SER A 16 1.45 -16.94 -5.28
CA SER A 16 0.94 -16.50 -6.58
C SER A 16 -0.17 -15.47 -6.41
N THR A 17 -0.93 -15.60 -5.33
CA THR A 17 -2.02 -14.67 -5.05
C THR A 17 -2.03 -14.26 -3.58
N SER A 18 -2.10 -12.96 -3.34
CA SER A 18 -2.12 -12.43 -1.98
C SER A 18 -3.55 -12.15 -1.53
N MET A 19 -3.85 -12.55 -0.29
CA MET A 19 -5.18 -12.34 0.27
C MET A 19 -5.57 -10.87 0.21
N LEU A 20 -4.73 -10.02 0.78
CA LEU A 20 -5.00 -8.59 0.80
C LEU A 20 -5.28 -8.07 -0.61
N VAL A 21 -4.33 -8.28 -1.52
CA VAL A 21 -4.48 -7.83 -2.90
C VAL A 21 -5.75 -8.40 -3.52
N GLN A 22 -6.09 -9.63 -3.14
CA GLN A 22 -7.29 -10.28 -3.66
C GLN A 22 -8.55 -9.49 -3.29
N ARG A 23 -8.80 -9.38 -1.99
CA ARG A 23 -9.96 -8.65 -1.50
C ARG A 23 -10.01 -7.24 -2.09
N ILE A 24 -8.91 -6.51 -1.96
CA ILE A 24 -8.83 -5.15 -2.47
C ILE A 24 -9.19 -5.10 -3.95
N GLU A 25 -8.61 -6.01 -4.72
CA GLU A 25 -8.87 -6.08 -6.16
C GLU A 25 -10.35 -6.30 -6.43
N LYS A 26 -10.98 -7.16 -5.63
CA LYS A 26 -12.39 -7.46 -5.79
C LYS A 26 -13.24 -6.24 -5.49
N TYR A 27 -13.07 -5.67 -4.30
CA TYR A 27 -13.83 -4.50 -3.89
C TYR A 27 -13.73 -3.39 -4.95
N ALA A 28 -12.51 -3.10 -5.39
CA ALA A 28 -12.29 -2.08 -6.40
C ALA A 28 -12.91 -2.47 -7.73
N LYS A 29 -12.57 -3.67 -8.21
CA LYS A 29 -13.08 -4.16 -9.48
C LYS A 29 -14.61 -4.17 -9.47
N SER A 30 -15.19 -4.25 -8.28
CA SER A 30 -16.64 -4.27 -8.14
C SER A 30 -17.19 -2.84 -8.05
N LYS A 31 -16.51 -2.00 -7.30
CA LYS A 31 -16.92 -0.62 -7.12
C LYS A 31 -16.63 0.20 -8.38
N ASN A 32 -15.85 -0.38 -9.29
CA ASN A 32 -15.50 0.30 -10.53
C ASN A 32 -14.76 1.60 -10.26
N ILE A 33 -13.59 1.49 -9.64
CA ILE A 33 -12.78 2.67 -9.32
C ILE A 33 -11.47 2.67 -10.11
N ASN A 34 -11.03 3.85 -10.51
CA ASN A 34 -9.79 3.99 -11.27
C ASN A 34 -8.59 3.99 -10.35
N ALA A 35 -8.14 2.80 -9.95
CA ALA A 35 -7.00 2.67 -9.06
C ALA A 35 -6.28 1.35 -9.29
N THR A 36 -4.99 1.31 -8.97
CA THR A 36 -4.18 0.11 -9.15
C THR A 36 -3.47 -0.27 -7.86
N ILE A 37 -3.06 -1.53 -7.76
CA ILE A 37 -2.36 -2.01 -6.58
C ILE A 37 -1.34 -3.10 -6.95
N GLU A 38 -0.13 -2.96 -6.42
CA GLU A 38 0.94 -3.92 -6.69
C GLU A 38 1.72 -4.23 -5.42
N ALA A 39 2.06 -5.50 -5.23
CA ALA A 39 2.81 -5.93 -4.07
C ALA A 39 4.21 -6.39 -4.46
N ILE A 40 5.21 -6.00 -3.67
CA ILE A 40 6.59 -6.38 -3.93
C ILE A 40 7.40 -6.41 -2.65
N ALA A 41 8.69 -6.72 -2.78
CA ALA A 41 9.58 -6.78 -1.62
C ALA A 41 10.12 -5.40 -1.28
N GLU A 42 10.97 -5.34 -0.26
CA GLU A 42 11.55 -4.08 0.17
C GLU A 42 12.74 -3.69 -0.71
N THR A 43 13.36 -4.69 -1.31
CA THR A 43 14.51 -4.46 -2.19
C THR A 43 14.15 -3.53 -3.34
N ARG A 44 13.03 -3.82 -3.99
CA ARG A 44 12.57 -3.00 -5.12
C ARG A 44 11.48 -2.05 -4.68
N LEU A 45 11.37 -1.84 -3.38
CA LEU A 45 10.35 -0.94 -2.82
C LEU A 45 10.79 0.52 -2.94
N SER A 46 12.04 0.79 -2.55
CA SER A 46 12.57 2.14 -2.61
C SER A 46 12.91 2.53 -4.04
N GLU A 47 13.00 1.53 -4.92
CA GLU A 47 13.32 1.77 -6.32
C GLU A 47 12.05 2.08 -7.11
N VAL A 48 10.91 1.61 -6.61
CA VAL A 48 9.63 1.84 -7.27
C VAL A 48 8.84 2.94 -6.57
N VAL A 49 9.15 3.17 -5.30
CA VAL A 49 8.48 4.20 -4.52
C VAL A 49 8.48 5.54 -5.26
N ASP A 50 9.52 5.76 -6.05
CA ASP A 50 9.65 7.00 -6.81
C ASP A 50 8.54 7.11 -7.86
N ARG A 51 8.21 5.98 -8.48
CA ARG A 51 7.17 5.95 -9.50
C ARG A 51 5.79 5.82 -8.88
N PHE A 52 5.66 4.94 -7.90
CA PHE A 52 4.39 4.72 -7.21
C PHE A 52 3.89 6.01 -6.57
N ASP A 53 2.70 5.95 -5.99
CA ASP A 53 2.11 7.12 -5.35
C ASP A 53 2.05 6.92 -3.84
N VAL A 54 1.28 5.92 -3.40
CA VAL A 54 1.14 5.62 -1.98
C VAL A 54 1.86 4.34 -1.61
N VAL A 55 2.39 4.28 -0.39
CA VAL A 55 3.10 3.11 0.09
C VAL A 55 2.41 2.51 1.31
N LEU A 56 2.43 1.18 1.39
CA LEU A 56 1.81 0.48 2.52
C LEU A 56 2.74 -0.60 3.07
N LEU A 57 2.67 -0.81 4.38
CA LEU A 57 3.51 -1.82 5.02
C LEU A 57 2.65 -2.77 5.86
N ALA A 58 3.13 -4.01 6.00
CA ALA A 58 2.41 -5.02 6.77
C ALA A 58 3.04 -5.20 8.15
N PRO A 59 2.26 -5.76 9.08
CA PRO A 59 2.72 -6.00 10.46
C PRO A 59 3.79 -7.10 10.53
N GLN A 60 4.15 -7.47 11.76
CA GLN A 60 5.16 -8.51 11.96
C GLN A 60 6.48 -8.13 11.29
N SER A 61 6.97 -6.93 11.60
CA SER A 61 8.21 -6.44 11.04
C SER A 61 8.61 -5.10 11.66
N ARG A 62 9.71 -5.11 12.40
CA ARG A 62 10.20 -3.90 13.05
C ARG A 62 11.18 -3.16 12.16
N PHE A 63 12.08 -3.90 11.52
CA PHE A 63 13.08 -3.31 10.63
C PHE A 63 12.40 -2.64 9.44
N ASN A 64 11.33 -3.24 8.95
CA ASN A 64 10.60 -2.71 7.80
C ASN A 64 10.06 -1.31 8.11
N LYS A 65 9.18 -1.23 9.10
CA LYS A 65 8.60 0.04 9.49
C LYS A 65 9.67 1.08 9.77
N LYS A 66 10.72 0.67 10.47
CA LYS A 66 11.82 1.57 10.79
C LYS A 66 12.40 2.20 9.52
N ARG A 67 12.94 1.36 8.64
CA ARG A 67 13.51 1.84 7.39
C ARG A 67 12.50 2.65 6.59
N LEU A 68 11.35 2.04 6.31
CA LEU A 68 10.30 2.71 5.56
C LEU A 68 9.98 4.07 6.15
N GLU A 69 10.10 4.18 7.48
CA GLU A 69 9.82 5.43 8.17
C GLU A 69 10.90 6.47 7.86
N GLU A 70 12.15 6.13 8.16
CA GLU A 70 13.26 7.03 7.91
C GLU A 70 13.38 7.37 6.44
N ILE A 71 12.75 6.55 5.60
CA ILE A 71 12.78 6.77 4.16
C ILE A 71 11.59 7.60 3.70
N THR A 72 10.44 7.37 4.33
CA THR A 72 9.22 8.11 3.99
C THR A 72 9.34 9.58 4.38
N LYS A 73 9.99 9.84 5.51
CA LYS A 73 10.18 11.21 5.98
C LYS A 73 10.73 12.10 4.88
N PRO A 74 11.93 11.76 4.39
CA PRO A 74 12.59 12.52 3.33
C PRO A 74 11.90 12.37 1.98
N LYS A 75 11.39 11.17 1.72
CA LYS A 75 10.69 10.90 0.47
C LYS A 75 9.41 11.71 0.36
N GLY A 76 8.89 12.13 1.51
CA GLY A 76 7.67 12.92 1.52
C GLY A 76 6.54 12.27 0.74
N ILE A 77 6.11 11.10 1.20
CA ILE A 77 5.04 10.38 0.55
C ILE A 77 4.08 9.76 1.57
N PRO A 78 2.82 9.55 1.16
CA PRO A 78 1.80 8.96 2.02
C PRO A 78 2.05 7.49 2.31
N ILE A 79 2.36 7.18 3.57
CA ILE A 79 2.62 5.81 3.98
C ILE A 79 1.57 5.32 4.96
N GLU A 80 1.07 4.11 4.73
CA GLU A 80 0.05 3.52 5.60
C GLU A 80 0.55 2.21 6.20
N ILE A 81 0.17 1.96 7.45
CA ILE A 81 0.58 0.74 8.14
C ILE A 81 -0.63 -0.11 8.50
N ILE A 82 -0.58 -1.39 8.13
CA ILE A 82 -1.68 -2.32 8.42
C ILE A 82 -1.58 -2.85 9.83
N ASN A 83 -2.71 -2.85 10.53
CA ASN A 83 -2.76 -3.34 11.92
C ASN A 83 -2.73 -4.86 11.95
N THR A 84 -2.25 -5.42 13.06
CA THR A 84 -2.17 -6.86 13.23
C THR A 84 -3.51 -7.52 12.92
N ILE A 85 -4.59 -6.95 13.44
CA ILE A 85 -5.92 -7.49 13.22
C ILE A 85 -6.33 -7.37 11.75
N ASP A 86 -6.29 -6.15 11.23
CA ASP A 86 -6.65 -5.90 9.83
C ASP A 86 -5.88 -6.84 8.90
N TYR A 87 -4.66 -7.20 9.32
CA TYR A 87 -3.82 -8.08 8.52
C TYR A 87 -4.24 -9.53 8.67
N GLY A 88 -4.57 -9.92 9.90
CA GLY A 88 -4.99 -11.28 10.18
C GLY A 88 -6.35 -11.60 9.56
N THR A 89 -7.20 -10.58 9.46
CA THR A 89 -8.53 -10.77 8.89
C THR A 89 -8.55 -10.42 7.41
N MET A 90 -7.61 -9.56 7.00
CA MET A 90 -7.53 -9.15 5.61
C MET A 90 -8.79 -8.39 5.18
N ASN A 91 -8.78 -7.07 5.40
CA ASN A 91 -9.91 -6.24 5.03
C ASN A 91 -9.59 -5.35 3.84
N GLY A 92 -9.88 -5.84 2.64
CA GLY A 92 -9.61 -5.07 1.43
C GLY A 92 -10.18 -3.67 1.49
N GLU A 93 -11.45 -3.57 1.91
CA GLU A 93 -12.10 -2.27 2.01
C GLU A 93 -11.31 -1.32 2.88
N LYS A 94 -10.94 -1.77 4.08
CA LYS A 94 -10.18 -0.97 5.01
C LYS A 94 -8.83 -0.56 4.41
N VAL A 95 -8.23 -1.47 3.65
CA VAL A 95 -6.95 -1.22 3.02
C VAL A 95 -7.06 -0.09 2.00
N LEU A 96 -7.78 -0.35 0.91
CA LEU A 96 -7.96 0.65 -0.14
C LEU A 96 -8.46 1.97 0.44
N GLN A 97 -9.31 1.89 1.46
CA GLN A 97 -9.85 3.07 2.10
C GLN A 97 -8.75 3.88 2.76
N LEU A 98 -7.90 3.21 3.52
CA LEU A 98 -6.79 3.88 4.21
C LEU A 98 -5.85 4.53 3.21
N ALA A 99 -5.46 3.78 2.19
CA ALA A 99 -4.55 4.28 1.17
C ALA A 99 -5.11 5.55 0.51
N ILE A 100 -6.31 5.42 -0.07
CA ILE A 100 -6.96 6.54 -0.73
C ILE A 100 -7.13 7.71 0.24
N ASN A 101 -7.70 7.43 1.41
CA ASN A 101 -7.92 8.47 2.41
C ASN A 101 -6.63 9.24 2.69
N ALA A 102 -5.52 8.52 2.77
CA ALA A 102 -4.22 9.11 3.04
C ALA A 102 -3.79 9.99 1.88
N PHE A 103 -3.92 9.48 0.66
CA PHE A 103 -3.54 10.22 -0.54
C PHE A 103 -4.38 11.49 -0.69
N ASN A 104 -5.62 11.42 -0.24
CA ASN A 104 -6.53 12.55 -0.32
C ASN A 104 -6.33 13.51 0.85
N ASN A 105 -5.88 12.96 1.97
CA ASN A 105 -5.64 13.77 3.17
C ASN A 105 -4.33 14.54 3.05
N LYS A 106 -3.33 13.91 2.44
CA LYS A 106 -2.02 14.54 2.26
C LYS A 106 -2.07 15.58 1.16
N SER A 107 -3.00 15.40 0.22
CA SER A 107 -3.15 16.33 -0.90
C SER A 107 -3.30 17.77 -0.39
N SER A 108 -2.99 18.72 -1.26
CA SER A 108 -3.08 20.14 -0.91
C SER A 108 -2.11 20.47 0.23
N VAL A 109 -2.00 21.76 0.52
CA VAL A 109 -1.11 22.22 1.58
C VAL A 109 -1.58 23.55 2.17
N GLY A 1 -6.54 12.18 -20.53
CA GLY A 1 -6.60 12.36 -19.08
C GLY A 1 -6.87 11.06 -18.34
N PRO A 2 -5.88 10.17 -18.33
CA PRO A 2 -6.00 8.86 -17.66
C PRO A 2 -6.02 9.00 -16.15
N GLY A 3 -7.21 9.25 -15.59
CA GLY A 3 -7.34 9.40 -14.16
C GLY A 3 -7.33 8.07 -13.44
N SER A 4 -6.21 7.76 -12.78
CA SER A 4 -6.07 6.51 -12.06
C SER A 4 -5.15 6.68 -10.85
N MET A 5 -5.15 5.68 -9.97
CA MET A 5 -4.31 5.72 -8.77
C MET A 5 -3.55 4.41 -8.61
N ASN A 6 -2.28 4.53 -8.21
CA ASN A 6 -1.43 3.35 -8.01
C ASN A 6 -1.10 3.17 -6.53
N ILE A 7 -1.40 2.00 -6.00
CA ILE A 7 -1.12 1.69 -4.61
C ILE A 7 0.03 0.70 -4.48
N LEU A 8 0.87 0.92 -3.48
CA LEU A 8 2.01 0.04 -3.24
C LEU A 8 1.88 -0.67 -1.90
N LEU A 9 2.15 -1.98 -1.91
CA LEU A 9 2.05 -2.79 -0.69
C LEU A 9 3.39 -3.46 -0.39
N VAL A 10 3.78 -3.45 0.88
CA VAL A 10 5.03 -4.06 1.30
C VAL A 10 4.78 -5.25 2.24
N CYS A 11 5.45 -6.36 1.96
CA CYS A 11 5.30 -7.57 2.77
C CYS A 11 6.24 -8.66 2.29
N GLY A 12 6.44 -8.73 0.98
CA GLY A 12 7.32 -9.74 0.42
C GLY A 12 6.63 -11.09 0.29
N ALA A 13 5.40 -11.08 -0.19
CA ALA A 13 4.64 -12.31 -0.37
C ALA A 13 4.77 -12.84 -1.80
N GLY A 14 4.13 -13.97 -2.07
CA GLY A 14 4.18 -14.56 -3.40
C GLY A 14 3.75 -13.59 -4.48
N MET A 15 4.46 -13.60 -5.60
CA MET A 15 4.14 -12.72 -6.71
C MET A 15 2.69 -12.88 -7.14
N SER A 16 2.22 -14.12 -7.16
CA SER A 16 0.84 -14.41 -7.55
C SER A 16 0.05 -14.97 -6.37
N THR A 17 -1.25 -15.16 -6.57
CA THR A 17 -2.12 -15.69 -5.53
C THR A 17 -1.97 -14.90 -4.24
N SER A 18 -2.51 -13.69 -4.22
CA SER A 18 -2.43 -12.83 -3.04
C SER A 18 -3.82 -12.59 -2.45
N MET A 19 -3.98 -12.95 -1.18
CA MET A 19 -5.26 -12.77 -0.50
C MET A 19 -5.67 -11.30 -0.48
N LEU A 20 -4.81 -10.46 0.07
CA LEU A 20 -5.08 -9.03 0.14
C LEU A 20 -5.44 -8.46 -1.23
N VAL A 21 -4.53 -8.63 -2.19
CA VAL A 21 -4.75 -8.15 -3.54
C VAL A 21 -6.09 -8.64 -4.10
N GLN A 22 -6.41 -9.91 -3.82
CA GLN A 22 -7.66 -10.50 -4.28
C GLN A 22 -8.85 -9.72 -3.76
N ARG A 23 -8.94 -9.59 -2.44
CA ARG A 23 -10.04 -8.86 -1.82
C ARG A 23 -10.15 -7.44 -2.37
N ILE A 24 -9.08 -6.67 -2.23
CA ILE A 24 -9.06 -5.30 -2.72
C ILE A 24 -9.46 -5.24 -4.19
N GLU A 25 -8.91 -6.14 -4.99
CA GLU A 25 -9.23 -6.19 -6.42
C GLU A 25 -10.72 -6.45 -6.63
N LYS A 26 -11.29 -7.31 -5.81
CA LYS A 26 -12.71 -7.64 -5.92
C LYS A 26 -13.58 -6.43 -5.62
N TYR A 27 -13.44 -5.89 -4.42
CA TYR A 27 -14.21 -4.72 -4.02
C TYR A 27 -14.10 -3.60 -5.05
N ALA A 28 -12.87 -3.31 -5.46
CA ALA A 28 -12.61 -2.26 -6.44
C ALA A 28 -13.25 -2.61 -7.78
N LYS A 29 -13.00 -3.81 -8.25
CA LYS A 29 -13.56 -4.27 -9.52
C LYS A 29 -15.07 -4.18 -9.52
N SER A 30 -15.67 -4.33 -8.34
CA SER A 30 -17.12 -4.27 -8.20
C SER A 30 -17.59 -2.82 -8.10
N LYS A 31 -16.85 -2.01 -7.34
CA LYS A 31 -17.19 -0.61 -7.16
C LYS A 31 -16.90 0.19 -8.43
N ASN A 32 -16.11 -0.39 -9.33
CA ASN A 32 -15.77 0.27 -10.58
C ASN A 32 -14.95 1.53 -10.33
N ILE A 33 -13.82 1.37 -9.64
CA ILE A 33 -12.95 2.50 -9.33
C ILE A 33 -11.65 2.42 -10.12
N ASN A 34 -11.19 3.57 -10.60
CA ASN A 34 -9.95 3.64 -11.37
C ASN A 34 -8.74 3.62 -10.44
N ALA A 35 -8.34 2.43 -10.01
CA ALA A 35 -7.19 2.28 -9.13
C ALA A 35 -6.53 0.92 -9.31
N THR A 36 -5.31 0.79 -8.79
CA THR A 36 -4.56 -0.46 -8.91
C THR A 36 -3.71 -0.71 -7.67
N ILE A 37 -3.47 -1.98 -7.36
CA ILE A 37 -2.66 -2.34 -6.21
C ILE A 37 -1.61 -3.37 -6.58
N GLU A 38 -0.47 -3.33 -5.89
CA GLU A 38 0.62 -4.27 -6.14
C GLU A 38 1.48 -4.44 -4.90
N ALA A 39 1.85 -5.68 -4.61
CA ALA A 39 2.69 -5.99 -3.45
C ALA A 39 4.06 -6.48 -3.88
N ILE A 40 5.10 -5.97 -3.24
CA ILE A 40 6.47 -6.37 -3.55
C ILE A 40 7.38 -6.24 -2.33
N ALA A 41 8.65 -6.53 -2.52
CA ALA A 41 9.62 -6.45 -1.43
C ALA A 41 10.14 -5.03 -1.26
N GLU A 42 11.12 -4.85 -0.38
CA GLU A 42 11.70 -3.54 -0.13
C GLU A 42 12.75 -3.19 -1.17
N THR A 43 13.38 -4.23 -1.73
CA THR A 43 14.41 -4.04 -2.74
C THR A 43 13.88 -3.27 -3.94
N ARG A 44 12.64 -3.55 -4.32
CA ARG A 44 12.01 -2.88 -5.45
C ARG A 44 11.12 -1.74 -4.97
N LEU A 45 10.81 -1.72 -3.68
CA LEU A 45 9.98 -0.69 -3.10
C LEU A 45 10.51 0.71 -3.45
N SER A 46 11.84 0.85 -3.39
CA SER A 46 12.47 2.13 -3.69
C SER A 46 12.55 2.34 -5.20
N GLU A 47 12.44 1.26 -5.96
CA GLU A 47 12.51 1.33 -7.42
C GLU A 47 11.11 1.46 -8.02
N VAL A 48 10.09 1.41 -7.14
CA VAL A 48 8.71 1.52 -7.60
C VAL A 48 8.02 2.72 -6.94
N VAL A 49 8.43 3.03 -5.72
CA VAL A 49 7.84 4.15 -4.99
C VAL A 49 8.20 5.48 -5.65
N ASP A 50 9.16 5.43 -6.57
CA ASP A 50 9.59 6.64 -7.28
C ASP A 50 8.50 7.13 -8.22
N ARG A 51 7.62 6.22 -8.63
CA ARG A 51 6.53 6.57 -9.53
C ARG A 51 5.17 6.35 -8.86
N PHE A 52 5.10 5.31 -8.03
CA PHE A 52 3.86 4.99 -7.32
C PHE A 52 3.32 6.21 -6.60
N ASP A 53 2.10 6.10 -6.10
CA ASP A 53 1.46 7.20 -5.37
C ASP A 53 1.59 7.00 -3.87
N VAL A 54 0.80 6.08 -3.32
CA VAL A 54 0.82 5.79 -1.90
C VAL A 54 1.46 4.44 -1.62
N VAL A 55 2.08 4.31 -0.45
CA VAL A 55 2.72 3.06 -0.06
C VAL A 55 2.20 2.56 1.29
N LEU A 56 2.16 1.24 1.44
CA LEU A 56 1.68 0.64 2.69
C LEU A 56 2.64 -0.43 3.18
N LEU A 57 2.85 -0.48 4.50
CA LEU A 57 3.75 -1.45 5.09
C LEU A 57 2.97 -2.48 5.91
N ALA A 58 3.44 -3.72 5.87
CA ALA A 58 2.78 -4.80 6.61
C ALA A 58 3.25 -4.84 8.07
N PRO A 59 2.45 -5.48 8.93
CA PRO A 59 2.77 -5.59 10.36
C PRO A 59 3.97 -6.51 10.62
N GLN A 60 4.32 -7.31 9.62
CA GLN A 60 5.44 -8.23 9.74
C GLN A 60 6.75 -7.55 9.34
N SER A 61 7.38 -6.90 10.31
CA SER A 61 8.64 -6.20 10.05
C SER A 61 9.17 -5.55 11.33
N ARG A 62 10.38 -5.92 11.72
CA ARG A 62 11.00 -5.37 12.91
C ARG A 62 11.83 -4.13 12.58
N PHE A 63 12.90 -4.32 11.82
CA PHE A 63 13.77 -3.21 11.45
C PHE A 63 13.25 -2.52 10.18
N ASN A 64 12.53 -3.27 9.36
CA ASN A 64 11.97 -2.73 8.12
C ASN A 64 11.17 -1.47 8.40
N LYS A 65 10.25 -1.55 9.35
CA LYS A 65 9.41 -0.42 9.72
C LYS A 65 10.26 0.76 10.18
N LYS A 66 11.26 0.47 11.01
CA LYS A 66 12.16 1.50 11.52
C LYS A 66 12.78 2.29 10.38
N ARG A 67 13.43 1.59 9.47
CA ARG A 67 14.09 2.22 8.33
C ARG A 67 13.07 2.94 7.45
N LEU A 68 12.00 2.23 7.11
CA LEU A 68 10.94 2.80 6.27
C LEU A 68 10.47 4.13 6.82
N GLU A 69 10.34 4.21 8.14
CA GLU A 69 9.91 5.44 8.80
C GLU A 69 10.99 6.51 8.74
N GLU A 70 12.23 6.11 9.02
CA GLU A 70 13.35 7.04 9.00
C GLU A 70 13.63 7.54 7.58
N ILE A 71 13.12 6.79 6.61
CA ILE A 71 13.31 7.16 5.20
C ILE A 71 12.12 7.95 4.68
N THR A 72 10.92 7.53 5.06
CA THR A 72 9.70 8.20 4.62
C THR A 72 9.59 9.59 5.23
N LYS A 73 10.05 9.73 6.48
CA LYS A 73 10.01 11.02 7.17
C LYS A 73 10.64 12.11 6.31
N PRO A 74 11.92 11.95 5.99
CA PRO A 74 12.67 12.92 5.18
C PRO A 74 12.21 12.92 3.72
N LYS A 75 11.88 11.75 3.21
CA LYS A 75 11.42 11.62 1.83
C LYS A 75 10.10 12.34 1.63
N GLY A 76 9.35 12.51 2.70
CA GLY A 76 8.07 13.19 2.62
C GLY A 76 7.13 12.54 1.62
N ILE A 77 6.75 11.30 1.89
CA ILE A 77 5.85 10.56 1.01
C ILE A 77 4.71 9.91 1.80
N PRO A 78 3.58 9.68 1.13
CA PRO A 78 2.40 9.06 1.74
C PRO A 78 2.62 7.59 2.06
N ILE A 79 2.84 7.29 3.33
CA ILE A 79 3.05 5.92 3.76
C ILE A 79 2.13 5.55 4.92
N GLU A 80 1.45 4.41 4.79
CA GLU A 80 0.54 3.95 5.83
C GLU A 80 0.94 2.56 6.32
N ILE A 81 0.39 2.15 7.46
CA ILE A 81 0.68 0.85 8.03
C ILE A 81 -0.59 0.15 8.49
N ILE A 82 -0.78 -1.09 8.04
CA ILE A 82 -1.95 -1.87 8.40
C ILE A 82 -1.79 -2.52 9.77
N ASN A 83 -2.76 -2.30 10.65
CA ASN A 83 -2.72 -2.86 11.99
C ASN A 83 -2.66 -4.38 11.95
N THR A 84 -2.12 -4.98 13.00
CA THR A 84 -2.00 -6.43 13.09
C THR A 84 -3.34 -7.11 12.84
N ILE A 85 -4.39 -6.59 13.50
CA ILE A 85 -5.72 -7.14 13.35
C ILE A 85 -6.24 -6.97 11.92
N ASP A 86 -6.21 -5.74 11.43
CA ASP A 86 -6.67 -5.44 10.08
C ASP A 86 -5.99 -6.35 9.07
N TYR A 87 -4.70 -6.62 9.28
CA TYR A 87 -3.93 -7.46 8.38
C TYR A 87 -4.37 -8.92 8.49
N GLY A 88 -4.32 -9.46 9.71
CA GLY A 88 -4.71 -10.83 9.93
C GLY A 88 -6.09 -11.14 9.38
N THR A 89 -6.98 -10.16 9.44
CA THR A 89 -8.34 -10.32 8.94
C THR A 89 -8.40 -10.14 7.43
N MET A 90 -7.45 -9.38 6.89
CA MET A 90 -7.39 -9.13 5.46
C MET A 90 -8.62 -8.35 4.99
N ASN A 91 -8.76 -7.12 5.49
CA ASN A 91 -9.89 -6.28 5.13
C ASN A 91 -9.58 -5.44 3.89
N GLY A 92 -9.90 -5.98 2.73
CA GLY A 92 -9.64 -5.27 1.48
C GLY A 92 -10.21 -3.87 1.49
N GLU A 93 -11.48 -3.74 1.86
CA GLU A 93 -12.13 -2.44 1.90
C GLU A 93 -11.32 -1.45 2.73
N LYS A 94 -10.88 -1.89 3.91
CA LYS A 94 -10.10 -1.05 4.80
C LYS A 94 -8.78 -0.66 4.15
N VAL A 95 -8.17 -1.60 3.45
CA VAL A 95 -6.89 -1.35 2.78
C VAL A 95 -7.04 -0.27 1.72
N LEU A 96 -7.81 -0.56 0.68
CA LEU A 96 -8.04 0.39 -0.40
C LEU A 96 -8.48 1.74 0.14
N GLN A 97 -9.42 1.72 1.09
CA GLN A 97 -9.93 2.94 1.69
C GLN A 97 -8.79 3.78 2.27
N LEU A 98 -7.96 3.15 3.09
CA LEU A 98 -6.84 3.83 3.71
C LEU A 98 -5.93 4.45 2.66
N ALA A 99 -5.54 3.66 1.68
CA ALA A 99 -4.67 4.13 0.60
C ALA A 99 -5.25 5.37 -0.06
N ILE A 100 -6.55 5.36 -0.31
CA ILE A 100 -7.22 6.49 -0.94
C ILE A 100 -7.12 7.74 -0.08
N ASN A 101 -7.55 7.62 1.18
CA ASN A 101 -7.52 8.73 2.11
C ASN A 101 -6.13 9.35 2.16
N ALA A 102 -5.10 8.50 2.20
CA ALA A 102 -3.72 8.97 2.25
C ALA A 102 -3.35 9.69 0.97
N PHE A 103 -3.76 9.14 -0.17
CA PHE A 103 -3.47 9.73 -1.47
C PHE A 103 -4.00 11.16 -1.55
N ASN A 104 -5.28 11.33 -1.20
CA ASN A 104 -5.92 12.64 -1.23
C ASN A 104 -5.30 13.56 -0.19
N ASN A 105 -5.22 13.07 1.04
CA ASN A 105 -4.66 13.85 2.14
C ASN A 105 -3.28 14.40 1.77
N LYS A 106 -2.49 13.58 1.08
CA LYS A 106 -1.15 13.97 0.67
C LYS A 106 -0.32 14.41 1.86
N SER A 107 -0.63 13.87 3.04
CA SER A 107 0.09 14.21 4.26
C SER A 107 -0.09 13.13 5.32
N SER A 108 0.73 13.20 6.36
CA SER A 108 0.66 12.22 7.45
C SER A 108 1.26 12.79 8.72
N VAL A 109 0.44 13.47 9.51
CA VAL A 109 0.87 14.08 10.76
C VAL A 109 1.36 13.01 11.74
N GLY A 1 -5.97 8.44 -22.18
CA GLY A 1 -6.79 8.85 -21.06
C GLY A 1 -6.26 8.37 -19.73
N PRO A 2 -5.12 8.96 -19.30
CA PRO A 2 -4.47 8.59 -18.04
C PRO A 2 -5.29 9.04 -16.83
N GLY A 3 -5.47 8.14 -15.87
CA GLY A 3 -6.22 8.46 -14.67
C GLY A 3 -6.39 7.27 -13.75
N SER A 4 -5.36 6.98 -12.96
CA SER A 4 -5.40 5.85 -12.03
C SER A 4 -4.42 6.06 -10.88
N MET A 5 -4.70 5.42 -9.75
CA MET A 5 -3.84 5.53 -8.58
C MET A 5 -3.23 4.18 -8.22
N ASN A 6 -1.94 4.03 -8.49
CA ASN A 6 -1.23 2.79 -8.20
C ASN A 6 -0.72 2.77 -6.77
N ILE A 7 -1.28 1.88 -5.96
CA ILE A 7 -0.88 1.77 -4.56
C ILE A 7 0.25 0.76 -4.39
N LEU A 8 1.16 1.05 -3.46
CA LEU A 8 2.29 0.17 -3.20
C LEU A 8 2.12 -0.56 -1.87
N LEU A 9 2.31 -1.88 -1.88
CA LEU A 9 2.18 -2.69 -0.69
C LEU A 9 3.50 -3.37 -0.35
N VAL A 10 3.82 -3.43 0.95
CA VAL A 10 5.05 -4.06 1.40
C VAL A 10 4.76 -5.17 2.41
N CYS A 11 5.18 -6.38 2.07
CA CYS A 11 4.97 -7.53 2.95
C CYS A 11 5.66 -8.77 2.40
N GLY A 12 5.64 -8.92 1.08
CA GLY A 12 6.27 -10.07 0.46
C GLY A 12 5.27 -11.07 -0.08
N ALA A 13 4.79 -11.95 0.78
CA ALA A 13 3.81 -12.95 0.40
C ALA A 13 2.81 -13.22 1.51
N GLY A 14 1.85 -14.09 1.24
CA GLY A 14 0.84 -14.41 2.23
C GLY A 14 0.58 -15.91 2.35
N MET A 15 -0.59 -16.27 2.86
CA MET A 15 -0.95 -17.68 3.01
C MET A 15 -1.03 -18.37 1.65
N SER A 16 -1.96 -17.92 0.82
CA SER A 16 -2.14 -18.50 -0.51
C SER A 16 -1.21 -17.84 -1.53
N THR A 17 -1.40 -16.54 -1.73
CA THR A 17 -0.59 -15.79 -2.67
C THR A 17 -0.67 -14.29 -2.41
N SER A 18 -1.87 -13.82 -2.10
CA SER A 18 -2.10 -12.41 -1.83
C SER A 18 -3.55 -12.14 -1.47
N MET A 19 -3.96 -12.61 -0.28
CA MET A 19 -5.33 -12.42 0.17
C MET A 19 -5.73 -10.95 0.09
N LEU A 20 -4.88 -10.08 0.62
CA LEU A 20 -5.16 -8.65 0.61
C LEU A 20 -5.49 -8.17 -0.80
N VAL A 21 -4.59 -8.43 -1.74
CA VAL A 21 -4.79 -8.03 -3.13
C VAL A 21 -6.09 -8.61 -3.68
N GLN A 22 -6.39 -9.84 -3.29
CA GLN A 22 -7.61 -10.50 -3.76
C GLN A 22 -8.85 -9.71 -3.35
N ARG A 23 -9.05 -9.57 -2.04
CA ARG A 23 -10.21 -8.85 -1.52
C ARG A 23 -10.27 -7.45 -2.12
N ILE A 24 -9.18 -6.69 -1.97
CA ILE A 24 -9.11 -5.33 -2.51
C ILE A 24 -9.49 -5.29 -3.98
N GLU A 25 -8.92 -6.22 -4.75
CA GLU A 25 -9.19 -6.29 -6.18
C GLU A 25 -10.68 -6.51 -6.44
N LYS A 26 -11.30 -7.37 -5.64
CA LYS A 26 -12.71 -7.67 -5.77
C LYS A 26 -13.57 -6.42 -5.53
N TYR A 27 -13.40 -5.82 -4.35
CA TYR A 27 -14.15 -4.62 -3.99
C TYR A 27 -14.01 -3.55 -5.07
N ALA A 28 -12.77 -3.23 -5.42
CA ALA A 28 -12.51 -2.22 -6.44
C ALA A 28 -13.12 -2.62 -7.78
N LYS A 29 -12.90 -3.87 -8.19
CA LYS A 29 -13.44 -4.37 -9.44
C LYS A 29 -14.96 -4.29 -9.46
N SER A 30 -15.57 -4.36 -8.28
CA SER A 30 -17.01 -4.29 -8.15
C SER A 30 -17.49 -2.85 -8.14
N LYS A 31 -16.79 -2.00 -7.39
CA LYS A 31 -17.15 -0.59 -7.30
C LYS A 31 -16.80 0.15 -8.59
N ASN A 32 -15.97 -0.47 -9.42
CA ASN A 32 -15.56 0.12 -10.69
C ASN A 32 -14.77 1.40 -10.45
N ILE A 33 -13.63 1.28 -9.77
CA ILE A 33 -12.79 2.44 -9.48
C ILE A 33 -11.49 2.37 -10.27
N ASN A 34 -11.01 3.53 -10.71
CA ASN A 34 -9.77 3.60 -11.48
C ASN A 34 -8.56 3.61 -10.54
N ALA A 35 -8.15 2.43 -10.11
CA ALA A 35 -6.99 2.30 -9.22
C ALA A 35 -6.29 0.97 -9.44
N THR A 36 -5.07 0.85 -8.90
CA THR A 36 -4.29 -0.37 -9.03
C THR A 36 -3.53 -0.68 -7.75
N ILE A 37 -3.10 -1.93 -7.60
CA ILE A 37 -2.35 -2.34 -6.42
C ILE A 37 -1.21 -3.29 -6.80
N GLU A 38 -0.15 -3.25 -6.01
CA GLU A 38 1.01 -4.11 -6.27
C GLU A 38 1.83 -4.30 -4.99
N ALA A 39 2.25 -5.54 -4.74
CA ALA A 39 3.03 -5.86 -3.56
C ALA A 39 4.44 -6.28 -3.93
N ILE A 40 5.42 -5.79 -3.19
CA ILE A 40 6.82 -6.10 -3.45
C ILE A 40 7.66 -6.01 -2.18
N ALA A 41 8.95 -6.26 -2.31
CA ALA A 41 9.86 -6.21 -1.17
C ALA A 41 10.31 -4.78 -0.90
N GLU A 42 11.22 -4.62 0.06
CA GLU A 42 11.73 -3.30 0.42
C GLU A 42 12.88 -2.89 -0.50
N THR A 43 13.55 -3.89 -1.07
CA THR A 43 14.67 -3.64 -1.97
C THR A 43 14.23 -2.83 -3.19
N ARG A 44 13.05 -3.14 -3.71
CA ARG A 44 12.52 -2.43 -4.87
C ARG A 44 11.35 -1.55 -4.48
N LEU A 45 11.23 -1.27 -3.18
CA LEU A 45 10.14 -0.44 -2.68
C LEU A 45 10.43 1.04 -2.92
N SER A 46 11.58 1.50 -2.43
CA SER A 46 11.97 2.90 -2.59
C SER A 46 12.39 3.18 -4.03
N GLU A 47 12.59 2.12 -4.80
CA GLU A 47 12.98 2.24 -6.19
C GLU A 47 11.77 2.41 -7.09
N VAL A 48 10.62 1.91 -6.63
CA VAL A 48 9.38 2.00 -7.40
C VAL A 48 8.46 3.06 -6.81
N VAL A 49 8.64 3.36 -5.53
CA VAL A 49 7.82 4.36 -4.85
C VAL A 49 7.77 5.67 -5.63
N ASP A 50 8.86 5.95 -6.36
CA ASP A 50 8.94 7.17 -7.15
C ASP A 50 7.86 7.20 -8.22
N ARG A 51 7.54 6.02 -8.76
CA ARG A 51 6.51 5.93 -9.80
C ARG A 51 5.13 5.73 -9.18
N PHE A 52 5.05 4.84 -8.19
CA PHE A 52 3.79 4.55 -7.52
C PHE A 52 3.24 5.81 -6.86
N ASP A 53 2.10 5.67 -6.19
CA ASP A 53 1.46 6.79 -5.52
C ASP A 53 1.76 6.76 -4.02
N VAL A 54 1.09 5.86 -3.31
CA VAL A 54 1.28 5.72 -1.87
C VAL A 54 1.94 4.39 -1.52
N VAL A 55 2.38 4.26 -0.28
CA VAL A 55 3.04 3.04 0.17
C VAL A 55 2.39 2.51 1.45
N LEU A 56 2.36 1.19 1.60
CA LEU A 56 1.77 0.57 2.77
C LEU A 56 2.69 -0.52 3.33
N LEU A 57 2.78 -0.59 4.66
CA LEU A 57 3.62 -1.58 5.31
C LEU A 57 2.77 -2.61 6.04
N ALA A 58 3.31 -3.82 6.18
CA ALA A 58 2.61 -4.90 6.87
C ALA A 58 3.00 -4.96 8.33
N PRO A 59 2.15 -5.62 9.15
CA PRO A 59 2.39 -5.77 10.58
C PRO A 59 3.55 -6.71 10.88
N GLN A 60 3.96 -7.48 9.87
CA GLN A 60 5.06 -8.43 10.03
C GLN A 60 6.38 -7.80 9.59
N SER A 61 6.57 -6.53 9.94
CA SER A 61 7.79 -5.82 9.58
C SER A 61 8.66 -5.57 10.80
N ARG A 62 9.89 -6.07 10.77
CA ARG A 62 10.81 -5.89 11.88
C ARG A 62 11.66 -4.64 11.70
N PHE A 63 12.51 -4.65 10.67
CA PHE A 63 13.37 -3.51 10.38
C PHE A 63 12.78 -2.65 9.27
N ASN A 64 11.96 -3.25 8.43
CA ASN A 64 11.33 -2.53 7.33
C ASN A 64 10.64 -1.28 7.83
N LYS A 65 10.09 -1.34 9.03
CA LYS A 65 9.39 -0.21 9.63
C LYS A 65 10.35 0.96 9.85
N LYS A 66 11.42 0.71 10.60
CA LYS A 66 12.41 1.74 10.88
C LYS A 66 12.96 2.33 9.59
N ARG A 67 13.42 1.46 8.69
CA ARG A 67 13.97 1.90 7.41
C ARG A 67 12.95 2.71 6.62
N LEU A 68 11.84 2.07 6.26
CA LEU A 68 10.79 2.73 5.50
C LEU A 68 10.39 4.04 6.17
N GLU A 69 10.45 4.07 7.50
CA GLU A 69 10.09 5.26 8.25
C GLU A 69 11.12 6.37 8.06
N GLU A 70 12.37 6.07 8.39
CA GLU A 70 13.46 7.03 8.25
C GLU A 70 13.61 7.47 6.80
N ILE A 71 13.06 6.68 5.88
CA ILE A 71 13.13 6.99 4.46
C ILE A 71 11.92 7.79 4.01
N THR A 72 10.76 7.48 4.58
CA THR A 72 9.52 8.17 4.24
C THR A 72 9.55 9.62 4.72
N LYS A 73 10.15 9.84 5.88
CA LYS A 73 10.25 11.18 6.45
C LYS A 73 10.80 12.16 5.43
N PRO A 74 12.03 11.91 4.96
CA PRO A 74 12.70 12.77 3.98
C PRO A 74 12.07 12.66 2.60
N LYS A 75 11.61 11.47 2.24
CA LYS A 75 10.98 11.23 0.95
C LYS A 75 9.67 12.01 0.84
N GLY A 76 9.08 12.33 1.99
CA GLY A 76 7.83 13.07 2.01
C GLY A 76 6.76 12.40 1.16
N ILE A 77 6.36 11.20 1.56
CA ILE A 77 5.34 10.45 0.84
C ILE A 77 4.34 9.81 1.81
N PRO A 78 3.11 9.58 1.33
CA PRO A 78 2.05 8.97 2.13
C PRO A 78 2.32 7.50 2.43
N ILE A 79 2.62 7.21 3.69
CA ILE A 79 2.89 5.83 4.11
C ILE A 79 1.95 5.40 5.23
N GLU A 80 1.21 4.32 4.98
CA GLU A 80 0.27 3.80 5.97
C GLU A 80 0.67 2.40 6.41
N ILE A 81 0.07 1.94 7.50
CA ILE A 81 0.36 0.61 8.03
C ILE A 81 -0.92 -0.13 8.40
N ILE A 82 -0.99 -1.40 8.02
CA ILE A 82 -2.15 -2.22 8.31
C ILE A 82 -2.07 -2.82 9.71
N ASN A 83 -3.10 -2.57 10.52
CA ASN A 83 -3.14 -3.09 11.88
C ASN A 83 -3.09 -4.61 11.88
N THR A 84 -2.66 -5.19 13.01
CA THR A 84 -2.57 -6.63 13.15
C THR A 84 -3.89 -7.31 12.76
N ILE A 85 -4.95 -6.95 13.46
CA ILE A 85 -6.27 -7.52 13.19
C ILE A 85 -6.69 -7.27 11.75
N ASP A 86 -6.56 -6.03 11.29
CA ASP A 86 -6.93 -5.65 9.93
C ASP A 86 -6.23 -6.57 8.92
N TYR A 87 -4.99 -6.92 9.22
CA TYR A 87 -4.21 -7.79 8.33
C TYR A 87 -4.75 -9.22 8.36
N GLY A 88 -4.74 -9.81 9.54
CA GLY A 88 -5.22 -11.18 9.69
C GLY A 88 -6.62 -11.36 9.13
N THR A 89 -7.40 -10.28 9.13
CA THR A 89 -8.76 -10.32 8.63
C THR A 89 -8.80 -10.10 7.12
N MET A 90 -7.78 -9.42 6.60
CA MET A 90 -7.70 -9.13 5.17
C MET A 90 -8.85 -8.25 4.73
N ASN A 91 -9.04 -7.13 5.42
CA ASN A 91 -10.11 -6.20 5.10
C ASN A 91 -9.75 -5.35 3.89
N GLY A 92 -10.03 -5.86 2.70
CA GLY A 92 -9.73 -5.15 1.48
C GLY A 92 -10.28 -3.74 1.48
N GLU A 93 -11.54 -3.59 1.90
CA GLU A 93 -12.18 -2.29 1.96
C GLU A 93 -11.36 -1.31 2.79
N LYS A 94 -11.00 -1.74 4.00
CA LYS A 94 -10.21 -0.89 4.90
C LYS A 94 -8.85 -0.56 4.28
N VAL A 95 -8.28 -1.52 3.57
CA VAL A 95 -6.99 -1.33 2.93
C VAL A 95 -7.05 -0.23 1.87
N LEU A 96 -7.79 -0.50 0.80
CA LEU A 96 -7.94 0.48 -0.29
C LEU A 96 -8.37 1.83 0.25
N GLN A 97 -9.39 1.83 1.10
CA GLN A 97 -9.91 3.06 1.69
C GLN A 97 -8.78 3.85 2.36
N LEU A 98 -8.02 3.18 3.21
CA LEU A 98 -6.91 3.82 3.92
C LEU A 98 -5.93 4.45 2.93
N ALA A 99 -5.50 3.66 1.95
CA ALA A 99 -4.56 4.13 0.95
C ALA A 99 -5.05 5.43 0.31
N ILE A 100 -6.31 5.44 -0.10
CA ILE A 100 -6.90 6.62 -0.74
C ILE A 100 -6.84 7.82 0.20
N ASN A 101 -7.34 7.64 1.41
CA ASN A 101 -7.33 8.72 2.41
C ASN A 101 -5.94 9.31 2.57
N ALA A 102 -4.95 8.44 2.71
CA ALA A 102 -3.56 8.88 2.86
C ALA A 102 -3.07 9.62 1.61
N PHE A 103 -3.50 9.15 0.45
CA PHE A 103 -3.12 9.77 -0.81
C PHE A 103 -3.59 11.22 -0.88
N ASN A 104 -4.89 11.42 -0.70
CA ASN A 104 -5.47 12.76 -0.74
C ASN A 104 -4.94 13.61 0.40
N ASN A 105 -4.79 13.00 1.57
CA ASN A 105 -4.29 13.71 2.75
C ASN A 105 -2.83 14.14 2.55
N LYS A 106 -2.08 13.33 1.82
CA LYS A 106 -0.68 13.63 1.56
C LYS A 106 0.11 13.76 2.85
N SER A 107 1.37 14.15 2.73
CA SER A 107 2.23 14.31 3.90
C SER A 107 2.79 15.73 3.97
N SER A 108 2.18 16.56 4.81
CA SER A 108 2.62 17.95 4.97
C SER A 108 2.21 18.49 6.33
N VAL A 109 3.06 19.33 6.90
CA VAL A 109 2.79 19.93 8.20
C VAL A 109 2.42 18.86 9.24
N GLY A 1 -2.41 8.98 -20.02
CA GLY A 1 -3.05 9.31 -18.75
C GLY A 1 -4.56 9.25 -18.83
N PRO A 2 -5.10 8.03 -18.98
CA PRO A 2 -6.54 7.80 -19.08
C PRO A 2 -7.25 8.05 -17.75
N GLY A 3 -6.62 7.63 -16.66
CA GLY A 3 -7.21 7.82 -15.34
C GLY A 3 -7.08 6.59 -14.47
N SER A 4 -6.08 6.59 -13.60
CA SER A 4 -5.85 5.46 -12.71
C SER A 4 -4.76 5.78 -11.69
N MET A 5 -4.89 5.21 -10.49
CA MET A 5 -3.92 5.44 -9.43
C MET A 5 -3.15 4.16 -9.11
N ASN A 6 -1.82 4.24 -9.14
CA ASN A 6 -0.98 3.09 -8.85
C ASN A 6 -0.61 3.05 -7.37
N ILE A 7 -1.14 2.07 -6.65
CA ILE A 7 -0.87 1.90 -5.24
C ILE A 7 0.29 0.93 -5.00
N LEU A 8 1.14 1.27 -4.05
CA LEU A 8 2.30 0.42 -3.73
C LEU A 8 2.09 -0.28 -2.39
N LEU A 9 2.57 -1.52 -2.30
CA LEU A 9 2.43 -2.31 -1.09
C LEU A 9 3.77 -2.94 -0.70
N VAL A 10 4.05 -2.97 0.60
CA VAL A 10 5.28 -3.55 1.10
C VAL A 10 5.01 -4.73 2.02
N CYS A 11 5.59 -5.88 1.69
CA CYS A 11 5.41 -7.08 2.50
C CYS A 11 6.23 -8.24 1.95
N GLY A 12 6.08 -8.50 0.65
CA GLY A 12 6.82 -9.58 0.02
C GLY A 12 6.24 -9.98 -1.33
N ALA A 13 6.57 -11.18 -1.78
CA ALA A 13 6.07 -11.67 -3.06
C ALA A 13 4.69 -12.28 -2.90
N GLY A 14 3.67 -11.44 -2.96
CA GLY A 14 2.30 -11.90 -2.83
C GLY A 14 1.41 -11.42 -3.95
N MET A 15 1.99 -11.19 -5.12
CA MET A 15 1.23 -10.71 -6.26
C MET A 15 0.14 -11.71 -6.66
N SER A 16 0.36 -12.97 -6.33
CA SER A 16 -0.60 -14.02 -6.64
C SER A 16 -0.99 -14.81 -5.38
N THR A 17 -2.23 -15.26 -5.35
CA THR A 17 -2.72 -16.03 -4.21
C THR A 17 -2.54 -15.26 -2.91
N SER A 18 -3.44 -14.31 -2.65
CA SER A 18 -3.36 -13.50 -1.44
C SER A 18 -4.76 -13.07 -1.00
N MET A 19 -5.06 -13.31 0.28
CA MET A 19 -6.36 -12.95 0.84
C MET A 19 -6.59 -11.45 0.77
N LEU A 20 -5.68 -10.68 1.36
CA LEU A 20 -5.78 -9.22 1.37
C LEU A 20 -5.97 -8.69 -0.05
N VAL A 21 -5.05 -9.04 -0.94
CA VAL A 21 -5.11 -8.60 -2.32
C VAL A 21 -6.45 -8.96 -2.95
N GLN A 22 -6.90 -10.19 -2.71
CA GLN A 22 -8.17 -10.66 -3.27
C GLN A 22 -9.32 -9.76 -2.81
N ARG A 23 -9.31 -9.40 -1.52
CA ARG A 23 -10.35 -8.56 -0.96
C ARG A 23 -10.31 -7.17 -1.58
N ILE A 24 -9.10 -6.65 -1.77
CA ILE A 24 -8.93 -5.32 -2.36
C ILE A 24 -9.37 -5.31 -3.82
N GLU A 25 -8.81 -6.21 -4.61
CA GLU A 25 -9.15 -6.31 -6.03
C GLU A 25 -10.64 -6.58 -6.22
N LYS A 26 -11.21 -7.37 -5.32
CA LYS A 26 -12.63 -7.71 -5.38
C LYS A 26 -13.49 -6.48 -5.14
N TYR A 27 -13.30 -5.84 -4.00
CA TYR A 27 -14.06 -4.65 -3.63
C TYR A 27 -13.97 -3.59 -4.74
N ALA A 28 -12.74 -3.36 -5.22
CA ALA A 28 -12.52 -2.38 -6.27
C ALA A 28 -13.19 -2.80 -7.58
N LYS A 29 -12.94 -4.04 -7.98
CA LYS A 29 -13.51 -4.58 -9.21
C LYS A 29 -15.04 -4.51 -9.16
N SER A 30 -15.59 -4.58 -7.97
CA SER A 30 -17.04 -4.53 -7.78
C SER A 30 -17.54 -3.09 -7.74
N LYS A 31 -16.79 -2.24 -7.04
CA LYS A 31 -17.15 -0.83 -6.93
C LYS A 31 -16.91 -0.09 -8.23
N ASN A 32 -16.13 -0.71 -9.12
CA ASN A 32 -15.81 -0.11 -10.41
C ASN A 32 -15.02 1.18 -10.23
N ILE A 33 -13.85 1.07 -9.61
CA ILE A 33 -12.99 2.22 -9.39
C ILE A 33 -11.70 2.12 -10.19
N ASN A 34 -11.23 3.25 -10.70
CA ASN A 34 -10.01 3.29 -11.49
C ASN A 34 -8.78 3.36 -10.58
N ALA A 35 -8.35 2.20 -10.08
CA ALA A 35 -7.18 2.14 -9.21
C ALA A 35 -6.43 0.83 -9.41
N THR A 36 -5.19 0.79 -8.91
CA THR A 36 -4.36 -0.41 -9.03
C THR A 36 -3.53 -0.63 -7.77
N ILE A 37 -3.04 -1.85 -7.62
CA ILE A 37 -2.22 -2.20 -6.45
C ILE A 37 -1.15 -3.22 -6.82
N GLU A 38 0.01 -3.11 -6.18
CA GLU A 38 1.11 -4.03 -6.42
C GLU A 38 2.05 -4.08 -5.23
N ALA A 39 2.62 -5.26 -4.98
CA ALA A 39 3.53 -5.46 -3.87
C ALA A 39 4.95 -5.75 -4.36
N ILE A 40 5.93 -5.20 -3.68
CA ILE A 40 7.33 -5.41 -4.05
C ILE A 40 8.23 -5.47 -2.81
N ALA A 41 9.51 -5.71 -3.03
CA ALA A 41 10.47 -5.79 -1.94
C ALA A 41 10.64 -4.44 -1.26
N GLU A 42 11.59 -4.37 -0.33
CA GLU A 42 11.85 -3.12 0.39
C GLU A 42 12.91 -2.28 -0.32
N THR A 43 13.78 -2.95 -1.06
CA THR A 43 14.84 -2.28 -1.79
C THR A 43 14.33 -1.71 -3.11
N ARG A 44 13.25 -2.31 -3.63
CA ARG A 44 12.67 -1.88 -4.88
C ARG A 44 11.66 -0.75 -4.66
N LEU A 45 11.18 -0.64 -3.42
CA LEU A 45 10.20 0.38 -3.07
C LEU A 45 10.73 1.77 -3.42
N SER A 46 12.02 1.99 -3.16
CA SER A 46 12.64 3.27 -3.45
C SER A 46 12.91 3.43 -4.94
N GLU A 47 12.78 2.33 -5.68
CA GLU A 47 13.02 2.34 -7.12
C GLU A 47 11.69 2.35 -7.88
N VAL A 48 10.60 2.12 -7.16
CA VAL A 48 9.27 2.10 -7.76
C VAL A 48 8.42 3.26 -7.26
N VAL A 49 8.76 3.75 -6.07
CA VAL A 49 8.02 4.87 -5.47
C VAL A 49 8.13 6.11 -6.33
N ASP A 50 9.09 6.13 -7.24
CA ASP A 50 9.30 7.26 -8.14
C ASP A 50 8.13 7.41 -9.10
N ARG A 51 7.61 6.29 -9.57
CA ARG A 51 6.48 6.30 -10.50
C ARG A 51 5.17 6.04 -9.77
N PHE A 52 5.24 5.24 -8.71
CA PHE A 52 4.05 4.90 -7.93
C PHE A 52 3.42 6.16 -7.34
N ASP A 53 2.32 5.98 -6.61
CA ASP A 53 1.62 7.10 -5.98
C ASP A 53 1.67 6.99 -4.46
N VAL A 54 0.96 6.01 -3.92
CA VAL A 54 0.91 5.79 -2.48
C VAL A 54 1.68 4.54 -2.09
N VAL A 55 2.08 4.46 -0.82
CA VAL A 55 2.83 3.31 -0.32
C VAL A 55 2.23 2.80 0.99
N LEU A 56 2.31 1.50 1.21
CA LEU A 56 1.79 0.88 2.42
C LEU A 56 2.74 -0.18 2.95
N LEU A 57 2.73 -0.37 4.26
CA LEU A 57 3.59 -1.36 4.90
C LEU A 57 2.76 -2.42 5.63
N ALA A 58 3.34 -3.60 5.79
CA ALA A 58 2.65 -4.69 6.48
C ALA A 58 2.92 -4.65 7.98
N PRO A 59 2.06 -5.32 8.75
CA PRO A 59 2.18 -5.38 10.21
C PRO A 59 3.38 -6.21 10.66
N GLN A 60 3.74 -7.21 9.86
CA GLN A 60 4.86 -8.07 10.17
C GLN A 60 6.17 -7.47 9.68
N SER A 61 6.94 -6.87 10.59
CA SER A 61 8.21 -6.26 10.23
C SER A 61 9.01 -5.92 11.49
N ARG A 62 10.25 -6.38 11.53
CA ARG A 62 11.13 -6.13 12.67
C ARG A 62 11.94 -4.86 12.46
N PHE A 63 12.83 -4.88 11.48
CA PHE A 63 13.67 -3.73 11.18
C PHE A 63 13.18 -3.01 9.92
N ASN A 64 12.54 -3.76 9.03
CA ASN A 64 12.02 -3.21 7.78
C ASN A 64 11.17 -1.98 8.05
N LYS A 65 10.22 -2.11 8.96
CA LYS A 65 9.33 -1.02 9.31
C LYS A 65 10.12 0.19 9.83
N LYS A 66 11.15 -0.09 10.63
CA LYS A 66 11.99 0.96 11.19
C LYS A 66 12.64 1.78 10.08
N ARG A 67 13.34 1.10 9.17
CA ARG A 67 14.01 1.77 8.07
C ARG A 67 13.00 2.45 7.15
N LEU A 68 11.95 1.72 6.79
CA LEU A 68 10.91 2.25 5.92
C LEU A 68 10.41 3.59 6.42
N GLU A 69 9.81 3.59 7.62
CA GLU A 69 9.29 4.82 8.21
C GLU A 69 10.40 5.87 8.37
N GLU A 70 11.59 5.40 8.75
CA GLU A 70 12.73 6.29 8.95
C GLU A 70 13.11 6.97 7.63
N ILE A 71 12.80 6.32 6.51
CA ILE A 71 13.11 6.86 5.20
C ILE A 71 11.94 7.68 4.66
N THR A 72 10.73 7.25 4.97
CA THR A 72 9.53 7.94 4.52
C THR A 72 9.41 9.32 5.16
N LYS A 73 9.80 9.40 6.43
CA LYS A 73 9.74 10.66 7.15
C LYS A 73 10.41 11.79 6.38
N PRO A 74 11.72 11.63 6.10
CA PRO A 74 12.50 12.61 5.36
C PRO A 74 12.10 12.67 3.89
N LYS A 75 11.78 11.52 3.32
CA LYS A 75 11.39 11.44 1.92
C LYS A 75 10.08 12.19 1.68
N GLY A 76 9.29 12.32 2.74
CA GLY A 76 8.01 13.02 2.62
C GLY A 76 7.09 12.38 1.60
N ILE A 77 6.69 11.14 1.86
CA ILE A 77 5.80 10.42 0.96
C ILE A 77 4.62 9.82 1.71
N PRO A 78 3.51 9.61 0.98
CA PRO A 78 2.29 9.03 1.56
C PRO A 78 2.45 7.56 1.93
N ILE A 79 2.85 7.31 3.16
CA ILE A 79 3.04 5.93 3.64
C ILE A 79 2.03 5.58 4.72
N GLU A 80 1.43 4.41 4.60
CA GLU A 80 0.45 3.94 5.57
C GLU A 80 0.79 2.54 6.07
N ILE A 81 0.19 2.16 7.20
CA ILE A 81 0.43 0.84 7.78
C ILE A 81 -0.87 0.18 8.20
N ILE A 82 -0.99 -1.11 7.92
CA ILE A 82 -2.20 -1.87 8.27
C ILE A 82 -2.11 -2.38 9.70
N ASN A 83 -3.27 -2.45 10.37
CA ASN A 83 -3.33 -2.93 11.74
C ASN A 83 -3.36 -4.46 11.78
N THR A 84 -2.81 -5.03 12.84
CA THR A 84 -2.78 -6.47 13.01
C THR A 84 -4.15 -7.08 12.82
N ILE A 85 -5.18 -6.34 13.23
CA ILE A 85 -6.55 -6.81 13.10
C ILE A 85 -7.01 -6.81 11.64
N ASP A 86 -7.02 -5.63 11.03
CA ASP A 86 -7.42 -5.50 9.63
C ASP A 86 -6.66 -6.47 8.75
N TYR A 87 -5.43 -6.79 9.15
CA TYR A 87 -4.60 -7.72 8.39
C TYR A 87 -5.05 -9.16 8.60
N GLY A 88 -5.14 -9.57 9.86
CA GLY A 88 -5.56 -10.93 10.17
C GLY A 88 -6.93 -11.25 9.59
N THR A 89 -7.87 -10.32 9.74
CA THR A 89 -9.22 -10.52 9.23
C THR A 89 -9.28 -10.30 7.72
N MET A 90 -8.29 -9.58 7.20
CA MET A 90 -8.23 -9.30 5.76
C MET A 90 -9.41 -8.44 5.33
N ASN A 91 -9.28 -7.13 5.51
CA ASN A 91 -10.35 -6.21 5.14
C ASN A 91 -9.94 -5.37 3.93
N GLY A 92 -10.24 -5.88 2.74
CA GLY A 92 -9.91 -5.17 1.52
C GLY A 92 -10.40 -3.74 1.52
N GLU A 93 -11.65 -3.55 1.90
CA GLU A 93 -12.25 -2.22 1.94
C GLU A 93 -11.40 -1.27 2.79
N LYS A 94 -11.06 -1.72 3.99
CA LYS A 94 -10.24 -0.92 4.89
C LYS A 94 -8.87 -0.63 4.29
N VAL A 95 -8.32 -1.62 3.59
CA VAL A 95 -7.01 -1.47 2.97
C VAL A 95 -7.03 -0.37 1.91
N LEU A 96 -7.77 -0.61 0.82
CA LEU A 96 -7.86 0.36 -0.26
C LEU A 96 -8.26 1.73 0.28
N GLN A 97 -9.22 1.75 1.21
CA GLN A 97 -9.69 2.99 1.80
C GLN A 97 -8.53 3.75 2.46
N LEU A 98 -7.75 3.04 3.26
CA LEU A 98 -6.62 3.63 3.95
C LEU A 98 -5.62 4.22 2.97
N ALA A 99 -5.21 3.40 1.99
CA ALA A 99 -4.26 3.84 0.99
C ALA A 99 -4.72 5.14 0.33
N ILE A 100 -5.91 5.12 -0.25
CA ILE A 100 -6.47 6.30 -0.91
C ILE A 100 -6.48 7.49 0.03
N ASN A 101 -6.87 7.26 1.27
CA ASN A 101 -6.93 8.33 2.27
C ASN A 101 -5.57 8.99 2.44
N ALA A 102 -4.53 8.18 2.54
CA ALA A 102 -3.18 8.69 2.69
C ALA A 102 -2.73 9.47 1.46
N PHE A 103 -3.04 8.93 0.28
CA PHE A 103 -2.69 9.57 -0.98
C PHE A 103 -3.38 10.92 -1.11
N ASN A 104 -4.65 10.96 -0.73
CA ASN A 104 -5.44 12.20 -0.82
C ASN A 104 -4.96 13.22 0.21
N ASN A 105 -4.83 12.78 1.45
CA ASN A 105 -4.38 13.66 2.53
C ASN A 105 -2.94 14.11 2.30
N LYS A 106 -2.17 13.28 1.61
CA LYS A 106 -0.78 13.58 1.33
C LYS A 106 0.02 13.80 2.61
N SER A 107 1.30 14.12 2.47
CA SER A 107 2.16 14.35 3.61
C SER A 107 2.57 15.82 3.71
N SER A 108 1.96 16.52 4.66
CA SER A 108 2.26 17.94 4.86
C SER A 108 2.71 18.20 6.29
N VAL A 109 2.09 17.52 7.24
CA VAL A 109 2.43 17.68 8.65
C VAL A 109 3.07 16.42 9.21
N GLY A 1 -10.80 8.42 -18.98
CA GLY A 1 -9.64 7.60 -19.29
C GLY A 1 -8.45 7.93 -18.40
N PRO A 2 -7.85 9.10 -18.63
CA PRO A 2 -6.69 9.56 -17.86
C PRO A 2 -7.06 9.92 -16.41
N GLY A 3 -6.55 9.14 -15.47
CA GLY A 3 -6.83 9.39 -14.08
C GLY A 3 -6.95 8.11 -13.27
N SER A 4 -5.82 7.48 -12.98
CA SER A 4 -5.80 6.24 -12.21
C SER A 4 -4.82 6.33 -11.05
N MET A 5 -5.21 5.78 -9.91
CA MET A 5 -4.36 5.79 -8.72
C MET A 5 -3.59 4.48 -8.59
N ASN A 6 -2.33 4.58 -8.18
CA ASN A 6 -1.50 3.40 -8.01
C ASN A 6 -1.11 3.21 -6.54
N ILE A 7 -1.49 2.06 -5.99
CA ILE A 7 -1.19 1.76 -4.60
C ILE A 7 -0.06 0.73 -4.49
N LEU A 8 0.84 0.94 -3.54
CA LEU A 8 1.96 0.03 -3.34
C LEU A 8 1.90 -0.60 -1.94
N LEU A 9 2.08 -1.90 -1.88
CA LEU A 9 2.06 -2.63 -0.61
C LEU A 9 3.36 -3.37 -0.38
N VAL A 10 3.88 -3.29 0.85
CA VAL A 10 5.12 -3.96 1.20
C VAL A 10 4.87 -5.09 2.18
N CYS A 11 5.39 -6.27 1.85
CA CYS A 11 5.22 -7.45 2.71
C CYS A 11 5.97 -8.64 2.13
N GLY A 12 5.46 -9.18 1.02
CA GLY A 12 6.09 -10.32 0.40
C GLY A 12 5.07 -11.29 -0.19
N ALA A 13 4.77 -12.35 0.55
CA ALA A 13 3.82 -13.35 0.10
C ALA A 13 4.18 -13.89 -1.28
N GLY A 14 5.48 -14.00 -1.53
CA GLY A 14 5.94 -14.50 -2.81
C GLY A 14 6.36 -13.38 -3.74
N MET A 15 5.54 -13.10 -4.75
CA MET A 15 5.84 -12.05 -5.72
C MET A 15 4.57 -11.33 -6.13
N SER A 16 3.53 -12.10 -6.44
CA SER A 16 2.25 -11.52 -6.86
C SER A 16 1.09 -12.43 -6.45
N THR A 17 -0.13 -11.93 -6.64
CA THR A 17 -1.33 -12.68 -6.29
C THR A 17 -1.36 -12.99 -4.80
N SER A 18 -1.75 -12.00 -4.00
CA SER A 18 -1.82 -12.16 -2.55
C SER A 18 -3.26 -12.02 -2.06
N MET A 19 -3.50 -12.44 -0.82
CA MET A 19 -4.83 -12.35 -0.23
C MET A 19 -5.34 -10.91 -0.25
N LEU A 20 -4.57 -10.02 0.37
CA LEU A 20 -4.95 -8.61 0.42
C LEU A 20 -5.25 -8.08 -0.97
N VAL A 21 -4.33 -8.29 -1.89
CA VAL A 21 -4.49 -7.82 -3.26
C VAL A 21 -5.76 -8.40 -3.89
N GLN A 22 -6.03 -9.68 -3.59
CA GLN A 22 -7.21 -10.35 -4.12
C GLN A 22 -8.49 -9.65 -3.68
N ARG A 23 -8.69 -9.58 -2.36
CA ARG A 23 -9.87 -8.94 -1.80
C ARG A 23 -10.03 -7.52 -2.35
N ILE A 24 -8.98 -6.71 -2.17
CA ILE A 24 -9.01 -5.33 -2.65
C ILE A 24 -9.35 -5.27 -4.13
N GLU A 25 -8.67 -6.08 -4.93
CA GLU A 25 -8.90 -6.12 -6.37
C GLU A 25 -10.37 -6.41 -6.67
N LYS A 26 -10.97 -7.30 -5.90
CA LYS A 26 -12.36 -7.67 -6.09
C LYS A 26 -13.27 -6.48 -5.80
N TYR A 27 -13.18 -5.93 -4.59
CA TYR A 27 -14.00 -4.80 -4.20
C TYR A 27 -13.90 -3.67 -5.22
N ALA A 28 -12.66 -3.34 -5.60
CA ALA A 28 -12.43 -2.28 -6.56
C ALA A 28 -13.00 -2.64 -7.93
N LYS A 29 -12.66 -3.84 -8.41
CA LYS A 29 -13.13 -4.32 -9.69
C LYS A 29 -14.66 -4.34 -9.74
N SER A 30 -15.28 -4.52 -8.58
CA SER A 30 -16.73 -4.56 -8.48
C SER A 30 -17.31 -3.15 -8.39
N LYS A 31 -16.67 -2.31 -7.60
CA LYS A 31 -17.12 -0.92 -7.43
C LYS A 31 -16.83 -0.09 -8.68
N ASN A 32 -15.95 -0.62 -9.54
CA ASN A 32 -15.59 0.07 -10.77
C ASN A 32 -14.89 1.39 -10.47
N ILE A 33 -13.76 1.31 -9.77
CA ILE A 33 -12.99 2.50 -9.41
C ILE A 33 -11.65 2.52 -10.14
N ASN A 34 -11.22 3.72 -10.53
CA ASN A 34 -9.96 3.88 -11.24
C ASN A 34 -8.78 3.82 -10.26
N ALA A 35 -8.37 2.60 -9.91
CA ALA A 35 -7.26 2.41 -9.00
C ALA A 35 -6.54 1.10 -9.27
N THR A 36 -5.35 0.94 -8.70
CA THR A 36 -4.56 -0.27 -8.88
C THR A 36 -3.79 -0.62 -7.61
N ILE A 37 -3.59 -1.92 -7.39
CA ILE A 37 -2.85 -2.38 -6.22
C ILE A 37 -1.81 -3.42 -6.60
N GLU A 38 -0.68 -3.40 -5.89
CA GLU A 38 0.40 -4.35 -6.15
C GLU A 38 1.28 -4.52 -4.91
N ALA A 39 1.69 -5.76 -4.67
CA ALA A 39 2.54 -6.06 -3.52
C ALA A 39 3.90 -6.57 -3.97
N ILE A 40 4.96 -6.08 -3.33
CA ILE A 40 6.32 -6.49 -3.65
C ILE A 40 7.24 -6.37 -2.44
N ALA A 41 8.52 -6.69 -2.64
CA ALA A 41 9.50 -6.62 -1.57
C ALA A 41 10.05 -5.20 -1.42
N GLU A 42 11.01 -5.04 -0.52
CA GLU A 42 11.62 -3.74 -0.29
C GLU A 42 12.70 -3.44 -1.33
N THR A 43 13.27 -4.50 -1.90
CA THR A 43 14.31 -4.36 -2.91
C THR A 43 13.81 -3.57 -4.11
N ARG A 44 12.54 -3.78 -4.46
CA ARG A 44 11.94 -3.09 -5.59
C ARG A 44 10.87 -2.10 -5.11
N LEU A 45 10.92 -1.76 -3.83
CA LEU A 45 9.96 -0.83 -3.26
C LEU A 45 10.35 0.62 -3.57
N SER A 46 11.60 0.96 -3.29
CA SER A 46 12.10 2.31 -3.53
C SER A 46 12.31 2.54 -5.02
N GLU A 47 12.33 1.46 -5.79
CA GLU A 47 12.52 1.54 -7.23
C GLU A 47 11.20 1.76 -7.95
N VAL A 48 10.11 1.35 -7.32
CA VAL A 48 8.78 1.51 -7.89
C VAL A 48 8.03 2.65 -7.25
N VAL A 49 8.40 2.97 -6.01
CA VAL A 49 7.75 4.05 -5.27
C VAL A 49 7.74 5.34 -6.09
N ASP A 50 8.74 5.51 -6.95
CA ASP A 50 8.85 6.70 -7.78
C ASP A 50 7.67 6.79 -8.74
N ARG A 51 7.20 5.62 -9.21
CA ARG A 51 6.08 5.57 -10.14
C ARG A 51 4.74 5.57 -9.39
N PHE A 52 4.67 4.76 -8.33
CA PHE A 52 3.46 4.67 -7.53
C PHE A 52 3.16 6.00 -6.85
N ASP A 53 2.07 6.02 -6.06
CA ASP A 53 1.68 7.23 -5.35
C ASP A 53 1.75 7.02 -3.84
N VAL A 54 0.94 6.10 -3.34
CA VAL A 54 0.91 5.80 -1.91
C VAL A 54 1.52 4.43 -1.62
N VAL A 55 2.11 4.29 -0.44
CA VAL A 55 2.73 3.04 -0.03
C VAL A 55 2.19 2.55 1.31
N LEU A 56 2.19 1.24 1.51
CA LEU A 56 1.71 0.65 2.75
C LEU A 56 2.70 -0.39 3.29
N LEU A 57 3.04 -0.25 4.56
CA LEU A 57 3.97 -1.18 5.20
C LEU A 57 3.23 -2.27 5.97
N ALA A 58 3.68 -3.50 5.83
CA ALA A 58 3.05 -4.63 6.51
C ALA A 58 3.38 -4.61 8.00
N PRO A 59 2.56 -5.33 8.79
CA PRO A 59 2.75 -5.41 10.24
C PRO A 59 3.99 -6.20 10.63
N GLN A 60 4.62 -6.83 9.64
CA GLN A 60 5.82 -7.62 9.87
C GLN A 60 7.07 -6.78 9.70
N SER A 61 8.23 -7.44 9.66
CA SER A 61 9.50 -6.74 9.50
C SER A 61 9.81 -5.86 10.71
N ARG A 62 10.94 -6.11 11.35
CA ARG A 62 11.34 -5.34 12.52
C ARG A 62 12.21 -4.15 12.13
N PHE A 63 13.40 -4.44 11.61
CA PHE A 63 14.31 -3.39 11.18
C PHE A 63 13.75 -2.63 9.99
N ASN A 64 13.09 -3.34 9.08
CA ASN A 64 12.51 -2.74 7.90
C ASN A 64 11.53 -1.63 8.27
N LYS A 65 10.90 -1.78 9.44
CA LYS A 65 9.94 -0.79 9.92
C LYS A 65 10.64 0.51 10.29
N LYS A 66 11.64 0.42 11.16
CA LYS A 66 12.40 1.59 11.59
C LYS A 66 13.05 2.29 10.40
N ARG A 67 13.56 1.50 9.47
CA ARG A 67 14.20 2.05 8.28
C ARG A 67 13.20 2.80 7.41
N LEU A 68 12.21 2.07 6.91
CA LEU A 68 11.18 2.67 6.06
C LEU A 68 10.59 3.92 6.72
N GLU A 69 10.44 3.87 8.04
CA GLU A 69 9.89 5.00 8.78
C GLU A 69 10.88 6.15 8.84
N GLU A 70 12.13 5.84 9.21
CA GLU A 70 13.17 6.85 9.31
C GLU A 70 13.48 7.44 7.94
N ILE A 71 13.07 6.74 6.89
CA ILE A 71 13.31 7.19 5.53
C ILE A 71 12.11 7.95 4.98
N THR A 72 10.92 7.47 5.32
CA THR A 72 9.69 8.10 4.86
C THR A 72 9.50 9.49 5.50
N LYS A 73 9.87 9.60 6.77
CA LYS A 73 9.76 10.86 7.49
C LYS A 73 10.40 12.00 6.70
N PRO A 74 11.71 11.88 6.45
CA PRO A 74 12.47 12.89 5.70
C PRO A 74 12.08 12.93 4.23
N LYS A 75 11.78 11.75 3.67
CA LYS A 75 11.40 11.66 2.26
C LYS A 75 10.08 12.38 2.01
N GLY A 76 9.26 12.51 3.05
CA GLY A 76 7.98 13.18 2.91
C GLY A 76 7.10 12.53 1.88
N ILE A 77 6.69 11.29 2.13
CA ILE A 77 5.84 10.55 1.21
C ILE A 77 4.68 9.89 1.96
N PRO A 78 3.57 9.65 1.24
CA PRO A 78 2.38 9.02 1.80
C PRO A 78 2.61 7.54 2.12
N ILE A 79 2.81 7.24 3.40
CA ILE A 79 3.04 5.86 3.83
C ILE A 79 2.13 5.50 5.00
N GLU A 80 1.42 4.38 4.86
CA GLU A 80 0.51 3.93 5.90
C GLU A 80 0.94 2.55 6.42
N ILE A 81 0.50 2.23 7.64
CA ILE A 81 0.83 0.94 8.24
C ILE A 81 -0.44 0.17 8.61
N ILE A 82 -0.58 -1.03 8.05
CA ILE A 82 -1.74 -1.86 8.32
C ILE A 82 -1.67 -2.45 9.72
N ASN A 83 -2.70 -2.16 10.52
CA ASN A 83 -2.76 -2.66 11.89
C ASN A 83 -2.78 -4.19 11.92
N THR A 84 -2.30 -4.77 13.01
CA THR A 84 -2.27 -6.22 13.16
C THR A 84 -3.64 -6.83 12.89
N ILE A 85 -4.68 -6.14 13.34
CA ILE A 85 -6.04 -6.62 13.14
C ILE A 85 -6.44 -6.58 11.68
N ASP A 86 -6.28 -5.42 11.06
CA ASP A 86 -6.62 -5.24 9.66
C ASP A 86 -5.95 -6.30 8.80
N TYR A 87 -4.69 -6.61 9.12
CA TYR A 87 -3.93 -7.61 8.38
C TYR A 87 -4.39 -9.02 8.73
N GLY A 88 -4.63 -9.25 10.03
CA GLY A 88 -5.08 -10.55 10.48
C GLY A 88 -6.38 -10.97 9.83
N THR A 89 -7.34 -10.05 9.79
CA THR A 89 -8.64 -10.33 9.20
C THR A 89 -8.62 -10.12 7.69
N MET A 90 -7.70 -9.27 7.23
CA MET A 90 -7.59 -8.99 5.80
C MET A 90 -8.84 -8.32 5.27
N ASN A 91 -8.93 -7.01 5.45
CA ASN A 91 -10.09 -6.24 4.99
C ASN A 91 -9.73 -5.40 3.78
N GLY A 92 -10.01 -5.92 2.59
CA GLY A 92 -9.71 -5.20 1.37
C GLY A 92 -10.29 -3.79 1.38
N GLU A 93 -11.57 -3.68 1.72
CA GLU A 93 -12.23 -2.38 1.76
C GLU A 93 -11.45 -1.39 2.62
N LYS A 94 -11.06 -1.83 3.81
CA LYS A 94 -10.30 -0.99 4.73
C LYS A 94 -8.95 -0.59 4.12
N VAL A 95 -8.32 -1.54 3.44
CA VAL A 95 -7.02 -1.29 2.81
C VAL A 95 -7.14 -0.19 1.76
N LEU A 96 -7.87 -0.49 0.68
CA LEU A 96 -8.05 0.47 -0.41
C LEU A 96 -8.54 1.82 0.13
N GLN A 97 -9.46 1.77 1.09
CA GLN A 97 -10.01 2.98 1.69
C GLN A 97 -8.90 3.82 2.31
N LEU A 98 -8.04 3.18 3.10
CA LEU A 98 -6.94 3.87 3.76
C LEU A 98 -6.00 4.50 2.73
N ALA A 99 -5.56 3.69 1.77
CA ALA A 99 -4.66 4.16 0.73
C ALA A 99 -5.20 5.42 0.06
N ILE A 100 -6.42 5.32 -0.47
CA ILE A 100 -7.05 6.46 -1.14
C ILE A 100 -7.10 7.68 -0.21
N ASN A 101 -7.53 7.45 1.02
CA ASN A 101 -7.63 8.53 2.00
C ASN A 101 -6.30 9.28 2.12
N ALA A 102 -5.21 8.53 2.23
CA ALA A 102 -3.89 9.13 2.34
C ALA A 102 -3.53 9.91 1.08
N PHE A 103 -3.82 9.31 -0.08
CA PHE A 103 -3.52 9.95 -1.36
C PHE A 103 -4.17 11.33 -1.43
N ASN A 104 -5.45 11.39 -1.10
CA ASN A 104 -6.19 12.66 -1.14
C ASN A 104 -5.66 13.63 -0.09
N ASN A 105 -5.63 13.18 1.16
CA ASN A 105 -5.15 14.00 2.27
C ASN A 105 -3.78 14.58 1.95
N LYS A 106 -2.91 13.76 1.37
CA LYS A 106 -1.56 14.19 1.02
C LYS A 106 -0.77 14.58 2.26
N SER A 107 0.52 14.85 2.08
CA SER A 107 1.38 15.23 3.19
C SER A 107 1.67 14.04 4.10
N SER A 108 0.64 13.59 4.81
CA SER A 108 0.78 12.46 5.72
C SER A 108 1.81 12.75 6.80
N VAL A 109 1.85 14.00 7.25
CA VAL A 109 2.80 14.42 8.29
C VAL A 109 2.69 13.52 9.51
N GLY A 1 -5.12 10.10 -21.41
CA GLY A 1 -4.65 10.33 -20.05
C GLY A 1 -5.56 9.71 -19.02
N PRO A 2 -5.48 8.37 -18.88
CA PRO A 2 -6.29 7.63 -17.91
C PRO A 2 -5.88 7.90 -16.47
N GLY A 3 -6.70 8.70 -15.77
CA GLY A 3 -6.41 9.03 -14.39
C GLY A 3 -6.69 7.88 -13.45
N SER A 4 -5.65 7.35 -12.82
CA SER A 4 -5.79 6.23 -11.89
C SER A 4 -4.75 6.30 -10.79
N MET A 5 -5.10 5.79 -9.61
CA MET A 5 -4.19 5.80 -8.47
C MET A 5 -3.34 4.53 -8.45
N ASN A 6 -2.21 4.59 -7.75
CA ASN A 6 -1.31 3.45 -7.65
C ASN A 6 -0.92 3.18 -6.20
N ILE A 7 -1.38 2.07 -5.65
CA ILE A 7 -1.08 1.70 -4.28
C ILE A 7 0.05 0.68 -4.22
N LEU A 8 1.01 0.93 -3.34
CA LEU A 8 2.16 0.03 -3.18
C LEU A 8 2.07 -0.72 -1.86
N LEU A 9 2.32 -2.03 -1.91
CA LEU A 9 2.28 -2.86 -0.71
C LEU A 9 3.65 -3.47 -0.42
N VAL A 10 4.07 -3.40 0.82
CA VAL A 10 5.36 -3.95 1.24
C VAL A 10 5.18 -5.14 2.16
N CYS A 11 5.12 -6.34 1.57
CA CYS A 11 4.95 -7.57 2.34
C CYS A 11 5.81 -8.68 1.77
N GLY A 12 5.85 -8.79 0.44
CA GLY A 12 6.63 -9.82 -0.20
C GLY A 12 5.81 -11.05 -0.54
N ALA A 13 6.27 -12.21 -0.09
CA ALA A 13 5.58 -13.46 -0.35
C ALA A 13 5.65 -13.83 -1.82
N GLY A 14 4.83 -13.19 -2.64
CA GLY A 14 4.82 -13.46 -4.06
C GLY A 14 4.96 -12.21 -4.90
N MET A 15 3.90 -11.87 -5.63
CA MET A 15 3.90 -10.68 -6.48
C MET A 15 2.50 -10.36 -6.98
N SER A 16 1.78 -9.53 -6.24
CA SER A 16 0.42 -9.15 -6.61
C SER A 16 -0.47 -10.38 -6.75
N THR A 17 -0.42 -11.27 -5.76
CA THR A 17 -1.21 -12.49 -5.78
C THR A 17 -1.42 -13.03 -4.38
N SER A 18 -1.73 -12.15 -3.44
CA SER A 18 -1.95 -12.55 -2.05
C SER A 18 -3.38 -12.29 -1.63
N MET A 19 -3.73 -12.70 -0.41
CA MET A 19 -5.07 -12.51 0.11
C MET A 19 -5.50 -11.05 0.03
N LEU A 20 -4.68 -10.17 0.59
CA LEU A 20 -4.96 -8.74 0.58
C LEU A 20 -5.26 -8.26 -0.83
N VAL A 21 -4.33 -8.53 -1.75
CA VAL A 21 -4.50 -8.11 -3.14
C VAL A 21 -5.83 -8.61 -3.71
N GLN A 22 -6.18 -9.85 -3.39
CA GLN A 22 -7.43 -10.44 -3.86
C GLN A 22 -8.63 -9.63 -3.39
N ARG A 23 -8.71 -9.42 -2.08
CA ARG A 23 -9.82 -8.66 -1.51
C ARG A 23 -9.92 -7.27 -2.14
N ILE A 24 -8.85 -6.50 -2.02
CA ILE A 24 -8.82 -5.15 -2.58
C ILE A 24 -9.18 -5.17 -4.06
N GLU A 25 -8.63 -6.14 -4.80
CA GLU A 25 -8.90 -6.27 -6.23
C GLU A 25 -10.38 -6.50 -6.48
N LYS A 26 -10.99 -7.35 -5.64
CA LYS A 26 -12.40 -7.66 -5.78
C LYS A 26 -13.27 -6.43 -5.56
N TYR A 27 -13.13 -5.81 -4.39
CA TYR A 27 -13.91 -4.62 -4.06
C TYR A 27 -13.75 -3.56 -5.15
N ALA A 28 -12.51 -3.25 -5.52
CA ALA A 28 -12.24 -2.27 -6.55
C ALA A 28 -12.85 -2.69 -7.88
N LYS A 29 -12.62 -3.93 -8.27
CA LYS A 29 -13.15 -4.45 -9.53
C LYS A 29 -14.68 -4.38 -9.55
N SER A 30 -15.29 -4.44 -8.37
CA SER A 30 -16.74 -4.37 -8.26
C SER A 30 -17.23 -2.93 -8.26
N LYS A 31 -16.52 -2.08 -7.53
CA LYS A 31 -16.87 -0.66 -7.44
C LYS A 31 -16.52 0.06 -8.74
N ASN A 32 -15.68 -0.57 -9.57
CA ASN A 32 -15.27 0.01 -10.83
C ASN A 32 -14.48 1.30 -10.61
N ILE A 33 -13.35 1.18 -9.93
CA ILE A 33 -12.51 2.33 -9.65
C ILE A 33 -11.18 2.23 -10.39
N ASN A 34 -10.68 3.38 -10.85
CA ASN A 34 -9.41 3.41 -11.57
C ASN A 34 -8.23 3.47 -10.61
N ALA A 35 -7.80 2.30 -10.15
CA ALA A 35 -6.68 2.21 -9.22
C ALA A 35 -5.91 0.91 -9.42
N THR A 36 -4.67 0.88 -8.94
CA THR A 36 -3.83 -0.30 -9.07
C THR A 36 -3.18 -0.66 -7.73
N ILE A 37 -2.81 -1.92 -7.58
CA ILE A 37 -2.18 -2.39 -6.35
C ILE A 37 -1.21 -3.54 -6.63
N GLU A 38 -0.01 -3.44 -6.08
CA GLU A 38 1.02 -4.47 -6.27
C GLU A 38 1.90 -4.59 -5.03
N ALA A 39 2.33 -5.81 -4.74
CA ALA A 39 3.19 -6.06 -3.59
C ALA A 39 4.60 -6.43 -4.03
N ILE A 40 5.60 -5.79 -3.42
CA ILE A 40 6.99 -6.05 -3.75
C ILE A 40 7.88 -5.92 -2.52
N ALA A 41 9.18 -6.11 -2.72
CA ALA A 41 10.14 -6.00 -1.62
C ALA A 41 10.63 -4.57 -1.44
N GLU A 42 11.11 -4.26 -0.24
CA GLU A 42 11.60 -2.92 0.05
C GLU A 42 12.75 -2.54 -0.88
N THR A 43 13.42 -3.55 -1.42
CA THR A 43 14.54 -3.33 -2.32
C THR A 43 14.10 -2.58 -3.57
N ARG A 44 12.89 -2.89 -4.05
CA ARG A 44 12.35 -2.25 -5.24
C ARG A 44 11.21 -1.29 -4.86
N LEU A 45 11.15 -0.92 -3.59
CA LEU A 45 10.12 -0.02 -3.10
C LEU A 45 10.39 1.42 -3.55
N SER A 46 11.58 1.91 -3.21
CA SER A 46 11.97 3.27 -3.57
C SER A 46 12.28 3.36 -5.06
N GLU A 47 12.39 2.20 -5.71
CA GLU A 47 12.69 2.16 -7.14
C GLU A 47 11.41 2.23 -7.97
N VAL A 48 10.29 1.85 -7.36
CA VAL A 48 9.00 1.87 -8.03
C VAL A 48 8.12 2.97 -7.49
N VAL A 49 8.41 3.41 -6.27
CA VAL A 49 7.64 4.47 -5.63
C VAL A 49 7.51 5.69 -6.54
N ASP A 50 8.51 5.89 -7.39
CA ASP A 50 8.51 7.02 -8.32
C ASP A 50 7.22 7.04 -9.14
N ARG A 51 6.64 5.87 -9.36
CA ARG A 51 5.40 5.76 -10.12
C ARG A 51 4.20 5.62 -9.20
N PHE A 52 4.32 4.77 -8.19
CA PHE A 52 3.25 4.55 -7.23
C PHE A 52 2.84 5.85 -6.56
N ASP A 53 1.89 5.76 -5.64
CA ASP A 53 1.42 6.94 -4.91
C ASP A 53 1.55 6.74 -3.40
N VAL A 54 0.90 5.71 -2.89
CA VAL A 54 0.94 5.40 -1.46
C VAL A 54 1.77 4.15 -1.19
N VAL A 55 2.48 4.15 -0.07
CA VAL A 55 3.31 3.01 0.30
C VAL A 55 2.92 2.48 1.68
N LEU A 56 2.21 1.36 1.69
CA LEU A 56 1.77 0.73 2.94
C LEU A 56 2.64 -0.46 3.29
N LEU A 57 2.98 -0.57 4.57
CA LEU A 57 3.82 -1.68 5.05
C LEU A 57 2.96 -2.77 5.68
N ALA A 58 3.46 -4.00 5.64
CA ALA A 58 2.75 -5.14 6.21
C ALA A 58 3.15 -5.35 7.67
N PRO A 59 2.30 -6.07 8.42
CA PRO A 59 2.54 -6.37 9.83
C PRO A 59 3.70 -7.34 10.04
N GLN A 60 4.09 -7.53 11.28
CA GLN A 60 5.19 -8.44 11.61
C GLN A 60 6.50 -7.95 11.01
N SER A 61 6.84 -6.69 11.30
CA SER A 61 8.08 -6.10 10.78
C SER A 61 8.96 -5.60 11.92
N ARG A 62 10.21 -6.05 11.92
CA ARG A 62 11.16 -5.65 12.95
C ARG A 62 11.94 -4.41 12.53
N PHE A 63 12.75 -4.54 11.49
CA PHE A 63 13.54 -3.43 10.99
C PHE A 63 12.90 -2.82 9.76
N ASN A 64 12.05 -3.59 9.09
CA ASN A 64 11.37 -3.12 7.89
C ASN A 64 10.69 -1.78 8.14
N LYS A 65 9.83 -1.73 9.14
CA LYS A 65 9.11 -0.50 9.48
C LYS A 65 10.09 0.60 9.88
N LYS A 66 11.21 0.20 10.47
CA LYS A 66 12.23 1.14 10.92
C LYS A 66 12.81 1.91 9.73
N ARG A 67 13.55 1.20 8.88
CA ARG A 67 14.16 1.81 7.70
C ARG A 67 13.11 2.50 6.84
N LEU A 68 12.02 1.78 6.56
CA LEU A 68 10.94 2.33 5.75
C LEU A 68 10.51 3.69 6.25
N GLU A 69 10.14 3.75 7.53
CA GLU A 69 9.69 5.00 8.14
C GLU A 69 10.81 6.04 8.13
N GLU A 70 12.03 5.59 8.43
CA GLU A 70 13.19 6.48 8.45
C GLU A 70 13.46 7.05 7.06
N ILE A 71 13.00 6.35 6.04
CA ILE A 71 13.19 6.80 4.66
C ILE A 71 12.01 7.62 4.18
N THR A 72 10.81 7.25 4.63
CA THR A 72 9.59 7.96 4.25
C THR A 72 9.57 9.37 4.83
N LYS A 73 10.08 9.50 6.06
CA LYS A 73 10.12 10.79 6.72
C LYS A 73 10.74 11.86 5.83
N PRO A 74 12.02 11.64 5.46
CA PRO A 74 12.76 12.57 4.59
C PRO A 74 12.23 12.58 3.16
N LYS A 75 11.82 11.40 2.69
CA LYS A 75 11.30 11.27 1.33
C LYS A 75 10.00 12.06 1.18
N GLY A 76 9.30 12.28 2.29
CA GLY A 76 8.05 13.01 2.25
C GLY A 76 7.01 12.34 1.37
N ILE A 77 6.58 11.15 1.76
CA ILE A 77 5.58 10.42 1.00
C ILE A 77 4.53 9.81 1.92
N PRO A 78 3.33 9.57 1.36
CA PRO A 78 2.22 8.97 2.11
C PRO A 78 2.46 7.51 2.46
N ILE A 79 2.95 7.27 3.67
CA ILE A 79 3.22 5.90 4.12
C ILE A 79 2.32 5.52 5.30
N GLU A 80 1.68 4.36 5.19
CA GLU A 80 0.79 3.89 6.24
C GLU A 80 1.16 2.47 6.66
N ILE A 81 0.60 2.03 7.77
CA ILE A 81 0.86 0.68 8.28
C ILE A 81 -0.43 -0.02 8.70
N ILE A 82 -0.63 -1.23 8.17
CA ILE A 82 -1.82 -2.00 8.50
C ILE A 82 -1.75 -2.57 9.91
N ASN A 83 -2.86 -2.49 10.64
CA ASN A 83 -2.92 -2.99 12.00
C ASN A 83 -3.08 -4.52 12.02
N THR A 84 -2.58 -5.15 13.07
CA THR A 84 -2.67 -6.59 13.20
C THR A 84 -4.10 -7.08 13.00
N ILE A 85 -5.06 -6.27 13.43
CA ILE A 85 -6.47 -6.62 13.30
C ILE A 85 -6.95 -6.46 11.86
N ASP A 86 -6.69 -5.29 11.28
CA ASP A 86 -7.08 -5.02 9.90
C ASP A 86 -6.54 -6.09 8.96
N TYR A 87 -5.27 -6.45 9.15
CA TYR A 87 -4.63 -7.46 8.31
C TYR A 87 -5.17 -8.85 8.64
N GLY A 88 -5.17 -9.19 9.93
CA GLY A 88 -5.65 -10.49 10.36
C GLY A 88 -7.03 -10.81 9.82
N THR A 89 -7.87 -9.78 9.70
CA THR A 89 -9.22 -9.95 9.19
C THR A 89 -9.26 -9.89 7.67
N MET A 90 -8.26 -9.23 7.09
CA MET A 90 -8.17 -9.10 5.64
C MET A 90 -9.36 -8.33 5.09
N ASN A 91 -9.42 -7.03 5.40
CA ASN A 91 -10.51 -6.19 4.94
C ASN A 91 -10.06 -5.32 3.75
N GLY A 92 -10.32 -5.83 2.54
CA GLY A 92 -9.94 -5.09 1.35
C GLY A 92 -10.44 -3.67 1.35
N GLU A 93 -11.72 -3.50 1.68
CA GLU A 93 -12.32 -2.17 1.72
C GLU A 93 -11.53 -1.24 2.63
N LYS A 94 -11.22 -1.73 3.84
CA LYS A 94 -10.47 -0.94 4.80
C LYS A 94 -9.09 -0.59 4.27
N VAL A 95 -8.47 -1.53 3.58
CA VAL A 95 -7.14 -1.32 3.00
C VAL A 95 -7.16 -0.21 1.96
N LEU A 96 -7.86 -0.45 0.86
CA LEU A 96 -7.96 0.54 -0.21
C LEU A 96 -8.42 1.89 0.33
N GLN A 97 -9.34 1.85 1.28
CA GLN A 97 -9.87 3.08 1.87
C GLN A 97 -8.76 3.85 2.58
N LEU A 98 -7.96 3.14 3.37
CA LEU A 98 -6.87 3.76 4.11
C LEU A 98 -5.86 4.38 3.15
N ALA A 99 -5.37 3.57 2.21
CA ALA A 99 -4.41 4.04 1.23
C ALA A 99 -4.91 5.29 0.51
N ILE A 100 -6.05 5.15 -0.15
CA ILE A 100 -6.64 6.27 -0.89
C ILE A 100 -6.83 7.48 0.01
N ASN A 101 -7.41 7.26 1.18
CA ASN A 101 -7.66 8.33 2.14
C ASN A 101 -6.38 9.11 2.41
N ALA A 102 -5.29 8.38 2.67
CA ALA A 102 -4.00 9.01 2.94
C ALA A 102 -3.51 9.81 1.74
N PHE A 103 -3.66 9.22 0.55
CA PHE A 103 -3.22 9.87 -0.68
C PHE A 103 -3.88 11.24 -0.84
N ASN A 104 -5.20 11.25 -0.79
CA ASN A 104 -5.96 12.50 -0.92
C ASN A 104 -5.60 13.48 0.20
N ASN A 105 -5.49 12.96 1.41
CA ASN A 105 -5.15 13.79 2.56
C ASN A 105 -3.80 14.47 2.36
N LYS A 106 -2.86 13.77 1.74
CA LYS A 106 -1.53 14.31 1.48
C LYS A 106 -1.51 15.08 0.17
N SER A 107 -0.52 15.95 0.02
CA SER A 107 -0.39 16.76 -1.19
C SER A 107 0.81 16.30 -2.01
N SER A 108 0.54 15.69 -3.17
CA SER A 108 1.59 15.21 -4.04
C SER A 108 1.74 16.11 -5.27
N VAL A 109 1.50 17.40 -5.08
CA VAL A 109 1.61 18.37 -6.16
C VAL A 109 2.06 19.73 -5.64
N GLY A 1 -0.01 8.05 -20.08
CA GLY A 1 -0.11 6.84 -19.30
C GLY A 1 -1.51 6.58 -18.81
N PRO A 2 -1.70 5.48 -18.07
CA PRO A 2 -3.02 5.09 -17.53
C PRO A 2 -3.48 6.04 -16.42
N GLY A 3 -4.79 6.17 -16.29
CA GLY A 3 -5.35 7.03 -15.26
C GLY A 3 -5.86 6.27 -14.06
N SER A 4 -4.93 5.66 -13.32
CA SER A 4 -5.30 4.89 -12.13
C SER A 4 -4.28 5.10 -11.02
N MET A 5 -4.73 4.97 -9.78
CA MET A 5 -3.87 5.14 -8.62
C MET A 5 -3.19 3.83 -8.24
N ASN A 6 -1.89 3.73 -8.50
CA ASN A 6 -1.13 2.52 -8.20
C ASN A 6 -0.73 2.51 -6.72
N ILE A 7 -1.01 1.40 -6.05
CA ILE A 7 -0.67 1.24 -4.64
C ILE A 7 0.53 0.34 -4.46
N LEU A 8 1.40 0.69 -3.51
CA LEU A 8 2.60 -0.09 -3.23
C LEU A 8 2.50 -0.77 -1.87
N LEU A 9 2.74 -2.08 -1.86
CA LEU A 9 2.68 -2.86 -0.62
C LEU A 9 4.02 -3.52 -0.33
N VAL A 10 4.52 -3.33 0.87
CA VAL A 10 5.80 -3.91 1.28
C VAL A 10 5.59 -5.15 2.14
N CYS A 11 5.70 -6.33 1.52
CA CYS A 11 5.52 -7.58 2.23
C CYS A 11 6.24 -8.72 1.50
N GLY A 12 6.87 -9.60 2.27
CA GLY A 12 7.59 -10.71 1.67
C GLY A 12 6.65 -11.76 1.10
N ALA A 13 6.00 -12.52 1.97
CA ALA A 13 5.07 -13.55 1.54
C ALA A 13 3.89 -12.96 0.78
N GLY A 14 3.71 -13.40 -0.46
CA GLY A 14 2.62 -12.90 -1.27
C GLY A 14 2.96 -12.88 -2.75
N MET A 15 2.63 -13.96 -3.44
CA MET A 15 2.91 -14.07 -4.86
C MET A 15 1.60 -14.14 -5.67
N SER A 16 0.92 -13.01 -5.77
CA SER A 16 -0.34 -12.95 -6.51
C SER A 16 -1.39 -13.85 -5.86
N THR A 17 -2.65 -13.64 -6.24
CA THR A 17 -3.75 -14.43 -5.70
C THR A 17 -3.75 -14.39 -4.17
N SER A 18 -3.23 -13.30 -3.62
CA SER A 18 -3.18 -13.14 -2.16
C SER A 18 -4.54 -12.75 -1.60
N MET A 19 -4.73 -12.98 -0.31
CA MET A 19 -5.99 -12.64 0.35
C MET A 19 -6.27 -11.14 0.25
N LEU A 20 -5.30 -10.34 0.66
CA LEU A 20 -5.44 -8.88 0.63
C LEU A 20 -5.82 -8.41 -0.77
N VAL A 21 -4.93 -8.65 -1.74
CA VAL A 21 -5.18 -8.25 -3.11
C VAL A 21 -6.53 -8.76 -3.60
N GLN A 22 -6.90 -9.96 -3.17
CA GLN A 22 -8.17 -10.56 -3.56
C GLN A 22 -9.33 -9.68 -3.14
N ARG A 23 -9.46 -9.46 -1.83
CA ARG A 23 -10.53 -8.63 -1.29
C ARG A 23 -10.53 -7.26 -1.95
N ILE A 24 -9.41 -6.56 -1.86
CA ILE A 24 -9.28 -5.23 -2.44
C ILE A 24 -9.70 -5.23 -3.91
N GLU A 25 -9.23 -6.22 -4.66
CA GLU A 25 -9.57 -6.32 -6.07
C GLU A 25 -11.07 -6.50 -6.27
N LYS A 26 -11.70 -7.26 -5.36
CA LYS A 26 -13.13 -7.51 -5.43
C LYS A 26 -13.92 -6.21 -5.22
N TYR A 27 -13.75 -5.61 -4.05
CA TYR A 27 -14.44 -4.37 -3.72
C TYR A 27 -14.23 -3.32 -4.81
N ALA A 28 -12.99 -3.17 -5.24
CA ALA A 28 -12.64 -2.21 -6.28
C ALA A 28 -13.33 -2.56 -7.60
N LYS A 29 -13.14 -3.80 -8.04
CA LYS A 29 -13.73 -4.27 -9.29
C LYS A 29 -15.25 -4.13 -9.25
N SER A 30 -15.81 -4.14 -8.05
CA SER A 30 -17.25 -4.02 -7.88
C SER A 30 -17.68 -2.56 -7.89
N LYS A 31 -16.96 -1.73 -7.14
CA LYS A 31 -17.26 -0.31 -7.06
C LYS A 31 -16.86 0.40 -8.34
N ASN A 32 -16.09 -0.28 -9.19
CA ASN A 32 -15.65 0.28 -10.46
C ASN A 32 -14.82 1.55 -10.23
N ILE A 33 -13.68 1.39 -9.56
CA ILE A 33 -12.81 2.51 -9.28
C ILE A 33 -11.49 2.39 -10.05
N ASN A 34 -10.97 3.53 -10.50
CA ASN A 34 -9.72 3.55 -11.24
C ASN A 34 -8.52 3.51 -10.30
N ALA A 35 -8.16 2.31 -9.85
CA ALA A 35 -7.03 2.14 -8.95
C ALA A 35 -6.37 0.78 -9.14
N THR A 36 -5.18 0.62 -8.59
CA THR A 36 -4.44 -0.63 -8.70
C THR A 36 -3.59 -0.89 -7.46
N ILE A 37 -3.18 -2.13 -7.28
CA ILE A 37 -2.36 -2.51 -6.13
C ILE A 37 -1.26 -3.50 -6.54
N GLU A 38 -0.14 -3.43 -5.85
CA GLU A 38 0.98 -4.33 -6.14
C GLU A 38 1.89 -4.47 -4.92
N ALA A 39 2.63 -5.57 -4.86
CA ALA A 39 3.53 -5.83 -3.75
C ALA A 39 4.94 -6.14 -4.25
N ILE A 40 5.94 -5.71 -3.48
CA ILE A 40 7.33 -5.94 -3.85
C ILE A 40 8.23 -6.01 -2.61
N ALA A 41 9.52 -6.18 -2.83
CA ALA A 41 10.48 -6.25 -1.74
C ALA A 41 10.79 -4.86 -1.19
N GLU A 42 11.67 -4.81 -0.19
CA GLU A 42 12.04 -3.54 0.43
C GLU A 42 13.26 -2.95 -0.25
N THR A 43 13.75 -3.63 -1.29
CA THR A 43 14.92 -3.18 -2.04
C THR A 43 14.51 -2.40 -3.28
N ARG A 44 13.33 -2.70 -3.81
CA ARG A 44 12.83 -2.03 -5.00
C ARG A 44 11.67 -1.10 -4.64
N LEU A 45 11.55 -0.77 -3.36
CA LEU A 45 10.49 0.12 -2.89
C LEU A 45 10.73 1.54 -3.36
N SER A 46 11.88 2.09 -3.00
CA SER A 46 12.23 3.45 -3.39
C SER A 46 12.59 3.53 -4.87
N GLU A 47 12.71 2.37 -5.50
CA GLU A 47 13.05 2.30 -6.92
C GLU A 47 11.79 2.31 -7.78
N VAL A 48 10.67 1.92 -7.18
CA VAL A 48 9.39 1.87 -7.88
C VAL A 48 8.44 2.95 -7.36
N VAL A 49 8.69 3.42 -6.15
CA VAL A 49 7.86 4.46 -5.54
C VAL A 49 7.71 5.65 -6.47
N ASP A 50 8.73 5.90 -7.29
CA ASP A 50 8.71 7.01 -8.22
C ASP A 50 7.51 6.92 -9.16
N ARG A 51 7.01 5.69 -9.35
CA ARG A 51 5.87 5.45 -10.23
C ARG A 51 4.59 5.32 -9.42
N PHE A 52 4.66 4.55 -8.34
CA PHE A 52 3.50 4.33 -7.48
C PHE A 52 3.05 5.64 -6.82
N ASP A 53 2.01 5.56 -6.00
CA ASP A 53 1.49 6.73 -5.32
C ASP A 53 1.61 6.58 -3.80
N VAL A 54 0.98 5.54 -3.27
CA VAL A 54 1.02 5.28 -1.84
C VAL A 54 1.87 4.05 -1.52
N VAL A 55 2.49 4.05 -0.35
CA VAL A 55 3.33 2.94 0.07
C VAL A 55 2.94 2.43 1.46
N LEU A 56 2.24 1.30 1.48
CA LEU A 56 1.80 0.71 2.75
C LEU A 56 2.67 -0.48 3.13
N LEU A 57 3.01 -0.56 4.41
CA LEU A 57 3.85 -1.64 4.92
C LEU A 57 3.00 -2.74 5.54
N ALA A 58 3.49 -3.97 5.47
CA ALA A 58 2.78 -5.12 6.04
C ALA A 58 3.21 -5.38 7.47
N PRO A 59 2.37 -6.12 8.22
CA PRO A 59 2.65 -6.46 9.62
C PRO A 59 3.79 -7.45 9.75
N GLN A 60 5.02 -6.95 9.62
CA GLN A 60 6.21 -7.79 9.73
C GLN A 60 7.48 -6.96 9.55
N SER A 61 8.62 -7.57 9.86
CA SER A 61 9.90 -6.89 9.73
C SER A 61 9.99 -5.69 10.68
N ARG A 62 10.83 -5.82 11.71
CA ARG A 62 11.00 -4.75 12.69
C ARG A 62 11.96 -3.69 12.17
N PHE A 63 13.14 -4.11 11.72
CA PHE A 63 14.15 -3.20 11.21
C PHE A 63 13.63 -2.48 9.96
N ASN A 64 12.91 -3.22 9.11
CA ASN A 64 12.36 -2.66 7.89
C ASN A 64 11.33 -1.57 8.19
N LYS A 65 10.58 -1.78 9.27
CA LYS A 65 9.56 -0.82 9.67
C LYS A 65 10.18 0.51 10.09
N LYS A 66 11.14 0.43 11.00
CA LYS A 66 11.83 1.63 11.47
C LYS A 66 12.53 2.36 10.33
N ARG A 67 13.26 1.60 9.51
CA ARG A 67 13.96 2.18 8.38
C ARG A 67 12.99 2.80 7.37
N LEU A 68 12.01 2.00 6.95
CA LEU A 68 11.02 2.46 5.99
C LEU A 68 10.41 3.79 6.43
N GLU A 69 9.89 3.82 7.66
CA GLU A 69 9.29 5.03 8.20
C GLU A 69 10.32 6.14 8.36
N GLU A 70 11.53 5.75 8.75
CA GLU A 70 12.62 6.72 8.94
C GLU A 70 13.03 7.33 7.61
N ILE A 71 12.73 6.64 6.51
CA ILE A 71 13.07 7.12 5.19
C ILE A 71 11.90 7.85 4.55
N THR A 72 10.69 7.33 4.76
CA THR A 72 9.49 7.93 4.21
C THR A 72 9.22 9.30 4.83
N LYS A 73 9.46 9.40 6.15
CA LYS A 73 9.24 10.66 6.85
C LYS A 73 9.93 11.81 6.14
N PRO A 74 11.26 11.73 6.00
CA PRO A 74 12.05 12.76 5.34
C PRO A 74 11.81 12.80 3.83
N LYS A 75 11.49 11.65 3.26
CA LYS A 75 11.23 11.55 1.84
C LYS A 75 9.99 12.35 1.45
N GLY A 76 9.03 12.43 2.37
CA GLY A 76 7.81 13.16 2.11
C GLY A 76 6.88 12.43 1.16
N ILE A 77 6.37 11.28 1.61
CA ILE A 77 5.47 10.48 0.79
C ILE A 77 4.38 9.84 1.65
N PRO A 78 3.23 9.55 1.03
CA PRO A 78 2.09 8.92 1.72
C PRO A 78 2.37 7.47 2.11
N ILE A 79 2.83 7.27 3.33
CA ILE A 79 3.13 5.93 3.82
C ILE A 79 2.24 5.56 5.00
N GLU A 80 1.61 4.39 4.92
CA GLU A 80 0.74 3.91 5.97
C GLU A 80 1.11 2.50 6.41
N ILE A 81 0.52 2.04 7.51
CA ILE A 81 0.79 0.71 8.03
C ILE A 81 -0.50 0.00 8.41
N ILE A 82 -0.68 -1.21 7.89
CA ILE A 82 -1.87 -2.00 8.17
C ILE A 82 -1.82 -2.56 9.58
N ASN A 83 -2.99 -2.65 10.22
CA ASN A 83 -3.08 -3.19 11.57
C ASN A 83 -3.06 -4.72 11.57
N THR A 84 -2.54 -5.29 12.65
CA THR A 84 -2.44 -6.74 12.77
C THR A 84 -3.80 -7.40 12.50
N ILE A 85 -4.81 -7.01 13.28
CA ILE A 85 -6.14 -7.56 13.13
C ILE A 85 -6.68 -7.31 11.72
N ASP A 86 -6.49 -6.09 11.22
CA ASP A 86 -6.95 -5.74 9.89
C ASP A 86 -6.37 -6.67 8.84
N TYR A 87 -5.06 -6.90 8.92
CA TYR A 87 -4.37 -7.77 7.97
C TYR A 87 -4.91 -9.20 8.06
N GLY A 88 -4.86 -9.76 9.26
CA GLY A 88 -5.34 -11.12 9.45
C GLY A 88 -6.75 -11.32 8.93
N THR A 89 -7.60 -10.30 9.11
CA THR A 89 -8.97 -10.37 8.65
C THR A 89 -9.07 -10.11 7.15
N MET A 90 -8.05 -9.44 6.61
CA MET A 90 -8.03 -9.13 5.18
C MET A 90 -9.17 -8.20 4.81
N ASN A 91 -9.14 -6.98 5.36
CA ASN A 91 -10.17 -5.99 5.07
C ASN A 91 -9.83 -5.17 3.84
N GLY A 92 -10.17 -5.68 2.68
CA GLY A 92 -9.89 -4.98 1.43
C GLY A 92 -10.38 -3.54 1.46
N GLU A 93 -11.63 -3.35 1.86
CA GLU A 93 -12.22 -2.02 1.92
C GLU A 93 -11.35 -1.07 2.74
N LYS A 94 -10.90 -1.56 3.91
CA LYS A 94 -10.06 -0.76 4.79
C LYS A 94 -8.73 -0.43 4.12
N VAL A 95 -8.17 -1.40 3.42
CA VAL A 95 -6.89 -1.21 2.72
C VAL A 95 -7.00 -0.12 1.67
N LEU A 96 -7.81 -0.37 0.64
CA LEU A 96 -8.00 0.59 -0.43
C LEU A 96 -8.37 1.96 0.12
N GLN A 97 -9.38 2.00 0.99
CA GLN A 97 -9.82 3.25 1.60
C GLN A 97 -8.65 4.00 2.22
N LEU A 98 -7.84 3.29 3.00
CA LEU A 98 -6.68 3.90 3.65
C LEU A 98 -5.75 4.53 2.62
N ALA A 99 -5.34 3.75 1.64
CA ALA A 99 -4.46 4.24 0.58
C ALA A 99 -5.04 5.48 -0.08
N ILE A 100 -6.35 5.49 -0.28
CA ILE A 100 -7.01 6.63 -0.90
C ILE A 100 -6.87 7.89 -0.05
N ASN A 101 -7.45 7.86 1.15
CA ASN A 101 -7.39 9.00 2.06
C ASN A 101 -5.93 9.43 2.29
N ALA A 102 -5.03 8.45 2.29
CA ALA A 102 -3.61 8.72 2.51
C ALA A 102 -3.03 9.52 1.35
N PHE A 103 -3.36 9.12 0.13
CA PHE A 103 -2.86 9.79 -1.06
C PHE A 103 -3.39 11.22 -1.14
N ASN A 104 -4.71 11.36 -1.01
CA ASN A 104 -5.35 12.68 -1.07
C ASN A 104 -4.84 13.57 0.06
N ASN A 105 -5.00 13.11 1.29
CA ASN A 105 -4.55 13.87 2.46
C ASN A 105 -3.08 14.23 2.34
N LYS A 106 -2.29 13.30 1.81
CA LYS A 106 -0.85 13.51 1.64
C LYS A 106 -0.17 13.70 2.99
N SER A 107 1.14 13.94 2.96
CA SER A 107 1.91 14.13 4.18
C SER A 107 2.20 15.60 4.42
N SER A 108 2.99 16.19 3.53
CA SER A 108 3.35 17.61 3.65
C SER A 108 4.17 18.06 2.45
N VAL A 109 3.49 18.41 1.37
CA VAL A 109 4.15 18.87 0.16
C VAL A 109 5.09 17.80 -0.39
N GLY A 1 -4.77 7.49 -21.40
CA GLY A 1 -5.84 7.14 -20.46
C GLY A 1 -5.92 8.10 -19.30
N PRO A 2 -6.80 7.78 -18.33
CA PRO A 2 -7.00 8.62 -17.13
C PRO A 2 -5.80 8.57 -16.19
N GLY A 3 -5.83 9.40 -15.16
CA GLY A 3 -4.75 9.44 -14.21
C GLY A 3 -4.69 8.21 -13.33
N SER A 4 -5.79 7.91 -12.66
CA SER A 4 -5.86 6.75 -11.78
C SER A 4 -4.85 6.85 -10.65
N MET A 5 -4.89 5.89 -9.74
CA MET A 5 -3.97 5.88 -8.60
C MET A 5 -3.30 4.52 -8.45
N ASN A 6 -2.09 4.50 -7.92
CA ASN A 6 -1.35 3.27 -7.72
C ASN A 6 -0.97 3.08 -6.26
N ILE A 7 -1.16 1.88 -5.75
CA ILE A 7 -0.85 1.57 -4.36
C ILE A 7 0.27 0.53 -4.27
N LEU A 8 1.13 0.68 -3.27
CA LEU A 8 2.24 -0.25 -3.08
C LEU A 8 2.10 -0.98 -1.75
N LEU A 9 2.29 -2.29 -1.78
CA LEU A 9 2.19 -3.11 -0.57
C LEU A 9 3.48 -3.88 -0.33
N VAL A 10 4.06 -3.69 0.86
CA VAL A 10 5.30 -4.36 1.22
C VAL A 10 5.03 -5.56 2.12
N CYS A 11 5.29 -6.76 1.61
CA CYS A 11 5.08 -7.98 2.36
C CYS A 11 5.52 -9.20 1.56
N GLY A 12 6.58 -9.86 2.03
CA GLY A 12 7.09 -11.03 1.34
C GLY A 12 6.15 -12.21 1.44
N ALA A 13 5.74 -12.73 0.28
CA ALA A 13 4.84 -13.87 0.23
C ALA A 13 5.30 -14.90 -0.79
N GLY A 14 5.38 -16.16 -0.36
CA GLY A 14 5.81 -17.22 -1.26
C GLY A 14 4.68 -17.75 -2.11
N MET A 15 4.01 -16.86 -2.82
CA MET A 15 2.90 -17.25 -3.68
C MET A 15 2.65 -16.21 -4.77
N SER A 16 2.33 -16.68 -5.97
CA SER A 16 2.08 -15.77 -7.09
C SER A 16 0.94 -14.81 -6.77
N THR A 17 -0.17 -15.35 -6.29
CA THR A 17 -1.33 -14.55 -5.95
C THR A 17 -1.23 -14.02 -4.51
N SER A 18 -2.18 -13.18 -4.13
CA SER A 18 -2.20 -12.61 -2.79
C SER A 18 -3.63 -12.35 -2.33
N MET A 19 -3.97 -12.87 -1.15
CA MET A 19 -5.31 -12.70 -0.60
C MET A 19 -5.69 -11.22 -0.54
N LEU A 20 -4.83 -10.42 0.08
CA LEU A 20 -5.09 -8.99 0.20
C LEU A 20 -5.39 -8.37 -1.17
N VAL A 21 -4.48 -8.57 -2.11
CA VAL A 21 -4.66 -8.04 -3.47
C VAL A 21 -5.99 -8.47 -4.06
N GLN A 22 -6.38 -9.72 -3.79
CA GLN A 22 -7.63 -10.25 -4.30
C GLN A 22 -8.82 -9.47 -3.75
N ARG A 23 -8.86 -9.29 -2.44
CA ARG A 23 -9.94 -8.56 -1.79
C ARG A 23 -10.03 -7.13 -2.32
N ILE A 24 -8.93 -6.40 -2.25
CA ILE A 24 -8.88 -5.02 -2.73
C ILE A 24 -9.30 -4.94 -4.19
N GLU A 25 -8.75 -5.85 -5.01
CA GLU A 25 -9.06 -5.88 -6.43
C GLU A 25 -10.55 -6.11 -6.65
N LYS A 26 -11.15 -6.97 -5.81
CA LYS A 26 -12.57 -7.28 -5.92
C LYS A 26 -13.42 -6.05 -5.63
N TYR A 27 -13.27 -5.50 -4.43
CA TYR A 27 -14.02 -4.33 -4.01
C TYR A 27 -13.89 -3.21 -5.04
N ALA A 28 -12.66 -2.94 -5.47
CA ALA A 28 -12.39 -1.90 -6.45
C ALA A 28 -13.04 -2.24 -7.79
N LYS A 29 -12.81 -3.46 -8.27
CA LYS A 29 -13.38 -3.89 -9.54
C LYS A 29 -14.90 -3.80 -9.52
N SER A 30 -15.48 -3.93 -8.34
CA SER A 30 -16.94 -3.85 -8.19
C SER A 30 -17.39 -2.40 -8.07
N LYS A 31 -16.63 -1.60 -7.32
CA LYS A 31 -16.96 -0.20 -7.13
C LYS A 31 -16.67 0.61 -8.38
N ASN A 32 -15.89 0.01 -9.28
CA ASN A 32 -15.54 0.68 -10.53
C ASN A 32 -14.70 1.94 -10.28
N ILE A 33 -13.56 1.75 -9.61
CA ILE A 33 -12.68 2.87 -9.30
C ILE A 33 -11.37 2.78 -10.09
N ASN A 34 -10.90 3.91 -10.59
CA ASN A 34 -9.66 3.96 -11.35
C ASN A 34 -8.45 3.90 -10.43
N ALA A 35 -8.09 2.69 -10.01
CA ALA A 35 -6.94 2.51 -9.13
C ALA A 35 -6.30 1.14 -9.34
N THR A 36 -5.09 0.96 -8.81
CA THR A 36 -4.38 -0.30 -8.94
C THR A 36 -3.53 -0.58 -7.71
N ILE A 37 -3.32 -1.86 -7.41
CA ILE A 37 -2.52 -2.25 -6.26
C ILE A 37 -1.54 -3.36 -6.63
N GLU A 38 -0.39 -3.38 -5.94
CA GLU A 38 0.62 -4.39 -6.20
C GLU A 38 1.45 -4.66 -4.95
N ALA A 39 1.83 -5.92 -4.76
CA ALA A 39 2.63 -6.31 -3.60
C ALA A 39 3.99 -6.84 -4.02
N ILE A 40 5.04 -6.39 -3.33
CA ILE A 40 6.40 -6.82 -3.65
C ILE A 40 7.28 -6.79 -2.40
N ALA A 41 8.56 -7.12 -2.57
CA ALA A 41 9.51 -7.12 -1.47
C ALA A 41 10.11 -5.73 -1.27
N GLU A 42 11.09 -5.64 -0.37
CA GLU A 42 11.74 -4.37 -0.08
C GLU A 42 12.87 -4.12 -1.07
N THR A 43 13.38 -5.18 -1.68
CA THR A 43 14.46 -5.07 -2.65
C THR A 43 14.02 -4.28 -3.88
N ARG A 44 12.75 -4.40 -4.22
CA ARG A 44 12.20 -3.69 -5.38
C ARG A 44 11.21 -2.62 -4.94
N LEU A 45 11.26 -2.27 -3.67
CA LEU A 45 10.36 -1.25 -3.12
C LEU A 45 10.73 0.14 -3.62
N SER A 46 11.98 0.54 -3.38
CA SER A 46 12.46 1.85 -3.80
C SER A 46 12.66 1.88 -5.32
N GLU A 47 12.61 0.71 -5.95
CA GLU A 47 12.78 0.61 -7.39
C GLU A 47 11.44 0.80 -8.12
N VAL A 48 10.35 0.57 -7.39
CA VAL A 48 9.02 0.72 -7.96
C VAL A 48 8.30 1.92 -7.36
N VAL A 49 8.75 2.36 -6.20
CA VAL A 49 8.14 3.49 -5.51
C VAL A 49 8.04 4.70 -6.43
N ASP A 50 8.98 4.80 -7.36
CA ASP A 50 9.00 5.91 -8.31
C ASP A 50 7.75 5.88 -9.20
N ARG A 51 7.29 4.68 -9.53
CA ARG A 51 6.11 4.51 -10.38
C ARG A 51 4.84 4.67 -9.56
N PHE A 52 4.80 4.03 -8.39
CA PHE A 52 3.64 4.10 -7.52
C PHE A 52 3.52 5.47 -6.86
N ASP A 53 2.43 5.70 -6.14
CA ASP A 53 2.21 6.96 -5.47
C ASP A 53 2.05 6.76 -3.96
N VAL A 54 1.30 5.72 -3.59
CA VAL A 54 1.07 5.41 -2.18
C VAL A 54 1.83 4.15 -1.77
N VAL A 55 2.30 4.14 -0.52
CA VAL A 55 3.04 2.99 0.00
C VAL A 55 2.41 2.48 1.29
N LEU A 56 2.46 1.16 1.49
CA LEU A 56 1.89 0.55 2.67
C LEU A 56 2.78 -0.60 3.17
N LEU A 57 2.99 -0.66 4.48
CA LEU A 57 3.81 -1.71 5.07
C LEU A 57 2.94 -2.74 5.80
N ALA A 58 3.44 -3.96 5.90
CA ALA A 58 2.72 -5.03 6.58
C ALA A 58 3.33 -5.33 7.94
N PRO A 59 2.54 -5.98 8.82
CA PRO A 59 2.99 -6.34 10.16
C PRO A 59 4.05 -7.44 10.15
N GLN A 60 5.31 -7.03 10.05
CA GLN A 60 6.42 -7.99 10.03
C GLN A 60 7.76 -7.25 9.93
N SER A 61 7.82 -6.26 9.06
CA SER A 61 9.04 -5.49 8.86
C SER A 61 9.57 -4.96 10.20
N ARG A 62 10.65 -5.55 10.68
CA ARG A 62 11.24 -5.14 11.95
C ARG A 62 12.02 -3.84 11.78
N PHE A 63 13.10 -3.89 11.01
CA PHE A 63 13.93 -2.72 10.77
C PHE A 63 13.37 -1.87 9.63
N ASN A 64 12.81 -2.55 8.63
CA ASN A 64 12.22 -1.85 7.48
C ASN A 64 11.24 -0.78 7.93
N LYS A 65 10.41 -1.12 8.90
CA LYS A 65 9.41 -0.19 9.42
C LYS A 65 10.07 1.11 9.87
N LYS A 66 11.01 1.01 10.80
CA LYS A 66 11.72 2.18 11.31
C LYS A 66 12.35 2.98 10.17
N ARG A 67 13.16 2.30 9.36
CA ARG A 67 13.82 2.96 8.23
C ARG A 67 12.80 3.68 7.36
N LEU A 68 11.86 2.93 6.79
CA LEU A 68 10.84 3.51 5.93
C LEU A 68 10.16 4.69 6.61
N GLU A 69 10.03 4.61 7.94
CA GLU A 69 9.40 5.67 8.71
C GLU A 69 10.27 6.92 8.74
N GLU A 70 11.50 6.75 9.23
CA GLU A 70 12.45 7.87 9.32
C GLU A 70 12.73 8.46 7.93
N ILE A 71 12.43 7.68 6.90
CA ILE A 71 12.64 8.12 5.52
C ILE A 71 11.40 8.79 4.96
N THR A 72 10.23 8.26 5.33
CA THR A 72 8.96 8.81 4.86
C THR A 72 8.71 10.20 5.43
N LYS A 73 9.11 10.40 6.68
CA LYS A 73 8.93 11.69 7.35
C LYS A 73 9.46 12.82 6.48
N PRO A 74 10.77 12.78 6.20
CA PRO A 74 11.43 13.80 5.37
C PRO A 74 11.01 13.73 3.90
N LYS A 75 10.80 12.52 3.41
CA LYS A 75 10.38 12.31 2.03
C LYS A 75 9.00 12.90 1.78
N GLY A 76 8.22 13.06 2.85
CA GLY A 76 6.89 13.61 2.72
C GLY A 76 6.04 12.86 1.72
N ILE A 77 5.90 11.55 1.93
CA ILE A 77 5.11 10.72 1.02
C ILE A 77 4.00 9.99 1.78
N PRO A 78 2.92 9.65 1.06
CA PRO A 78 1.78 8.94 1.64
C PRO A 78 2.11 7.51 2.02
N ILE A 79 2.39 7.27 3.30
CA ILE A 79 2.72 5.95 3.78
C ILE A 79 1.77 5.51 4.90
N GLU A 80 1.34 4.26 4.86
CA GLU A 80 0.44 3.72 5.86
C GLU A 80 0.88 2.33 6.31
N ILE A 81 0.26 1.83 7.37
CA ILE A 81 0.59 0.51 7.90
C ILE A 81 -0.67 -0.29 8.20
N ILE A 82 -0.62 -1.58 7.90
CA ILE A 82 -1.77 -2.46 8.14
C ILE A 82 -1.72 -3.05 9.54
N ASN A 83 -2.65 -2.60 10.40
CA ASN A 83 -2.72 -3.08 11.77
C ASN A 83 -2.74 -4.60 11.82
N THR A 84 -2.32 -5.16 12.94
CA THR A 84 -2.30 -6.61 13.11
C THR A 84 -3.65 -7.23 12.79
N ILE A 85 -4.71 -6.65 13.35
CA ILE A 85 -6.06 -7.13 13.11
C ILE A 85 -6.45 -6.97 11.65
N ASP A 86 -6.27 -5.77 11.11
CA ASP A 86 -6.61 -5.49 9.73
C ASP A 86 -5.91 -6.48 8.79
N TYR A 87 -4.65 -6.78 9.08
CA TYR A 87 -3.88 -7.71 8.26
C TYR A 87 -4.38 -9.14 8.45
N GLY A 88 -4.35 -9.61 9.69
CA GLY A 88 -4.80 -10.97 9.98
C GLY A 88 -6.20 -11.24 9.44
N THR A 89 -7.00 -10.19 9.33
CA THR A 89 -8.36 -10.32 8.83
C THR A 89 -8.41 -10.12 7.31
N MET A 90 -7.44 -9.38 6.79
CA MET A 90 -7.37 -9.12 5.36
C MET A 90 -8.61 -8.35 4.89
N ASN A 91 -8.75 -7.12 5.38
CA ASN A 91 -9.89 -6.29 5.02
C ASN A 91 -9.55 -5.40 3.82
N GLY A 92 -9.86 -5.89 2.62
CA GLY A 92 -9.58 -5.13 1.42
C GLY A 92 -10.13 -3.72 1.47
N GLU A 93 -11.40 -3.59 1.89
CA GLU A 93 -12.04 -2.30 1.99
C GLU A 93 -11.20 -1.34 2.83
N LYS A 94 -10.80 -1.79 4.02
CA LYS A 94 -10.01 -0.98 4.92
C LYS A 94 -8.66 -0.63 4.29
N VAL A 95 -8.10 -1.58 3.55
CA VAL A 95 -6.81 -1.36 2.89
C VAL A 95 -6.90 -0.24 1.87
N LEU A 96 -7.66 -0.46 0.80
CA LEU A 96 -7.82 0.55 -0.25
C LEU A 96 -8.25 1.88 0.34
N GLN A 97 -9.24 1.85 1.21
CA GLN A 97 -9.75 3.06 1.85
C GLN A 97 -8.61 3.83 2.52
N LEU A 98 -7.80 3.12 3.31
CA LEU A 98 -6.67 3.73 4.01
C LEU A 98 -5.71 4.38 3.02
N ALA A 99 -5.32 3.64 2.00
CA ALA A 99 -4.41 4.14 0.98
C ALA A 99 -4.91 5.46 0.39
N ILE A 100 -6.20 5.49 0.04
CA ILE A 100 -6.81 6.68 -0.54
C ILE A 100 -6.73 7.86 0.43
N ASN A 101 -7.19 7.65 1.65
CA ASN A 101 -7.18 8.69 2.67
C ASN A 101 -5.78 9.28 2.83
N ALA A 102 -4.79 8.39 2.92
CA ALA A 102 -3.40 8.82 3.06
C ALA A 102 -2.96 9.68 1.89
N PHE A 103 -3.24 9.20 0.68
CA PHE A 103 -2.88 9.93 -0.54
C PHE A 103 -3.43 11.35 -0.51
N ASN A 104 -4.73 11.46 -0.30
CA ASN A 104 -5.40 12.77 -0.25
C ASN A 104 -4.90 13.58 0.94
N ASN A 105 -4.55 12.88 2.02
CA ASN A 105 -4.07 13.54 3.22
C ASN A 105 -2.78 14.31 2.95
N LYS A 106 -1.83 13.64 2.29
CA LYS A 106 -0.56 14.25 1.96
C LYS A 106 -0.68 15.14 0.74
N SER A 107 -1.65 14.83 -0.12
CA SER A 107 -1.88 15.61 -1.33
C SER A 107 -0.65 15.57 -2.24
N SER A 108 -0.80 16.10 -3.45
CA SER A 108 0.30 16.12 -4.42
C SER A 108 0.08 17.20 -5.46
N VAL A 109 0.39 18.44 -5.10
CA VAL A 109 0.23 19.57 -6.00
C VAL A 109 1.41 20.54 -5.90
N GLY A 1 -6.37 5.92 -20.94
CA GLY A 1 -5.71 7.13 -20.50
C GLY A 1 -5.37 7.10 -19.03
N PRO A 2 -4.54 8.07 -18.60
CA PRO A 2 -4.11 8.18 -17.21
C PRO A 2 -5.24 8.61 -16.28
N GLY A 3 -4.90 8.89 -15.03
CA GLY A 3 -5.90 9.31 -14.06
C GLY A 3 -6.21 8.22 -13.05
N SER A 4 -5.23 7.38 -12.76
CA SER A 4 -5.40 6.29 -11.80
C SER A 4 -4.29 6.30 -10.76
N MET A 5 -4.67 6.01 -9.51
CA MET A 5 -3.70 5.99 -8.41
C MET A 5 -3.06 4.61 -8.29
N ASN A 6 -1.80 4.59 -7.84
CA ASN A 6 -1.07 3.34 -7.68
C ASN A 6 -0.68 3.13 -6.22
N ILE A 7 -1.28 2.14 -5.58
CA ILE A 7 -1.00 1.84 -4.19
C ILE A 7 0.07 0.75 -4.07
N LEU A 8 1.12 1.03 -3.29
CA LEU A 8 2.20 0.08 -3.09
C LEU A 8 2.06 -0.65 -1.76
N LEU A 9 2.19 -1.97 -1.81
CA LEU A 9 2.07 -2.79 -0.60
C LEU A 9 3.35 -3.55 -0.33
N VAL A 10 3.74 -3.63 0.94
CA VAL A 10 4.95 -4.34 1.33
C VAL A 10 4.65 -5.40 2.39
N CYS A 11 4.95 -6.65 2.06
CA CYS A 11 4.72 -7.76 2.97
C CYS A 11 5.46 -9.01 2.51
N GLY A 12 5.89 -9.82 3.47
CA GLY A 12 6.60 -11.04 3.14
C GLY A 12 5.72 -12.05 2.42
N ALA A 13 5.70 -11.99 1.10
CA ALA A 13 4.90 -12.90 0.30
C ALA A 13 5.55 -14.27 0.19
N GLY A 14 4.78 -15.27 -0.22
CA GLY A 14 5.31 -16.61 -0.35
C GLY A 14 4.62 -17.40 -1.44
N MET A 15 4.76 -16.93 -2.67
CA MET A 15 4.14 -17.60 -3.82
C MET A 15 2.63 -17.60 -3.69
N SER A 16 1.95 -17.97 -4.78
CA SER A 16 0.49 -18.02 -4.79
C SER A 16 -0.10 -16.63 -4.58
N THR A 17 -1.40 -16.49 -4.83
CA THR A 17 -2.08 -15.22 -4.67
C THR A 17 -2.20 -14.84 -3.20
N SER A 18 -2.42 -13.55 -2.94
CA SER A 18 -2.55 -13.06 -1.57
C SER A 18 -3.99 -12.63 -1.28
N MET A 19 -4.50 -13.06 -0.14
CA MET A 19 -5.87 -12.73 0.26
C MET A 19 -6.08 -11.22 0.25
N LEU A 20 -5.09 -10.49 0.75
CA LEU A 20 -5.17 -9.03 0.80
C LEU A 20 -5.47 -8.46 -0.59
N VAL A 21 -4.51 -8.56 -1.49
CA VAL A 21 -4.68 -8.07 -2.85
C VAL A 21 -5.96 -8.59 -3.49
N GLN A 22 -6.30 -9.84 -3.16
CA GLN A 22 -7.51 -10.46 -3.69
C GLN A 22 -8.74 -9.64 -3.34
N ARG A 23 -8.96 -9.42 -2.05
CA ARG A 23 -10.11 -8.65 -1.59
C ARG A 23 -10.08 -7.23 -2.15
N ILE A 24 -8.90 -6.61 -2.11
CA ILE A 24 -8.74 -5.25 -2.61
C ILE A 24 -9.16 -5.15 -4.07
N GLU A 25 -8.57 -6.01 -4.91
CA GLU A 25 -8.90 -6.02 -6.33
C GLU A 25 -10.38 -6.28 -6.55
N LYS A 26 -10.94 -7.21 -5.79
CA LYS A 26 -12.36 -7.55 -5.90
C LYS A 26 -13.23 -6.34 -5.62
N TYR A 27 -13.06 -5.76 -4.43
CA TYR A 27 -13.85 -4.59 -4.03
C TYR A 27 -13.75 -3.50 -5.09
N ALA A 28 -12.52 -3.12 -5.43
CA ALA A 28 -12.29 -2.08 -6.43
C ALA A 28 -12.96 -2.43 -7.75
N LYS A 29 -12.71 -3.65 -8.22
CA LYS A 29 -13.29 -4.10 -9.48
C LYS A 29 -14.82 -4.12 -9.41
N SER A 30 -15.35 -4.25 -8.19
CA SER A 30 -16.78 -4.29 -7.99
C SER A 30 -17.36 -2.87 -7.99
N LYS A 31 -16.75 -1.98 -7.22
CA LYS A 31 -17.20 -0.61 -7.14
C LYS A 31 -16.87 0.16 -8.41
N ASN A 32 -15.96 -0.40 -9.22
CA ASN A 32 -15.56 0.23 -10.46
C ASN A 32 -14.86 1.57 -10.21
N ILE A 33 -13.75 1.51 -9.48
CA ILE A 33 -12.99 2.71 -9.16
C ILE A 33 -11.68 2.76 -9.93
N ASN A 34 -11.28 3.94 -10.35
CA ASN A 34 -10.04 4.12 -11.10
C ASN A 34 -8.84 4.12 -10.16
N ALA A 35 -8.39 2.92 -9.80
CA ALA A 35 -7.23 2.77 -8.91
C ALA A 35 -6.50 1.46 -9.17
N THR A 36 -5.29 1.36 -8.64
CA THR A 36 -4.48 0.16 -8.82
C THR A 36 -3.68 -0.16 -7.56
N ILE A 37 -3.37 -1.44 -7.36
CA ILE A 37 -2.62 -1.87 -6.20
C ILE A 37 -1.71 -3.05 -6.54
N GLU A 38 -0.57 -3.13 -5.86
CA GLU A 38 0.38 -4.22 -6.09
C GLU A 38 1.24 -4.45 -4.85
N ALA A 39 1.59 -5.71 -4.62
CA ALA A 39 2.42 -6.07 -3.48
C ALA A 39 3.74 -6.70 -3.92
N ILE A 40 4.84 -6.05 -3.57
CA ILE A 40 6.16 -6.54 -3.94
C ILE A 40 7.05 -6.70 -2.70
N ALA A 41 8.29 -7.11 -2.93
CA ALA A 41 9.24 -7.30 -1.83
C ALA A 41 9.94 -6.00 -1.47
N GLU A 42 10.91 -6.08 -0.58
CA GLU A 42 11.65 -4.89 -0.15
C GLU A 42 12.81 -4.61 -1.09
N THR A 43 13.27 -5.65 -1.79
CA THR A 43 14.38 -5.51 -2.74
C THR A 43 14.04 -4.52 -3.83
N ARG A 44 12.79 -4.54 -4.29
CA ARG A 44 12.34 -3.64 -5.35
C ARG A 44 11.34 -2.62 -4.81
N LEU A 45 11.32 -2.46 -3.49
CA LEU A 45 10.41 -1.52 -2.84
C LEU A 45 10.91 -0.09 -3.01
N SER A 46 12.11 0.17 -2.52
CA SER A 46 12.71 1.49 -2.60
C SER A 46 13.09 1.83 -4.04
N GLU A 47 13.08 0.81 -4.89
CA GLU A 47 13.44 0.99 -6.30
C GLU A 47 12.22 1.41 -7.11
N VAL A 48 11.03 1.11 -6.60
CA VAL A 48 9.79 1.46 -7.27
C VAL A 48 9.03 2.54 -6.51
N VAL A 49 9.44 2.77 -5.27
CA VAL A 49 8.80 3.78 -4.43
C VAL A 49 8.88 5.16 -5.07
N ASP A 50 9.83 5.33 -5.98
CA ASP A 50 10.02 6.60 -6.68
C ASP A 50 9.11 6.68 -7.91
N ARG A 51 8.25 5.67 -8.07
CA ARG A 51 7.33 5.64 -9.20
C ARG A 51 5.88 5.62 -8.73
N PHE A 52 5.61 4.79 -7.72
CA PHE A 52 4.26 4.69 -7.18
C PHE A 52 3.84 6.00 -6.51
N ASP A 53 2.64 6.00 -5.93
CA ASP A 53 2.12 7.18 -5.27
C ASP A 53 2.16 7.01 -3.75
N VAL A 54 1.38 6.06 -3.24
CA VAL A 54 1.33 5.80 -1.80
C VAL A 54 2.00 4.47 -1.47
N VAL A 55 2.47 4.35 -0.23
CA VAL A 55 3.13 3.14 0.22
C VAL A 55 2.50 2.61 1.51
N LEU A 56 2.39 1.29 1.61
CA LEU A 56 1.80 0.66 2.79
C LEU A 56 2.63 -0.54 3.24
N LEU A 57 2.89 -0.63 4.54
CA LEU A 57 3.67 -1.74 5.09
C LEU A 57 2.77 -2.71 5.84
N ALA A 58 3.20 -3.97 5.93
CA ALA A 58 2.44 -4.98 6.63
C ALA A 58 3.08 -5.33 7.98
N PRO A 59 2.29 -5.94 8.87
CA PRO A 59 2.76 -6.33 10.20
C PRO A 59 3.75 -7.48 10.15
N GLN A 60 5.00 -7.17 9.79
CA GLN A 60 6.04 -8.18 9.70
C GLN A 60 7.37 -7.55 9.27
N SER A 61 7.60 -6.33 9.71
CA SER A 61 8.83 -5.62 9.37
C SER A 61 9.64 -5.29 10.63
N ARG A 62 10.91 -5.64 10.62
CA ARG A 62 11.79 -5.39 11.75
C ARG A 62 12.49 -4.03 11.61
N PHE A 63 13.35 -3.92 10.60
CA PHE A 63 14.08 -2.69 10.36
C PHE A 63 13.46 -1.90 9.22
N ASN A 64 12.83 -2.62 8.29
CA ASN A 64 12.19 -1.99 7.14
C ASN A 64 11.24 -0.87 7.58
N LYS A 65 10.55 -1.10 8.68
CA LYS A 65 9.61 -0.12 9.21
C LYS A 65 10.32 1.18 9.54
N LYS A 66 11.32 1.09 10.43
CA LYS A 66 12.09 2.27 10.82
C LYS A 66 12.64 3.00 9.60
N ARG A 67 13.33 2.28 8.74
CA ARG A 67 13.91 2.86 7.54
C ARG A 67 12.85 3.53 6.69
N LEU A 68 11.81 2.77 6.33
CA LEU A 68 10.72 3.29 5.52
C LEU A 68 10.18 4.59 6.11
N GLU A 69 10.07 4.64 7.43
CA GLU A 69 9.56 5.82 8.12
C GLU A 69 10.56 6.95 8.04
N GLU A 70 11.83 6.65 8.33
CA GLU A 70 12.88 7.66 8.28
C GLU A 70 13.10 8.17 6.87
N ILE A 71 12.61 7.41 5.89
CA ILE A 71 12.75 7.79 4.48
C ILE A 71 11.50 8.51 3.99
N THR A 72 10.34 8.05 4.43
CA THR A 72 9.07 8.65 4.03
C THR A 72 8.93 10.06 4.59
N LYS A 73 9.38 10.24 5.84
CA LYS A 73 9.31 11.54 6.49
C LYS A 73 9.89 12.64 5.60
N PRO A 74 11.18 12.51 5.27
CA PRO A 74 11.88 13.47 4.43
C PRO A 74 11.41 13.42 2.97
N LYS A 75 11.03 12.23 2.51
CA LYS A 75 10.56 12.05 1.15
C LYS A 75 9.25 12.82 0.93
N GLY A 76 8.42 12.87 1.96
CA GLY A 76 7.15 13.58 1.86
C GLY A 76 6.12 12.80 1.06
N ILE A 77 5.76 11.62 1.56
CA ILE A 77 4.78 10.79 0.87
C ILE A 77 3.89 10.06 1.88
N PRO A 78 2.67 9.71 1.44
CA PRO A 78 1.70 9.00 2.29
C PRO A 78 2.12 7.56 2.57
N ILE A 79 2.41 7.27 3.83
CA ILE A 79 2.83 5.94 4.24
C ILE A 79 2.00 5.44 5.41
N GLU A 80 1.25 4.36 5.19
CA GLU A 80 0.41 3.78 6.24
C GLU A 80 0.85 2.36 6.55
N ILE A 81 0.29 1.80 7.62
CA ILE A 81 0.62 0.44 8.03
C ILE A 81 -0.65 -0.35 8.37
N ILE A 82 -0.73 -1.57 7.83
CA ILE A 82 -1.88 -2.43 8.07
C ILE A 82 -1.82 -3.05 9.46
N ASN A 83 -2.84 -2.77 10.27
CA ASN A 83 -2.90 -3.30 11.62
C ASN A 83 -2.99 -4.82 11.61
N THR A 84 -2.46 -5.45 12.66
CA THR A 84 -2.47 -6.90 12.76
C THR A 84 -3.88 -7.46 12.56
N ILE A 85 -4.87 -6.75 13.09
CA ILE A 85 -6.25 -7.18 12.97
C ILE A 85 -6.73 -7.10 11.52
N ASP A 86 -6.63 -5.91 10.93
CA ASP A 86 -7.05 -5.69 9.55
C ASP A 86 -6.31 -6.65 8.61
N TYR A 87 -5.03 -6.89 8.90
CA TYR A 87 -4.22 -7.77 8.08
C TYR A 87 -4.73 -9.21 8.16
N GLY A 88 -4.70 -9.78 9.36
CA GLY A 88 -5.17 -11.14 9.54
C GLY A 88 -6.57 -11.35 9.01
N THR A 89 -7.40 -10.32 9.10
CA THR A 89 -8.78 -10.40 8.63
C THR A 89 -8.84 -10.23 7.11
N MET A 90 -7.84 -9.56 6.55
CA MET A 90 -7.79 -9.33 5.11
C MET A 90 -8.96 -8.46 4.66
N ASN A 91 -8.99 -7.23 5.13
CA ASN A 91 -10.05 -6.29 4.77
C ASN A 91 -9.64 -5.41 3.61
N GLY A 92 -9.85 -5.90 2.39
CA GLY A 92 -9.47 -5.14 1.21
C GLY A 92 -10.05 -3.74 1.22
N GLU A 93 -11.35 -3.64 1.50
CA GLU A 93 -12.02 -2.35 1.54
C GLU A 93 -11.28 -1.37 2.45
N LYS A 94 -10.96 -1.83 3.66
CA LYS A 94 -10.25 -1.00 4.63
C LYS A 94 -8.87 -0.61 4.10
N VAL A 95 -8.20 -1.55 3.44
CA VAL A 95 -6.88 -1.29 2.88
C VAL A 95 -6.93 -0.17 1.84
N LEU A 96 -7.60 -0.44 0.73
CA LEU A 96 -7.72 0.56 -0.34
C LEU A 96 -8.23 1.89 0.21
N GLN A 97 -9.19 1.81 1.13
CA GLN A 97 -9.77 3.01 1.73
C GLN A 97 -8.70 3.81 2.48
N LEU A 98 -7.84 3.10 3.18
CA LEU A 98 -6.77 3.74 3.95
C LEU A 98 -5.77 4.41 3.03
N ALA A 99 -5.26 3.66 2.06
CA ALA A 99 -4.29 4.19 1.11
C ALA A 99 -4.83 5.45 0.42
N ILE A 100 -6.01 5.34 -0.17
CA ILE A 100 -6.63 6.47 -0.86
C ILE A 100 -6.84 7.64 0.09
N ASN A 101 -7.43 7.37 1.25
CA ASN A 101 -7.68 8.40 2.24
C ASN A 101 -6.40 9.17 2.56
N ALA A 102 -5.33 8.44 2.86
CA ALA A 102 -4.05 9.06 3.17
C ALA A 102 -3.51 9.85 1.99
N PHE A 103 -3.72 9.32 0.79
CA PHE A 103 -3.24 9.97 -0.43
C PHE A 103 -3.85 11.36 -0.56
N ASN A 104 -5.18 11.44 -0.51
CA ASN A 104 -5.88 12.70 -0.62
C ASN A 104 -5.51 13.64 0.52
N ASN A 105 -5.48 13.10 1.73
CA ASN A 105 -5.15 13.88 2.91
C ASN A 105 -3.75 14.47 2.79
N LYS A 106 -2.83 13.72 2.18
CA LYS A 106 -1.46 14.16 2.00
C LYS A 106 -0.84 14.58 3.33
N SER A 107 -0.49 13.59 4.15
CA SER A 107 0.11 13.85 5.44
C SER A 107 0.44 12.55 6.16
N SER A 108 1.73 12.29 6.36
CA SER A 108 2.18 11.09 7.03
C SER A 108 2.06 11.22 8.54
N VAL A 109 2.55 10.22 9.26
CA VAL A 109 2.50 10.22 10.72
C VAL A 109 3.82 10.67 11.32
N GLY A 1 -11.84 12.66 -18.86
CA GLY A 1 -10.53 12.12 -19.21
C GLY A 1 -10.11 10.99 -18.28
N PRO A 2 -8.98 10.34 -18.61
CA PRO A 2 -8.44 9.23 -17.82
C PRO A 2 -7.90 9.69 -16.47
N GLY A 3 -7.82 8.76 -15.52
CA GLY A 3 -7.32 9.09 -14.20
C GLY A 3 -7.44 7.92 -13.23
N SER A 4 -6.31 7.54 -12.63
CA SER A 4 -6.30 6.43 -11.69
C SER A 4 -5.22 6.64 -10.62
N MET A 5 -5.25 5.82 -9.59
CA MET A 5 -4.27 5.91 -8.51
C MET A 5 -3.44 4.63 -8.42
N ASN A 6 -2.24 4.75 -7.86
CA ASN A 6 -1.34 3.61 -7.72
C ASN A 6 -1.01 3.36 -6.25
N ILE A 7 -1.45 2.21 -5.74
CA ILE A 7 -1.21 1.85 -4.35
C ILE A 7 -0.09 0.81 -4.24
N LEU A 8 0.81 1.02 -3.29
CA LEU A 8 1.92 0.09 -3.08
C LEU A 8 1.76 -0.66 -1.78
N LEU A 9 2.14 -1.94 -1.78
CA LEU A 9 2.03 -2.78 -0.59
C LEU A 9 3.39 -3.36 -0.22
N VAL A 10 3.75 -3.24 1.05
CA VAL A 10 5.03 -3.76 1.54
C VAL A 10 4.81 -4.85 2.58
N CYS A 11 5.60 -5.92 2.48
CA CYS A 11 5.50 -7.04 3.40
C CYS A 11 6.55 -8.09 3.11
N GLY A 12 6.36 -8.84 2.03
CA GLY A 12 7.31 -9.88 1.65
C GLY A 12 6.63 -11.20 1.35
N ALA A 13 6.37 -11.45 0.07
CA ALA A 13 5.73 -12.69 -0.35
C ALA A 13 6.67 -13.54 -1.20
N GLY A 14 6.86 -13.13 -2.45
CA GLY A 14 7.74 -13.86 -3.34
C GLY A 14 7.16 -14.03 -4.73
N MET A 15 5.83 -14.02 -4.81
CA MET A 15 5.14 -14.17 -6.09
C MET A 15 4.08 -13.09 -6.27
N SER A 16 3.44 -13.09 -7.43
CA SER A 16 2.40 -12.11 -7.73
C SER A 16 1.03 -12.61 -7.28
N THR A 17 0.00 -11.81 -7.54
CA THR A 17 -1.36 -12.17 -7.17
C THR A 17 -1.42 -12.67 -5.73
N SER A 18 -1.25 -11.77 -4.78
CA SER A 18 -1.28 -12.12 -3.37
C SER A 18 -2.69 -11.97 -2.80
N MET A 19 -2.89 -12.45 -1.58
CA MET A 19 -4.19 -12.37 -0.93
C MET A 19 -4.69 -10.93 -0.88
N LEU A 20 -3.84 -10.03 -0.36
CA LEU A 20 -4.18 -8.62 -0.26
C LEU A 20 -4.66 -8.08 -1.60
N VAL A 21 -3.79 -8.13 -2.60
CA VAL A 21 -4.12 -7.65 -3.93
C VAL A 21 -5.43 -8.25 -4.43
N GLN A 22 -5.61 -9.54 -4.17
CA GLN A 22 -6.82 -10.23 -4.59
C GLN A 22 -8.06 -9.57 -4.02
N ARG A 23 -8.15 -9.53 -2.69
CA ARG A 23 -9.29 -8.92 -2.01
C ARG A 23 -9.52 -7.49 -2.52
N ILE A 24 -8.50 -6.66 -2.38
CA ILE A 24 -8.59 -5.27 -2.83
C ILE A 24 -9.07 -5.18 -4.27
N GLU A 25 -8.55 -6.06 -5.12
CA GLU A 25 -8.93 -6.08 -6.53
C GLU A 25 -10.43 -6.37 -6.69
N LYS A 26 -10.93 -7.31 -5.89
CA LYS A 26 -12.34 -7.67 -5.93
C LYS A 26 -13.22 -6.50 -5.51
N TYR A 27 -13.00 -5.99 -4.30
CA TYR A 27 -13.77 -4.88 -3.78
C TYR A 27 -13.78 -3.71 -4.79
N ALA A 28 -12.59 -3.33 -5.24
CA ALA A 28 -12.46 -2.24 -6.19
C ALA A 28 -13.16 -2.57 -7.50
N LYS A 29 -12.94 -3.77 -8.01
CA LYS A 29 -13.55 -4.21 -9.25
C LYS A 29 -15.07 -4.13 -9.17
N SER A 30 -15.61 -4.36 -7.98
CA SER A 30 -17.05 -4.31 -7.76
C SER A 30 -17.53 -2.86 -7.65
N LYS A 31 -16.78 -2.05 -6.93
CA LYS A 31 -17.13 -0.64 -6.75
C LYS A 31 -16.89 0.15 -8.02
N ASN A 32 -16.12 -0.43 -8.94
CA ASN A 32 -15.81 0.22 -10.21
C ASN A 32 -15.01 1.50 -10.00
N ILE A 33 -13.91 1.38 -9.27
CA ILE A 33 -13.05 2.52 -8.98
C ILE A 33 -11.76 2.44 -9.78
N ASN A 34 -11.33 3.58 -10.33
CA ASN A 34 -10.11 3.65 -11.11
C ASN A 34 -8.88 3.67 -10.22
N ALA A 35 -8.46 2.50 -9.76
CA ALA A 35 -7.29 2.37 -8.90
C ALA A 35 -6.61 1.02 -9.06
N THR A 36 -5.39 0.91 -8.56
CA THR A 36 -4.63 -0.33 -8.66
C THR A 36 -3.72 -0.51 -7.45
N ILE A 37 -3.46 -1.76 -7.10
CA ILE A 37 -2.60 -2.08 -5.97
C ILE A 37 -1.71 -3.28 -6.26
N GLU A 38 -0.51 -3.28 -5.68
CA GLU A 38 0.44 -4.37 -5.88
C GLU A 38 1.44 -4.44 -4.73
N ALA A 39 2.05 -5.61 -4.56
CA ALA A 39 3.04 -5.81 -3.51
C ALA A 39 4.42 -6.13 -4.09
N ILE A 40 5.46 -5.63 -3.42
CA ILE A 40 6.82 -5.86 -3.88
C ILE A 40 7.79 -5.89 -2.70
N ALA A 41 9.06 -6.17 -2.99
CA ALA A 41 10.08 -6.22 -1.95
C ALA A 41 10.50 -4.82 -1.53
N GLU A 42 11.30 -4.75 -0.46
CA GLU A 42 11.77 -3.47 0.05
C GLU A 42 12.77 -2.84 -0.91
N THR A 43 13.64 -3.67 -1.49
CA THR A 43 14.65 -3.19 -2.43
C THR A 43 14.00 -2.66 -3.70
N ARG A 44 12.80 -3.15 -4.01
CA ARG A 44 12.08 -2.73 -5.20
C ARG A 44 11.13 -1.57 -4.88
N LEU A 45 10.77 -1.45 -3.61
CA LEU A 45 9.86 -0.39 -3.17
C LEU A 45 10.34 0.97 -3.66
N SER A 46 11.58 1.32 -3.34
CA SER A 46 12.16 2.59 -3.74
C SER A 46 12.37 2.62 -5.26
N GLU A 47 12.26 1.46 -5.89
CA GLU A 47 12.45 1.36 -7.34
C GLU A 47 11.11 1.42 -8.06
N VAL A 48 10.03 1.35 -7.30
CA VAL A 48 8.68 1.39 -7.87
C VAL A 48 7.94 2.64 -7.43
N VAL A 49 8.33 3.19 -6.29
CA VAL A 49 7.70 4.39 -5.76
C VAL A 49 7.64 5.49 -6.81
N ASP A 50 8.61 5.50 -7.71
CA ASP A 50 8.68 6.50 -8.76
C ASP A 50 7.37 6.53 -9.55
N ARG A 51 6.67 5.40 -9.60
CA ARG A 51 5.41 5.30 -10.31
C ARG A 51 4.23 5.27 -9.35
N PHE A 52 4.37 4.47 -8.28
CA PHE A 52 3.32 4.34 -7.29
C PHE A 52 2.98 5.70 -6.67
N ASP A 53 2.04 5.71 -5.74
CA ASP A 53 1.62 6.94 -5.07
C ASP A 53 1.72 6.79 -3.56
N VAL A 54 1.02 5.81 -3.01
CA VAL A 54 1.03 5.56 -1.58
C VAL A 54 1.80 4.29 -1.24
N VAL A 55 2.52 4.33 -0.12
CA VAL A 55 3.30 3.18 0.33
C VAL A 55 2.85 2.69 1.69
N LEU A 56 2.06 1.63 1.70
CA LEU A 56 1.56 1.07 2.96
C LEU A 56 2.33 -0.18 3.35
N LEU A 57 2.76 -0.25 4.61
CA LEU A 57 3.51 -1.39 5.10
C LEU A 57 2.65 -2.26 6.02
N ALA A 58 2.81 -3.57 5.91
CA ALA A 58 2.05 -4.51 6.74
C ALA A 58 2.42 -4.36 8.20
N PRO A 59 1.52 -4.85 9.09
CA PRO A 59 1.74 -4.80 10.53
C PRO A 59 2.85 -5.72 11.00
N GLN A 60 3.24 -6.65 10.13
CA GLN A 60 4.30 -7.60 10.45
C GLN A 60 5.66 -7.06 10.03
N SER A 61 6.35 -6.41 10.98
CA SER A 61 7.66 -5.83 10.70
C SER A 61 8.32 -5.35 11.99
N ARG A 62 9.48 -5.93 12.31
CA ARG A 62 10.20 -5.56 13.52
C ARG A 62 11.21 -4.45 13.22
N PHE A 63 11.83 -4.51 12.05
CA PHE A 63 12.81 -3.51 11.66
C PHE A 63 12.35 -2.75 10.43
N ASN A 64 11.54 -3.41 9.61
CA ASN A 64 11.02 -2.81 8.38
C ASN A 64 10.38 -1.45 8.68
N LYS A 65 9.47 -1.43 9.65
CA LYS A 65 8.79 -0.21 10.04
C LYS A 65 9.78 0.91 10.33
N LYS A 66 10.81 0.60 11.10
CA LYS A 66 11.84 1.57 11.45
C LYS A 66 12.50 2.13 10.19
N ARG A 67 13.05 1.24 9.38
CA ARG A 67 13.72 1.66 8.14
C ARG A 67 12.78 2.49 7.28
N LEU A 68 11.67 1.89 6.86
CA LEU A 68 10.70 2.59 6.02
C LEU A 68 10.31 3.93 6.63
N GLU A 69 10.31 3.99 7.96
CA GLU A 69 9.96 5.21 8.67
C GLU A 69 11.04 6.26 8.50
N GLU A 70 12.26 5.92 8.91
CA GLU A 70 13.39 6.84 8.81
C GLU A 70 13.64 7.23 7.36
N ILE A 71 13.11 6.44 6.44
CA ILE A 71 13.28 6.70 5.01
C ILE A 71 12.13 7.54 4.47
N THR A 72 10.93 7.30 4.99
CA THR A 72 9.74 8.03 4.56
C THR A 72 9.82 9.49 5.00
N LYS A 73 10.34 9.72 6.19
CA LYS A 73 10.47 11.08 6.72
C LYS A 73 11.13 12.00 5.70
N PRO A 74 12.38 11.68 5.33
CA PRO A 74 13.15 12.47 4.37
C PRO A 74 12.59 12.34 2.95
N LYS A 75 12.11 11.16 2.61
CA LYS A 75 11.55 10.91 1.29
C LYS A 75 10.30 11.74 1.07
N GLY A 76 9.65 12.13 2.17
CA GLY A 76 8.44 12.93 2.07
C GLY A 76 7.38 12.29 1.18
N ILE A 77 6.90 11.12 1.59
CA ILE A 77 5.88 10.41 0.83
C ILE A 77 4.78 9.89 1.74
N PRO A 78 3.58 9.70 1.18
CA PRO A 78 2.42 9.20 1.92
C PRO A 78 2.57 7.74 2.32
N ILE A 79 3.00 7.51 3.55
CA ILE A 79 3.19 6.16 4.06
C ILE A 79 2.24 5.87 5.23
N GLU A 80 1.61 4.71 5.19
CA GLU A 80 0.68 4.31 6.24
C GLU A 80 0.89 2.85 6.64
N ILE A 81 0.21 2.43 7.70
CA ILE A 81 0.32 1.06 8.18
C ILE A 81 -1.06 0.42 8.33
N ILE A 82 -1.20 -0.78 7.76
CA ILE A 82 -2.46 -1.51 7.83
C ILE A 82 -2.71 -2.04 9.23
N ASN A 83 -3.90 -1.79 9.75
CA ASN A 83 -4.28 -2.25 11.08
C ASN A 83 -4.01 -3.74 11.23
N THR A 84 -3.39 -4.12 12.35
CA THR A 84 -3.08 -5.52 12.61
C THR A 84 -4.32 -6.39 12.46
N ILE A 85 -5.45 -5.91 12.96
CA ILE A 85 -6.70 -6.65 12.87
C ILE A 85 -7.15 -6.80 11.42
N ASP A 86 -7.05 -5.72 10.66
CA ASP A 86 -7.44 -5.73 9.25
C ASP A 86 -6.58 -6.71 8.45
N TYR A 87 -5.29 -6.41 8.36
CA TYR A 87 -4.35 -7.25 7.62
C TYR A 87 -4.34 -8.66 8.19
N GLY A 88 -4.59 -8.78 9.49
CA GLY A 88 -4.60 -10.07 10.13
C GLY A 88 -5.73 -10.95 9.63
N THR A 89 -6.95 -10.43 9.66
CA THR A 89 -8.13 -11.17 9.22
C THR A 89 -8.47 -10.85 7.77
N MET A 90 -7.50 -10.28 7.05
CA MET A 90 -7.69 -9.92 5.66
C MET A 90 -8.82 -8.89 5.51
N ASN A 91 -8.45 -7.63 5.35
CA ASN A 91 -9.43 -6.57 5.21
C ASN A 91 -9.10 -5.70 3.99
N GLY A 92 -9.55 -6.15 2.82
CA GLY A 92 -9.30 -5.40 1.60
C GLY A 92 -9.90 -4.02 1.63
N GLU A 93 -11.15 -3.91 2.05
CA GLU A 93 -11.84 -2.63 2.13
C GLU A 93 -11.01 -1.63 2.92
N LYS A 94 -10.50 -2.05 4.07
CA LYS A 94 -9.70 -1.19 4.92
C LYS A 94 -8.39 -0.81 4.23
N VAL A 95 -7.75 -1.80 3.61
CA VAL A 95 -6.49 -1.58 2.91
C VAL A 95 -6.62 -0.46 1.87
N LEU A 96 -7.48 -0.68 0.89
CA LEU A 96 -7.70 0.30 -0.17
C LEU A 96 -8.16 1.63 0.43
N GLN A 97 -9.10 1.56 1.36
CA GLN A 97 -9.63 2.76 2.00
C GLN A 97 -8.50 3.60 2.58
N LEU A 98 -7.61 2.96 3.33
CA LEU A 98 -6.48 3.65 3.94
C LEU A 98 -5.57 4.27 2.88
N ALA A 99 -5.22 3.47 1.88
CA ALA A 99 -4.36 3.93 0.79
C ALA A 99 -4.89 5.22 0.19
N ILE A 100 -6.14 5.18 -0.28
CA ILE A 100 -6.77 6.36 -0.88
C ILE A 100 -6.79 7.53 0.09
N ASN A 101 -7.19 7.26 1.33
CA ASN A 101 -7.25 8.31 2.35
C ASN A 101 -5.92 9.06 2.44
N ALA A 102 -4.83 8.30 2.56
CA ALA A 102 -3.51 8.89 2.66
C ALA A 102 -3.12 9.59 1.35
N PHE A 103 -3.57 9.04 0.24
CA PHE A 103 -3.27 9.60 -1.07
C PHE A 103 -3.80 11.04 -1.17
N ASN A 104 -5.07 11.21 -0.84
CA ASN A 104 -5.69 12.54 -0.90
C ASN A 104 -5.31 13.38 0.31
N ASN A 105 -4.96 12.70 1.40
CA ASN A 105 -4.56 13.38 2.63
C ASN A 105 -3.26 14.15 2.44
N LYS A 106 -2.29 13.49 1.78
CA LYS A 106 -1.00 14.10 1.53
C LYS A 106 -0.36 14.58 2.84
N SER A 107 -0.05 13.64 3.72
CA SER A 107 0.56 13.97 5.00
C SER A 107 1.94 14.58 4.81
N SER A 108 2.70 14.01 3.87
CA SER A 108 4.05 14.49 3.59
C SER A 108 4.02 15.98 3.19
N VAL A 109 4.52 16.82 4.09
CA VAL A 109 4.56 18.27 3.85
C VAL A 109 5.42 18.59 2.64
N GLY A 1 -4.16 11.35 -20.47
CA GLY A 1 -4.91 10.10 -20.41
C GLY A 1 -5.21 9.68 -18.99
N PRO A 2 -5.73 8.45 -18.84
CA PRO A 2 -6.08 7.90 -17.53
C PRO A 2 -4.85 7.57 -16.69
N GLY A 3 -4.75 8.21 -15.53
CA GLY A 3 -3.60 7.98 -14.66
C GLY A 3 -3.89 6.93 -13.60
N SER A 4 -5.06 7.02 -12.98
CA SER A 4 -5.45 6.07 -11.95
C SER A 4 -4.51 6.16 -10.75
N MET A 5 -4.96 5.64 -9.61
CA MET A 5 -4.16 5.66 -8.39
C MET A 5 -3.42 4.34 -8.22
N ASN A 6 -2.10 4.42 -8.09
CA ASN A 6 -1.27 3.23 -7.92
C ASN A 6 -0.88 3.06 -6.45
N ILE A 7 -1.35 1.97 -5.85
CA ILE A 7 -1.06 1.67 -4.45
C ILE A 7 0.09 0.67 -4.34
N LEU A 8 0.99 0.93 -3.39
CA LEU A 8 2.14 0.05 -3.17
C LEU A 8 2.02 -0.68 -1.83
N LEU A 9 2.26 -1.97 -1.85
CA LEU A 9 2.18 -2.80 -0.65
C LEU A 9 3.50 -3.51 -0.38
N VAL A 10 3.94 -3.50 0.88
CA VAL A 10 5.18 -4.14 1.26
C VAL A 10 4.98 -5.07 2.46
N CYS A 11 5.01 -6.37 2.20
CA CYS A 11 4.84 -7.36 3.26
C CYS A 11 6.08 -8.22 3.42
N GLY A 12 6.71 -8.55 2.30
CA GLY A 12 7.91 -9.37 2.34
C GLY A 12 7.65 -10.81 1.91
N ALA A 13 6.40 -11.24 2.05
CA ALA A 13 6.02 -12.60 1.67
C ALA A 13 4.55 -12.68 1.29
N GLY A 14 4.27 -12.56 0.00
CA GLY A 14 2.89 -12.63 -0.47
C GLY A 14 2.65 -11.71 -1.66
N MET A 15 2.01 -12.25 -2.69
CA MET A 15 1.72 -11.48 -3.90
C MET A 15 0.91 -12.30 -4.88
N SER A 16 1.23 -13.59 -4.98
CA SER A 16 0.53 -14.48 -5.90
C SER A 16 -0.92 -14.68 -5.47
N THR A 17 -1.79 -13.81 -5.96
CA THR A 17 -3.22 -13.89 -5.63
C THR A 17 -3.42 -13.98 -4.12
N SER A 18 -2.66 -13.19 -3.38
CA SER A 18 -2.77 -13.18 -1.92
C SER A 18 -4.17 -12.80 -1.47
N MET A 19 -4.49 -13.10 -0.22
CA MET A 19 -5.81 -12.78 0.34
C MET A 19 -6.04 -11.28 0.32
N LEU A 20 -5.13 -10.53 0.93
CA LEU A 20 -5.25 -9.07 0.98
C LEU A 20 -5.47 -8.49 -0.41
N VAL A 21 -4.48 -8.68 -1.28
CA VAL A 21 -4.57 -8.17 -2.64
C VAL A 21 -5.87 -8.61 -3.31
N GLN A 22 -6.28 -9.84 -3.05
CA GLN A 22 -7.51 -10.37 -3.63
C GLN A 22 -8.72 -9.56 -3.18
N ARG A 23 -8.78 -9.27 -1.87
CA ARG A 23 -9.89 -8.50 -1.32
C ARG A 23 -9.89 -7.08 -1.88
N ILE A 24 -8.71 -6.52 -2.07
CA ILE A 24 -8.58 -5.17 -2.59
C ILE A 24 -9.00 -5.11 -4.06
N GLU A 25 -8.40 -5.97 -4.87
CA GLU A 25 -8.72 -6.00 -6.30
C GLU A 25 -10.19 -6.34 -6.52
N LYS A 26 -10.74 -7.18 -5.66
CA LYS A 26 -12.14 -7.59 -5.76
C LYS A 26 -13.06 -6.41 -5.45
N TYR A 27 -12.93 -5.86 -4.25
CA TYR A 27 -13.75 -4.73 -3.83
C TYR A 27 -13.69 -3.61 -4.86
N ALA A 28 -12.48 -3.27 -5.28
CA ALA A 28 -12.29 -2.20 -6.26
C ALA A 28 -12.94 -2.57 -7.60
N LYS A 29 -12.61 -3.75 -8.11
CA LYS A 29 -13.16 -4.21 -9.37
C LYS A 29 -14.68 -4.17 -9.35
N SER A 30 -15.27 -4.38 -8.19
CA SER A 30 -16.72 -4.36 -8.04
C SER A 30 -17.23 -2.93 -7.88
N LYS A 31 -16.48 -2.11 -7.15
CA LYS A 31 -16.86 -0.72 -6.93
C LYS A 31 -16.65 0.11 -8.20
N ASN A 32 -15.88 -0.45 -9.14
CA ASN A 32 -15.61 0.24 -10.40
C ASN A 32 -14.82 1.52 -10.16
N ILE A 33 -13.69 1.38 -9.46
CA ILE A 33 -12.84 2.54 -9.16
C ILE A 33 -11.53 2.46 -9.95
N ASN A 34 -11.04 3.62 -10.37
CA ASN A 34 -9.80 3.70 -11.13
C ASN A 34 -8.59 3.64 -10.20
N ALA A 35 -8.21 2.43 -9.80
CA ALA A 35 -7.08 2.24 -8.92
C ALA A 35 -6.42 0.87 -9.14
N THR A 36 -5.22 0.70 -8.61
CA THR A 36 -4.50 -0.56 -8.76
C THR A 36 -3.63 -0.84 -7.53
N ILE A 37 -3.51 -2.11 -7.18
CA ILE A 37 -2.70 -2.50 -6.03
C ILE A 37 -1.64 -3.54 -6.42
N GLU A 38 -0.47 -3.43 -5.82
CA GLU A 38 0.62 -4.35 -6.10
C GLU A 38 1.53 -4.52 -4.89
N ALA A 39 1.86 -5.77 -4.58
CA ALA A 39 2.72 -6.06 -3.43
C ALA A 39 4.09 -6.56 -3.89
N ILE A 40 5.14 -5.94 -3.37
CA ILE A 40 6.50 -6.33 -3.74
C ILE A 40 7.41 -6.33 -2.51
N ALA A 41 8.69 -6.61 -2.73
CA ALA A 41 9.66 -6.65 -1.64
C ALA A 41 10.26 -5.26 -1.40
N GLU A 42 11.24 -5.19 -0.52
CA GLU A 42 11.90 -3.94 -0.19
C GLU A 42 13.01 -3.62 -1.19
N THR A 43 13.49 -4.66 -1.88
CA THR A 43 14.54 -4.50 -2.87
C THR A 43 14.09 -3.61 -4.03
N ARG A 44 12.84 -3.78 -4.43
CA ARG A 44 12.28 -3.00 -5.53
C ARG A 44 11.43 -1.85 -5.00
N LEU A 45 11.27 -1.79 -3.69
CA LEU A 45 10.48 -0.73 -3.06
C LEU A 45 10.93 0.64 -3.53
N SER A 46 12.23 0.91 -3.42
CA SER A 46 12.78 2.19 -3.84
C SER A 46 12.78 2.31 -5.36
N GLU A 47 12.47 1.21 -6.04
CA GLU A 47 12.44 1.19 -7.50
C GLU A 47 11.00 1.25 -8.00
N VAL A 48 10.05 1.25 -7.07
CA VAL A 48 8.63 1.31 -7.42
C VAL A 48 7.95 2.51 -6.79
N VAL A 49 8.42 2.89 -5.61
CA VAL A 49 7.86 4.04 -4.90
C VAL A 49 8.17 5.34 -5.62
N ASP A 50 9.07 5.28 -6.59
CA ASP A 50 9.45 6.45 -7.36
C ASP A 50 8.34 6.86 -8.33
N ARG A 51 7.45 5.91 -8.62
CA ARG A 51 6.33 6.16 -9.53
C ARG A 51 5.00 5.97 -8.82
N PHE A 52 4.96 5.02 -7.89
CA PHE A 52 3.75 4.73 -7.14
C PHE A 52 3.22 5.99 -6.45
N ASP A 53 2.08 5.86 -5.80
CA ASP A 53 1.46 6.98 -5.10
C ASP A 53 1.55 6.81 -3.59
N VAL A 54 0.93 5.75 -3.09
CA VAL A 54 0.95 5.46 -1.65
C VAL A 54 1.82 4.25 -1.35
N VAL A 55 2.47 4.28 -0.19
CA VAL A 55 3.34 3.18 0.23
C VAL A 55 2.90 2.62 1.57
N LEU A 56 2.21 1.48 1.54
CA LEU A 56 1.73 0.85 2.76
C LEU A 56 2.59 -0.36 3.12
N LEU A 57 3.03 -0.43 4.38
CA LEU A 57 3.86 -1.53 4.84
C LEU A 57 3.08 -2.43 5.81
N ALA A 58 3.04 -3.72 5.51
CA ALA A 58 2.34 -4.68 6.36
C ALA A 58 3.09 -4.90 7.67
N PRO A 59 2.37 -5.41 8.68
CA PRO A 59 2.95 -5.68 10.00
C PRO A 59 3.93 -6.84 9.98
N GLN A 60 5.14 -6.58 9.50
CA GLN A 60 6.18 -7.60 9.43
C GLN A 60 7.51 -7.00 8.97
N SER A 61 8.27 -6.48 9.92
CA SER A 61 9.56 -5.87 9.61
C SER A 61 10.24 -5.35 10.88
N ARG A 62 11.31 -6.03 11.27
CA ARG A 62 12.05 -5.64 12.47
C ARG A 62 12.79 -4.32 12.27
N PHE A 63 13.60 -4.27 11.22
CA PHE A 63 14.37 -3.07 10.91
C PHE A 63 13.76 -2.34 9.71
N ASN A 64 13.23 -3.11 8.78
CA ASN A 64 12.61 -2.53 7.57
C ASN A 64 11.58 -1.48 7.95
N LYS A 65 10.87 -1.71 9.04
CA LYS A 65 9.84 -0.78 9.50
C LYS A 65 10.47 0.57 9.87
N LYS A 66 11.43 0.54 10.79
CA LYS A 66 12.12 1.76 11.22
C LYS A 66 12.73 2.49 10.03
N ARG A 67 13.36 1.75 9.14
CA ARG A 67 13.99 2.33 7.96
C ARG A 67 12.95 2.99 7.07
N LEU A 68 11.91 2.23 6.71
CA LEU A 68 10.85 2.74 5.85
C LEU A 68 10.30 4.06 6.38
N GLU A 69 9.88 4.06 7.64
CA GLU A 69 9.35 5.26 8.26
C GLU A 69 10.41 6.35 8.34
N GLU A 70 11.63 5.96 8.69
CA GLU A 70 12.73 6.91 8.80
C GLU A 70 13.04 7.55 7.45
N ILE A 71 12.66 6.86 6.37
CA ILE A 71 12.90 7.35 5.03
C ILE A 71 11.70 8.13 4.51
N THR A 72 10.51 7.68 4.87
CA THR A 72 9.28 8.34 4.44
C THR A 72 9.14 9.71 5.08
N LYS A 73 9.57 9.82 6.33
CA LYS A 73 9.50 11.08 7.06
C LYS A 73 10.11 12.22 6.25
N PRO A 74 11.40 12.09 5.94
CA PRO A 74 12.14 13.10 5.16
C PRO A 74 11.70 13.14 3.71
N LYS A 75 11.39 11.96 3.15
CA LYS A 75 10.96 11.86 1.77
C LYS A 75 9.62 12.57 1.56
N GLY A 76 8.85 12.69 2.64
CA GLY A 76 7.56 13.34 2.56
C GLY A 76 6.61 12.63 1.61
N ILE A 77 6.24 11.40 1.96
CA ILE A 77 5.33 10.62 1.13
C ILE A 77 4.24 9.96 1.98
N PRO A 78 3.09 9.69 1.35
CA PRO A 78 1.96 9.05 2.03
C PRO A 78 2.23 7.59 2.38
N ILE A 79 2.67 7.36 3.62
CA ILE A 79 2.97 6.02 4.08
C ILE A 79 2.05 5.62 5.23
N GLU A 80 1.52 4.40 5.16
CA GLU A 80 0.63 3.90 6.20
C GLU A 80 0.96 2.45 6.55
N ILE A 81 0.40 1.97 7.66
CA ILE A 81 0.63 0.61 8.10
C ILE A 81 -0.67 -0.16 8.27
N ILE A 82 -0.72 -1.37 7.73
CA ILE A 82 -1.92 -2.20 7.81
C ILE A 82 -2.10 -2.75 9.23
N ASN A 83 -3.19 -2.36 9.87
CA ASN A 83 -3.49 -2.81 11.23
C ASN A 83 -3.42 -4.33 11.32
N THR A 84 -3.04 -4.83 12.50
CA THR A 84 -2.92 -6.27 12.71
C THR A 84 -4.21 -6.98 12.32
N ILE A 85 -5.30 -6.66 13.04
CA ILE A 85 -6.59 -7.27 12.77
C ILE A 85 -6.97 -7.13 11.29
N ASP A 86 -6.79 -5.94 10.75
CA ASP A 86 -7.11 -5.68 9.34
C ASP A 86 -6.33 -6.61 8.43
N TYR A 87 -5.05 -6.81 8.74
CA TYR A 87 -4.19 -7.68 7.94
C TYR A 87 -4.69 -9.12 7.98
N GLY A 88 -4.80 -9.68 9.18
CA GLY A 88 -5.26 -11.04 9.33
C GLY A 88 -6.65 -11.24 8.74
N THR A 89 -7.55 -10.31 9.02
CA THR A 89 -8.92 -10.39 8.51
C THR A 89 -8.98 -10.11 7.02
N MET A 90 -7.92 -9.49 6.50
CA MET A 90 -7.85 -9.18 5.08
C MET A 90 -8.96 -8.20 4.68
N ASN A 91 -8.96 -7.03 5.31
CA ASN A 91 -9.97 -6.01 5.03
C ASN A 91 -9.56 -5.18 3.81
N GLY A 92 -9.79 -5.73 2.63
CA GLY A 92 -9.45 -5.03 1.41
C GLY A 92 -10.02 -3.62 1.37
N GLU A 93 -11.30 -3.49 1.72
CA GLU A 93 -11.97 -2.19 1.72
C GLU A 93 -11.20 -1.19 2.58
N LYS A 94 -10.87 -1.60 3.80
CA LYS A 94 -10.14 -0.74 4.72
C LYS A 94 -8.78 -0.37 4.16
N VAL A 95 -8.13 -1.33 3.49
CA VAL A 95 -6.82 -1.11 2.90
C VAL A 95 -6.88 -0.03 1.82
N LEU A 96 -7.56 -0.35 0.73
CA LEU A 96 -7.70 0.59 -0.38
C LEU A 96 -8.19 1.95 0.11
N GLN A 97 -9.13 1.92 1.05
CA GLN A 97 -9.70 3.15 1.61
C GLN A 97 -8.61 3.98 2.29
N LEU A 98 -7.91 3.37 3.22
CA LEU A 98 -6.85 4.05 3.95
C LEU A 98 -5.84 4.67 2.98
N ALA A 99 -5.38 3.87 2.02
CA ALA A 99 -4.42 4.35 1.04
C ALA A 99 -4.94 5.58 0.30
N ILE A 100 -6.07 5.43 -0.37
CA ILE A 100 -6.67 6.53 -1.11
C ILE A 100 -6.88 7.75 -0.21
N ASN A 101 -7.29 7.51 1.02
CA ASN A 101 -7.52 8.58 1.98
C ASN A 101 -6.25 9.39 2.21
N ALA A 102 -5.14 8.67 2.41
CA ALA A 102 -3.85 9.31 2.65
C ALA A 102 -3.40 10.11 1.43
N PHE A 103 -3.52 9.49 0.26
CA PHE A 103 -3.13 10.15 -0.99
C PHE A 103 -3.88 11.46 -1.18
N ASN A 104 -5.20 11.39 -1.06
CA ASN A 104 -6.04 12.58 -1.21
C ASN A 104 -5.71 13.63 -0.15
N ASN A 105 -5.48 13.17 1.07
CA ASN A 105 -5.15 14.07 2.17
C ASN A 105 -3.85 14.81 1.90
N LYS A 106 -2.88 14.09 1.33
CA LYS A 106 -1.58 14.69 1.02
C LYS A 106 -1.65 15.49 -0.27
N SER A 107 -1.74 14.78 -1.40
CA SER A 107 -1.81 15.43 -2.70
C SER A 107 -0.55 16.25 -2.97
N SER A 108 -0.44 16.78 -4.18
CA SER A 108 0.72 17.58 -4.56
C SER A 108 0.43 18.38 -5.82
N VAL A 109 1.44 19.12 -6.30
CA VAL A 109 1.29 19.93 -7.50
C VAL A 109 2.38 19.61 -8.52
N GLY A 1 -5.98 5.78 -20.59
CA GLY A 1 -5.33 6.28 -19.39
C GLY A 1 -5.91 7.59 -18.91
N PRO A 2 -7.14 7.54 -18.37
CA PRO A 2 -7.83 8.73 -17.86
C PRO A 2 -7.19 9.28 -16.60
N GLY A 3 -6.46 8.43 -15.89
CA GLY A 3 -5.80 8.84 -14.66
C GLY A 3 -5.62 7.70 -13.69
N SER A 4 -6.64 7.45 -12.87
CA SER A 4 -6.59 6.38 -11.89
C SER A 4 -5.49 6.65 -10.86
N MET A 5 -5.42 5.79 -9.84
CA MET A 5 -4.41 5.93 -8.80
C MET A 5 -3.53 4.70 -8.72
N ASN A 6 -2.35 4.85 -8.12
CA ASN A 6 -1.40 3.74 -7.99
C ASN A 6 -1.02 3.53 -6.53
N ILE A 7 -1.26 2.32 -6.04
CA ILE A 7 -0.94 1.98 -4.66
C ILE A 7 0.07 0.83 -4.59
N LEU A 8 0.93 0.87 -3.58
CA LEU A 8 1.95 -0.15 -3.40
C LEU A 8 1.84 -0.79 -2.02
N LEU A 9 2.22 -2.06 -1.93
CA LEU A 9 2.17 -2.79 -0.66
C LEU A 9 3.51 -3.43 -0.35
N VAL A 10 3.98 -3.24 0.88
CA VAL A 10 5.26 -3.80 1.31
C VAL A 10 5.07 -4.77 2.47
N CYS A 11 5.11 -6.06 2.16
CA CYS A 11 4.93 -7.10 3.18
C CYS A 11 6.02 -8.15 3.07
N GLY A 12 6.36 -8.51 1.84
CA GLY A 12 7.39 -9.52 1.62
C GLY A 12 7.39 -10.05 0.20
N ALA A 13 7.49 -11.37 0.05
CA ALA A 13 7.50 -11.99 -1.26
C ALA A 13 6.09 -12.31 -1.73
N GLY A 14 5.80 -11.99 -2.99
CA GLY A 14 4.48 -12.25 -3.54
C GLY A 14 4.45 -12.14 -5.05
N MET A 15 5.18 -13.03 -5.72
CA MET A 15 5.23 -13.03 -7.18
C MET A 15 3.85 -13.33 -7.77
N SER A 16 3.04 -14.06 -7.02
CA SER A 16 1.70 -14.43 -7.47
C SER A 16 0.72 -14.44 -6.31
N THR A 17 1.15 -14.99 -5.18
CA THR A 17 0.30 -15.07 -4.00
C THR A 17 0.05 -13.67 -3.42
N SER A 18 -1.01 -13.03 -3.91
CA SER A 18 -1.36 -11.69 -3.44
C SER A 18 -2.80 -11.66 -2.94
N MET A 19 -3.01 -12.17 -1.73
CA MET A 19 -4.34 -12.20 -1.14
C MET A 19 -4.93 -10.81 -1.05
N LEU A 20 -4.19 -9.88 -0.45
CA LEU A 20 -4.64 -8.50 -0.30
C LEU A 20 -5.07 -7.93 -1.65
N VAL A 21 -4.21 -8.08 -2.65
CA VAL A 21 -4.50 -7.58 -3.99
C VAL A 21 -5.80 -8.16 -4.52
N GLN A 22 -5.98 -9.47 -4.35
CA GLN A 22 -7.19 -10.13 -4.81
C GLN A 22 -8.43 -9.53 -4.17
N ARG A 23 -8.37 -9.30 -2.86
CA ARG A 23 -9.48 -8.72 -2.12
C ARG A 23 -9.82 -7.33 -2.65
N ILE A 24 -8.86 -6.42 -2.54
CA ILE A 24 -9.05 -5.05 -3.00
C ILE A 24 -9.51 -5.02 -4.46
N GLU A 25 -8.91 -5.87 -5.28
CA GLU A 25 -9.26 -5.95 -6.69
C GLU A 25 -10.74 -6.26 -6.87
N LYS A 26 -11.19 -7.32 -6.21
CA LYS A 26 -12.59 -7.72 -6.29
C LYS A 26 -13.52 -6.61 -5.83
N TYR A 27 -13.33 -6.18 -4.59
CA TYR A 27 -14.16 -5.11 -4.04
C TYR A 27 -14.16 -3.88 -4.94
N ALA A 28 -12.96 -3.34 -5.18
CA ALA A 28 -12.82 -2.16 -6.03
C ALA A 28 -13.51 -2.37 -7.38
N LYS A 29 -13.15 -3.45 -8.06
CA LYS A 29 -13.74 -3.77 -9.36
C LYS A 29 -15.27 -3.74 -9.29
N SER A 30 -15.81 -4.21 -8.17
CA SER A 30 -17.25 -4.25 -7.97
C SER A 30 -17.83 -2.83 -7.87
N LYS A 31 -17.18 -2.00 -7.06
CA LYS A 31 -17.61 -0.62 -6.88
C LYS A 31 -17.29 0.22 -8.10
N ASN A 32 -16.45 -0.31 -8.98
CA ASN A 32 -16.07 0.39 -10.20
C ASN A 32 -15.30 1.67 -9.88
N ILE A 33 -14.19 1.51 -9.15
CA ILE A 33 -13.37 2.65 -8.78
C ILE A 33 -12.03 2.63 -9.53
N ASN A 34 -11.59 3.80 -9.96
CA ASN A 34 -10.34 3.93 -10.70
C ASN A 34 -9.15 3.87 -9.74
N ALA A 35 -8.75 2.67 -9.36
CA ALA A 35 -7.63 2.47 -8.46
C ALA A 35 -6.94 1.14 -8.70
N THR A 36 -5.67 1.04 -8.31
CA THR A 36 -4.91 -0.18 -8.49
C THR A 36 -3.86 -0.34 -7.40
N ILE A 37 -3.58 -1.59 -7.02
CA ILE A 37 -2.60 -1.87 -5.98
C ILE A 37 -1.69 -3.02 -6.40
N GLU A 38 -0.45 -3.00 -5.89
CA GLU A 38 0.53 -4.03 -6.21
C GLU A 38 1.40 -4.35 -5.01
N ALA A 39 1.68 -5.63 -4.81
CA ALA A 39 2.52 -6.06 -3.68
C ALA A 39 3.86 -6.61 -4.17
N ILE A 40 4.92 -6.23 -3.48
CA ILE A 40 6.26 -6.69 -3.84
C ILE A 40 7.18 -6.72 -2.63
N ALA A 41 8.43 -7.09 -2.85
CA ALA A 41 9.41 -7.16 -1.78
C ALA A 41 10.08 -5.82 -1.55
N GLU A 42 10.95 -5.75 -0.55
CA GLU A 42 11.67 -4.51 -0.23
C GLU A 42 12.91 -4.37 -1.10
N THR A 43 13.11 -5.32 -2.00
CA THR A 43 14.26 -5.30 -2.90
C THR A 43 14.10 -4.24 -3.97
N ARG A 44 12.93 -4.22 -4.60
CA ARG A 44 12.64 -3.25 -5.65
C ARG A 44 11.62 -2.22 -5.19
N LEU A 45 11.45 -2.13 -3.87
CA LEU A 45 10.50 -1.19 -3.30
C LEU A 45 10.94 0.25 -3.54
N SER A 46 12.25 0.48 -3.45
CA SER A 46 12.81 1.81 -3.66
C SER A 46 12.86 2.15 -5.15
N GLU A 47 12.82 1.12 -5.99
CA GLU A 47 12.86 1.31 -7.43
C GLU A 47 11.46 1.52 -8.00
N VAL A 48 10.46 1.02 -7.28
CA VAL A 48 9.07 1.14 -7.70
C VAL A 48 8.41 2.37 -7.06
N VAL A 49 8.83 2.68 -5.85
CA VAL A 49 8.29 3.83 -5.13
C VAL A 49 8.46 5.12 -5.93
N ASP A 50 9.46 5.14 -6.81
CA ASP A 50 9.74 6.30 -7.64
C ASP A 50 8.59 6.54 -8.62
N ARG A 51 7.97 5.47 -9.07
CA ARG A 51 6.87 5.56 -10.02
C ARG A 51 5.52 5.53 -9.30
N PHE A 52 5.39 4.62 -8.35
CA PHE A 52 4.16 4.49 -7.58
C PHE A 52 3.77 5.82 -6.94
N ASP A 53 2.60 5.85 -6.32
CA ASP A 53 2.10 7.06 -5.67
C ASP A 53 2.00 6.85 -4.16
N VAL A 54 1.28 5.81 -3.76
CA VAL A 54 1.09 5.51 -2.35
C VAL A 54 1.82 4.23 -1.96
N VAL A 55 2.31 4.17 -0.72
CA VAL A 55 3.03 3.01 -0.23
C VAL A 55 2.42 2.50 1.06
N LEU A 56 2.52 1.18 1.28
CA LEU A 56 1.97 0.57 2.49
C LEU A 56 2.96 -0.41 3.10
N LEU A 57 2.84 -0.64 4.40
CA LEU A 57 3.74 -1.56 5.10
C LEU A 57 2.94 -2.54 5.96
N ALA A 58 3.57 -3.66 6.30
CA ALA A 58 2.92 -4.68 7.11
C ALA A 58 3.44 -4.66 8.55
N PRO A 59 2.67 -5.24 9.47
CA PRO A 59 3.03 -5.28 10.89
C PRO A 59 4.21 -6.22 11.15
N GLN A 60 4.51 -7.07 10.18
CA GLN A 60 5.62 -8.01 10.30
C GLN A 60 6.94 -7.37 9.87
N SER A 61 7.60 -6.71 10.81
CA SER A 61 8.87 -6.04 10.53
C SER A 61 9.59 -5.65 11.81
N ARG A 62 10.87 -6.00 11.91
CA ARG A 62 11.67 -5.69 13.08
C ARG A 62 12.36 -4.34 12.93
N PHE A 63 13.25 -4.25 11.95
CA PHE A 63 13.99 -3.02 11.69
C PHE A 63 13.48 -2.34 10.42
N ASN A 64 12.91 -3.12 9.52
CA ASN A 64 12.40 -2.60 8.27
C ASN A 64 11.46 -1.43 8.51
N LYS A 65 10.48 -1.64 9.38
CA LYS A 65 9.51 -0.59 9.70
C LYS A 65 10.22 0.69 10.14
N LYS A 66 11.20 0.56 11.02
CA LYS A 66 11.96 1.69 11.51
C LYS A 66 12.62 2.45 10.36
N ARG A 67 13.26 1.70 9.46
CA ARG A 67 13.93 2.29 8.31
C ARG A 67 12.94 3.06 7.44
N LEU A 68 12.00 2.34 6.86
CA LEU A 68 10.99 2.96 5.99
C LEU A 68 10.33 4.15 6.70
N GLU A 69 10.20 4.05 8.01
CA GLU A 69 9.59 5.12 8.80
C GLU A 69 10.50 6.34 8.85
N GLU A 70 11.72 6.13 9.33
CA GLU A 70 12.69 7.22 9.44
C GLU A 70 13.00 7.81 8.07
N ILE A 71 12.68 7.06 7.02
CA ILE A 71 12.92 7.50 5.65
C ILE A 71 11.70 8.20 5.07
N THR A 72 10.52 7.73 5.46
CA THR A 72 9.28 8.32 4.98
C THR A 72 9.06 9.71 5.56
N LYS A 73 9.40 9.89 6.83
CA LYS A 73 9.26 11.17 7.50
C LYS A 73 9.86 12.29 6.68
N PRO A 74 11.17 12.18 6.40
CA PRO A 74 11.90 13.18 5.61
C PRO A 74 11.49 13.18 4.15
N LYS A 75 11.25 11.99 3.61
CA LYS A 75 10.85 11.84 2.21
C LYS A 75 9.48 12.50 1.97
N GLY A 76 8.71 12.64 3.04
CA GLY A 76 7.39 13.25 2.92
C GLY A 76 6.52 12.57 1.88
N ILE A 77 6.32 11.27 2.05
CA ILE A 77 5.51 10.49 1.11
C ILE A 77 4.36 9.79 1.83
N PRO A 78 3.28 9.52 1.09
CA PRO A 78 2.10 8.84 1.64
C PRO A 78 2.36 7.38 1.98
N ILE A 79 2.66 7.11 3.25
CA ILE A 79 2.93 5.76 3.70
C ILE A 79 1.95 5.34 4.79
N GLU A 80 1.36 4.16 4.62
CA GLU A 80 0.40 3.64 5.59
C GLU A 80 0.86 2.29 6.13
N ILE A 81 0.37 1.94 7.31
CA ILE A 81 0.73 0.67 7.94
C ILE A 81 -0.51 -0.09 8.39
N ILE A 82 -0.66 -1.32 7.90
CA ILE A 82 -1.81 -2.15 8.25
C ILE A 82 -1.67 -2.69 9.68
N ASN A 83 -2.51 -2.19 10.58
CA ASN A 83 -2.49 -2.62 11.97
C ASN A 83 -2.56 -4.15 12.07
N THR A 84 -2.30 -4.68 13.25
CA THR A 84 -2.35 -6.11 13.48
C THR A 84 -3.71 -6.70 13.13
N ILE A 85 -4.75 -5.92 13.38
CA ILE A 85 -6.12 -6.34 13.09
C ILE A 85 -6.40 -6.29 11.59
N ASP A 86 -6.20 -5.11 11.01
CA ASP A 86 -6.43 -4.91 9.58
C ASP A 86 -5.69 -5.97 8.76
N TYR A 87 -4.49 -6.31 9.20
CA TYR A 87 -3.67 -7.30 8.51
C TYR A 87 -4.09 -8.71 8.90
N GLY A 88 -4.40 -8.90 10.18
CA GLY A 88 -4.80 -10.21 10.66
C GLY A 88 -6.02 -10.74 9.93
N THR A 89 -6.94 -9.84 9.57
CA THR A 89 -8.16 -10.23 8.87
C THR A 89 -8.01 -10.02 7.37
N MET A 90 -7.13 -9.10 6.99
CA MET A 90 -6.90 -8.81 5.58
C MET A 90 -8.19 -8.37 4.90
N ASN A 91 -8.65 -7.17 5.23
CA ASN A 91 -9.87 -6.64 4.65
C ASN A 91 -9.56 -5.56 3.60
N GLY A 92 -9.71 -5.92 2.33
CA GLY A 92 -9.44 -4.98 1.26
C GLY A 92 -10.15 -3.66 1.46
N GLU A 93 -11.36 -3.72 1.99
CA GLU A 93 -12.15 -2.52 2.22
C GLU A 93 -11.34 -1.47 2.97
N LYS A 94 -10.87 -1.83 4.16
CA LYS A 94 -10.07 -0.91 4.98
C LYS A 94 -8.73 -0.61 4.31
N VAL A 95 -8.18 -1.61 3.63
CA VAL A 95 -6.90 -1.45 2.95
C VAL A 95 -6.98 -0.34 1.90
N LEU A 96 -7.82 -0.53 0.89
CA LEU A 96 -7.99 0.44 -0.17
C LEU A 96 -8.48 1.77 0.39
N GLN A 97 -9.43 1.70 1.32
CA GLN A 97 -9.97 2.90 1.93
C GLN A 97 -8.87 3.77 2.53
N LEU A 98 -7.96 3.14 3.26
CA LEU A 98 -6.85 3.85 3.89
C LEU A 98 -5.90 4.42 2.83
N ALA A 99 -5.47 3.56 1.91
CA ALA A 99 -4.57 3.98 0.84
C ALA A 99 -5.12 5.19 0.11
N ILE A 100 -6.35 5.09 -0.38
CA ILE A 100 -6.97 6.18 -1.11
C ILE A 100 -7.08 7.43 -0.25
N ASN A 101 -7.57 7.26 0.98
CA ASN A 101 -7.72 8.36 1.91
C ASN A 101 -6.41 9.15 2.04
N ALA A 102 -5.31 8.42 2.12
CA ALA A 102 -3.99 9.04 2.25
C ALA A 102 -3.59 9.75 0.96
N PHE A 103 -3.86 9.10 -0.18
CA PHE A 103 -3.53 9.66 -1.47
C PHE A 103 -4.15 11.04 -1.64
N ASN A 104 -5.46 11.12 -1.41
CA ASN A 104 -6.19 12.37 -1.54
C ASN A 104 -5.76 13.36 -0.46
N ASN A 105 -5.71 12.90 0.78
CA ASN A 105 -5.32 13.73 1.90
C ASN A 105 -3.98 14.42 1.63
N LYS A 106 -3.01 13.64 1.18
CA LYS A 106 -1.68 14.16 0.87
C LYS A 106 -1.08 14.84 2.10
N SER A 107 -1.37 14.29 3.28
CA SER A 107 -0.85 14.84 4.53
C SER A 107 -1.33 14.03 5.72
N SER A 108 -0.78 12.82 5.87
CA SER A 108 -1.15 11.93 6.96
C SER A 108 -0.69 12.50 8.30
N VAL A 109 -1.59 12.54 9.27
CA VAL A 109 -1.28 13.06 10.60
C VAL A 109 -0.90 14.53 10.52
N GLY A 1 -1.67 10.37 -21.34
CA GLY A 1 -2.04 10.86 -20.03
C GLY A 1 -2.57 9.75 -19.14
N PRO A 2 -1.67 8.89 -18.64
CA PRO A 2 -2.03 7.78 -17.76
C PRO A 2 -2.47 8.25 -16.38
N GLY A 3 -3.78 8.35 -16.20
CA GLY A 3 -4.32 8.78 -14.92
C GLY A 3 -4.42 7.66 -13.91
N SER A 4 -5.52 7.60 -13.19
CA SER A 4 -5.73 6.57 -12.17
C SER A 4 -4.69 6.67 -11.07
N MET A 5 -4.84 5.83 -10.05
CA MET A 5 -3.92 5.83 -8.92
C MET A 5 -3.39 4.43 -8.65
N ASN A 6 -2.11 4.34 -8.29
CA ASN A 6 -1.49 3.04 -8.00
C ASN A 6 -1.08 2.95 -6.54
N ILE A 7 -1.35 1.81 -5.92
CA ILE A 7 -1.02 1.58 -4.53
C ILE A 7 0.13 0.59 -4.39
N LEU A 8 0.99 0.82 -3.41
CA LEU A 8 2.14 -0.06 -3.18
C LEU A 8 2.02 -0.74 -1.82
N LEU A 9 2.24 -2.06 -1.80
CA LEU A 9 2.16 -2.83 -0.58
C LEU A 9 3.46 -3.60 -0.33
N VAL A 10 4.01 -3.43 0.88
CA VAL A 10 5.25 -4.12 1.23
C VAL A 10 4.98 -5.31 2.14
N CYS A 11 5.23 -6.51 1.62
CA CYS A 11 5.01 -7.73 2.38
C CYS A 11 5.56 -8.94 1.63
N GLY A 12 6.86 -8.90 1.33
CA GLY A 12 7.49 -10.00 0.62
C GLY A 12 6.75 -10.36 -0.65
N ALA A 13 6.43 -11.64 -0.80
CA ALA A 13 5.72 -12.12 -1.98
C ALA A 13 6.54 -11.91 -3.24
N GLY A 14 7.29 -12.94 -3.64
CA GLY A 14 8.12 -12.84 -4.83
C GLY A 14 7.39 -13.32 -6.07
N MET A 15 6.06 -13.37 -6.01
CA MET A 15 5.26 -13.80 -7.14
C MET A 15 3.94 -13.04 -7.20
N SER A 16 3.05 -13.47 -8.09
CA SER A 16 1.76 -12.82 -8.26
C SER A 16 0.67 -13.58 -7.50
N THR A 17 -0.57 -13.12 -7.65
CA THR A 17 -1.70 -13.76 -6.98
C THR A 17 -1.56 -13.67 -5.46
N SER A 18 -2.06 -12.57 -4.89
CA SER A 18 -1.98 -12.37 -3.45
C SER A 18 -3.37 -12.09 -2.87
N MET A 19 -3.60 -12.56 -1.65
CA MET A 19 -4.88 -12.36 -0.98
C MET A 19 -5.25 -10.88 -0.94
N LEU A 20 -4.31 -10.05 -0.52
CA LEU A 20 -4.53 -8.62 -0.43
C LEU A 20 -5.08 -8.07 -1.75
N VAL A 21 -4.23 -8.09 -2.79
CA VAL A 21 -4.63 -7.60 -4.11
C VAL A 21 -5.93 -8.25 -4.56
N GLN A 22 -6.15 -9.49 -4.14
CA GLN A 22 -7.36 -10.22 -4.50
C GLN A 22 -8.60 -9.50 -4.00
N ARG A 23 -8.76 -9.45 -2.69
CA ARG A 23 -9.90 -8.78 -2.07
C ARG A 23 -10.04 -7.35 -2.57
N ILE A 24 -8.93 -6.61 -2.53
CA ILE A 24 -8.92 -5.22 -2.97
C ILE A 24 -9.41 -5.11 -4.41
N GLU A 25 -8.90 -5.96 -5.29
CA GLU A 25 -9.29 -5.95 -6.69
C GLU A 25 -10.80 -6.20 -6.83
N LYS A 26 -11.31 -7.15 -6.07
CA LYS A 26 -12.73 -7.48 -6.10
C LYS A 26 -13.58 -6.28 -5.74
N TYR A 27 -13.37 -5.75 -4.53
CA TYR A 27 -14.12 -4.59 -4.06
C TYR A 27 -14.06 -3.46 -5.07
N ALA A 28 -12.85 -3.04 -5.43
CA ALA A 28 -12.66 -1.97 -6.39
C ALA A 28 -13.38 -2.26 -7.69
N LYS A 29 -13.11 -3.43 -8.26
CA LYS A 29 -13.74 -3.83 -9.51
C LYS A 29 -15.26 -3.70 -9.43
N SER A 30 -15.81 -4.00 -8.27
CA SER A 30 -17.26 -3.92 -8.05
C SER A 30 -17.72 -2.47 -8.02
N LYS A 31 -16.97 -1.63 -7.31
CA LYS A 31 -17.29 -0.22 -7.19
C LYS A 31 -17.00 0.51 -8.50
N ASN A 32 -16.24 -0.13 -9.37
CA ASN A 32 -15.88 0.46 -10.66
C ASN A 32 -15.04 1.72 -10.47
N ILE A 33 -13.98 1.59 -9.68
CA ILE A 33 -13.08 2.70 -9.41
C ILE A 33 -11.78 2.57 -10.22
N ASN A 34 -11.26 3.72 -10.67
CA ASN A 34 -10.03 3.72 -11.45
C ASN A 34 -8.82 3.71 -10.54
N ALA A 35 -8.44 2.53 -10.07
CA ALA A 35 -7.29 2.38 -9.19
C ALA A 35 -6.65 1.01 -9.34
N THR A 36 -5.44 0.86 -8.82
CA THR A 36 -4.72 -0.41 -8.91
C THR A 36 -3.80 -0.60 -7.70
N ILE A 37 -3.48 -1.86 -7.40
CA ILE A 37 -2.61 -2.17 -6.28
C ILE A 37 -1.57 -3.23 -6.66
N GLU A 38 -0.42 -3.18 -6.01
CA GLU A 38 0.65 -4.14 -6.27
C GLU A 38 1.49 -4.38 -5.03
N ALA A 39 1.96 -5.63 -4.87
CA ALA A 39 2.77 -5.99 -3.71
C ALA A 39 4.16 -6.47 -4.16
N ILE A 40 5.18 -6.05 -3.43
CA ILE A 40 6.55 -6.44 -3.74
C ILE A 40 7.42 -6.45 -2.50
N ALA A 41 8.70 -6.76 -2.67
CA ALA A 41 9.64 -6.80 -1.55
C ALA A 41 10.17 -5.41 -1.23
N GLU A 42 11.08 -5.33 -0.26
CA GLU A 42 11.66 -4.06 0.14
C GLU A 42 12.92 -3.76 -0.65
N THR A 43 13.25 -4.65 -1.58
CA THR A 43 14.44 -4.48 -2.41
C THR A 43 14.13 -3.64 -3.64
N ARG A 44 12.90 -3.73 -4.13
CA ARG A 44 12.48 -2.98 -5.30
C ARG A 44 11.42 -1.94 -4.94
N LEU A 45 11.31 -1.64 -3.64
CA LEU A 45 10.34 -0.67 -3.15
C LEU A 45 10.71 0.74 -3.60
N SER A 46 11.99 1.07 -3.48
CA SER A 46 12.49 2.39 -3.86
C SER A 46 12.52 2.53 -5.38
N GLU A 47 12.52 1.40 -6.08
CA GLU A 47 12.55 1.41 -7.54
C GLU A 47 11.15 1.51 -8.11
N VAL A 48 10.16 1.08 -7.34
CA VAL A 48 8.77 1.12 -7.77
C VAL A 48 8.05 2.35 -7.21
N VAL A 49 8.47 2.78 -6.03
CA VAL A 49 7.87 3.95 -5.39
C VAL A 49 7.93 5.17 -6.31
N ASP A 50 8.90 5.18 -7.21
CA ASP A 50 9.05 6.28 -8.15
C ASP A 50 7.87 6.35 -9.11
N ARG A 51 7.22 5.22 -9.31
CA ARG A 51 6.06 5.16 -10.21
C ARG A 51 4.76 5.23 -9.42
N PHE A 52 4.68 4.46 -8.33
CA PHE A 52 3.49 4.44 -7.49
C PHE A 52 3.28 5.78 -6.80
N ASP A 53 2.18 5.91 -6.07
CA ASP A 53 1.87 7.14 -5.36
C ASP A 53 1.71 6.88 -3.87
N VAL A 54 1.02 5.80 -3.52
CA VAL A 54 0.80 5.43 -2.14
C VAL A 54 1.62 4.20 -1.74
N VAL A 55 2.08 4.17 -0.50
CA VAL A 55 2.86 3.05 -0.01
C VAL A 55 2.30 2.51 1.31
N LEU A 56 2.44 1.21 1.51
CA LEU A 56 1.94 0.56 2.72
C LEU A 56 2.94 -0.47 3.25
N LEU A 57 2.96 -0.65 4.55
CA LEU A 57 3.87 -1.60 5.18
C LEU A 57 3.09 -2.60 6.04
N ALA A 58 3.43 -3.88 5.90
CA ALA A 58 2.78 -4.93 6.66
C ALA A 58 3.24 -4.94 8.11
N PRO A 59 2.45 -5.56 8.99
CA PRO A 59 2.77 -5.65 10.43
C PRO A 59 3.96 -6.57 10.69
N GLN A 60 4.34 -6.67 11.96
CA GLN A 60 5.46 -7.51 12.35
C GLN A 60 6.76 -7.03 11.72
N SER A 61 7.12 -5.78 11.99
CA SER A 61 8.33 -5.20 11.43
C SER A 61 9.19 -4.59 12.53
N ARG A 62 10.40 -5.12 12.70
CA ARG A 62 11.32 -4.62 13.72
C ARG A 62 12.22 -3.53 13.15
N PHE A 63 13.07 -3.91 12.21
CA PHE A 63 13.99 -2.96 11.59
C PHE A 63 13.33 -2.27 10.40
N ASN A 64 12.55 -3.02 9.64
CA ASN A 64 11.87 -2.48 8.47
C ASN A 64 11.02 -1.28 8.85
N LYS A 65 10.30 -1.39 9.96
CA LYS A 65 9.44 -0.31 10.44
C LYS A 65 10.24 0.96 10.65
N LYS A 66 11.27 0.87 11.49
CA LYS A 66 12.13 2.02 11.79
C LYS A 66 12.73 2.59 10.51
N ARG A 67 13.22 1.71 9.65
CA ARG A 67 13.82 2.12 8.38
C ARG A 67 12.82 2.88 7.53
N LEU A 68 11.78 2.19 7.09
CA LEU A 68 10.75 2.79 6.26
C LEU A 68 10.24 4.10 6.88
N GLU A 69 10.22 4.14 8.22
CA GLU A 69 9.77 5.33 8.93
C GLU A 69 10.77 6.47 8.78
N GLU A 70 12.01 6.22 9.17
CA GLU A 70 13.06 7.22 9.08
C GLU A 70 13.30 7.64 7.64
N ILE A 71 12.81 6.82 6.70
CA ILE A 71 12.97 7.10 5.28
C ILE A 71 11.75 7.83 4.73
N THR A 72 10.58 7.53 5.27
CA THR A 72 9.35 8.16 4.83
C THR A 72 9.28 9.62 5.28
N LYS A 73 9.76 9.88 6.50
CA LYS A 73 9.75 11.23 7.04
C LYS A 73 10.38 12.21 6.06
N PRO A 74 11.65 11.95 5.68
CA PRO A 74 12.38 12.81 4.75
C PRO A 74 11.84 12.70 3.32
N LYS A 75 11.47 11.49 2.93
CA LYS A 75 10.93 11.26 1.59
C LYS A 75 9.61 12.00 1.39
N GLY A 76 8.94 12.30 2.51
CA GLY A 76 7.67 13.00 2.44
C GLY A 76 6.68 12.33 1.50
N ILE A 77 6.34 11.08 1.80
CA ILE A 77 5.40 10.33 0.98
C ILE A 77 4.31 9.69 1.83
N PRO A 78 3.15 9.44 1.21
CA PRO A 78 2.01 8.81 1.89
C PRO A 78 2.26 7.35 2.22
N ILE A 79 2.65 7.08 3.47
CA ILE A 79 2.92 5.73 3.90
C ILE A 79 1.93 5.29 4.98
N GLU A 80 1.38 4.09 4.83
CA GLU A 80 0.42 3.56 5.79
C GLU A 80 0.93 2.26 6.41
N ILE A 81 0.56 2.02 7.66
CA ILE A 81 0.98 0.82 8.37
C ILE A 81 -0.21 -0.06 8.72
N ILE A 82 -0.31 -1.21 8.07
CA ILE A 82 -1.41 -2.14 8.31
C ILE A 82 -1.24 -2.84 9.65
N ASN A 83 -1.97 -2.38 10.66
CA ASN A 83 -1.91 -2.97 11.99
C ASN A 83 -2.11 -4.47 11.93
N THR A 84 -1.57 -5.19 12.91
CA THR A 84 -1.69 -6.64 12.97
C THR A 84 -3.14 -7.07 12.84
N ILE A 85 -4.05 -6.24 13.33
CA ILE A 85 -5.47 -6.54 13.28
C ILE A 85 -5.98 -6.47 11.84
N ASP A 86 -5.84 -5.32 11.21
CA ASP A 86 -6.29 -5.14 9.83
C ASP A 86 -5.71 -6.23 8.93
N TYR A 87 -4.41 -6.45 9.04
CA TYR A 87 -3.74 -7.47 8.22
C TYR A 87 -4.27 -8.86 8.55
N GLY A 88 -4.45 -9.13 9.83
CA GLY A 88 -4.94 -10.43 10.26
C GLY A 88 -6.34 -10.71 9.75
N THR A 89 -7.23 -9.73 9.87
CA THR A 89 -8.60 -9.88 9.41
C THR A 89 -8.68 -9.86 7.89
N MET A 90 -7.67 -9.26 7.25
CA MET A 90 -7.63 -9.18 5.80
C MET A 90 -8.85 -8.47 5.25
N ASN A 91 -8.91 -7.15 5.46
CA ASN A 91 -10.03 -6.35 4.98
C ASN A 91 -9.62 -5.51 3.79
N GLY A 92 -9.95 -5.99 2.58
CA GLY A 92 -9.62 -5.26 1.37
C GLY A 92 -10.18 -3.85 1.36
N GLU A 93 -11.47 -3.74 1.65
CA GLU A 93 -12.12 -2.43 1.68
C GLU A 93 -11.36 -1.45 2.56
N LYS A 94 -10.98 -1.90 3.75
CA LYS A 94 -10.24 -1.07 4.69
C LYS A 94 -8.87 -0.69 4.12
N VAL A 95 -8.21 -1.65 3.48
CA VAL A 95 -6.90 -1.41 2.89
C VAL A 95 -6.97 -0.31 1.84
N LEU A 96 -7.69 -0.57 0.76
CA LEU A 96 -7.83 0.40 -0.32
C LEU A 96 -8.30 1.75 0.22
N GLN A 97 -9.31 1.71 1.11
CA GLN A 97 -9.85 2.92 1.69
C GLN A 97 -8.75 3.73 2.39
N LEU A 98 -7.88 3.03 3.11
CA LEU A 98 -6.78 3.67 3.83
C LEU A 98 -5.80 4.32 2.85
N ALA A 99 -5.37 3.56 1.85
CA ALA A 99 -4.43 4.06 0.86
C ALA A 99 -4.96 5.33 0.21
N ILE A 100 -6.13 5.26 -0.40
CA ILE A 100 -6.74 6.40 -1.06
C ILE A 100 -6.94 7.56 -0.07
N ASN A 101 -7.51 7.26 1.08
CA ASN A 101 -7.76 8.27 2.10
C ASN A 101 -6.48 9.04 2.42
N ALA A 102 -5.38 8.30 2.60
CA ALA A 102 -4.10 8.91 2.91
C ALA A 102 -3.62 9.79 1.74
N PHE A 103 -3.74 9.27 0.53
CA PHE A 103 -3.32 9.99 -0.66
C PHE A 103 -3.98 11.37 -0.72
N ASN A 104 -5.31 11.38 -0.62
CA ASN A 104 -6.07 12.63 -0.67
C ASN A 104 -5.69 13.54 0.50
N ASN A 105 -5.61 12.96 1.69
CA ASN A 105 -5.26 13.72 2.88
C ASN A 105 -3.93 14.45 2.70
N LYS A 106 -2.97 13.76 2.10
CA LYS A 106 -1.65 14.33 1.86
C LYS A 106 -1.44 14.61 0.37
N SER A 107 -2.04 15.69 -0.11
CA SER A 107 -1.92 16.06 -1.52
C SER A 107 -0.55 16.69 -1.80
N SER A 108 -0.11 17.54 -0.88
CA SER A 108 1.18 18.21 -1.03
C SER A 108 2.01 18.08 0.24
N VAL A 109 3.34 18.13 0.08
CA VAL A 109 4.25 18.01 1.21
C VAL A 109 5.27 19.13 1.21
N GLY A 1 -11.19 10.88 -18.94
CA GLY A 1 -10.00 11.22 -18.16
C GLY A 1 -9.24 9.99 -17.70
N PRO A 2 -8.54 9.34 -18.63
CA PRO A 2 -7.76 8.13 -18.33
C PRO A 2 -6.54 8.44 -17.46
N GLY A 3 -6.33 7.62 -16.44
CA GLY A 3 -5.20 7.82 -15.55
C GLY A 3 -5.15 6.79 -14.44
N SER A 4 -6.17 6.80 -13.58
CA SER A 4 -6.24 5.88 -12.45
C SER A 4 -5.06 6.08 -11.51
N MET A 5 -5.14 5.45 -10.35
CA MET A 5 -4.07 5.55 -9.35
C MET A 5 -3.40 4.20 -9.13
N ASN A 6 -2.13 4.23 -8.75
CA ASN A 6 -1.36 3.01 -8.52
C ASN A 6 -0.86 2.97 -7.07
N ILE A 7 -1.39 2.03 -6.30
CA ILE A 7 -0.99 1.87 -4.91
C ILE A 7 0.15 0.89 -4.77
N LEU A 8 1.10 1.20 -3.90
CA LEU A 8 2.26 0.33 -3.67
C LEU A 8 2.11 -0.42 -2.35
N LEU A 9 2.39 -1.73 -2.40
CA LEU A 9 2.31 -2.57 -1.22
C LEU A 9 3.66 -3.17 -0.87
N VAL A 10 3.97 -3.21 0.43
CA VAL A 10 5.23 -3.77 0.90
C VAL A 10 5.00 -4.90 1.89
N CYS A 11 5.65 -6.05 1.63
CA CYS A 11 5.51 -7.20 2.50
C CYS A 11 6.45 -8.33 2.07
N GLY A 12 7.10 -8.96 3.03
CA GLY A 12 8.02 -10.04 2.72
C GLY A 12 7.33 -11.20 2.02
N ALA A 13 6.62 -12.02 2.78
CA ALA A 13 5.92 -13.16 2.22
C ALA A 13 4.54 -12.77 1.71
N GLY A 14 4.30 -12.96 0.42
CA GLY A 14 3.01 -12.62 -0.16
C GLY A 14 3.13 -12.13 -1.59
N MET A 15 3.69 -12.97 -2.46
CA MET A 15 3.87 -12.61 -3.85
C MET A 15 2.64 -13.02 -4.68
N SER A 16 1.68 -12.11 -4.77
CA SER A 16 0.46 -12.37 -5.52
C SER A 16 -0.33 -13.53 -4.90
N THR A 17 -1.60 -13.64 -5.27
CA THR A 17 -2.46 -14.70 -4.74
C THR A 17 -2.62 -14.57 -3.23
N SER A 18 -2.82 -13.35 -2.76
CA SER A 18 -2.99 -13.10 -1.33
C SER A 18 -4.41 -12.66 -1.02
N MET A 19 -4.86 -12.95 0.20
CA MET A 19 -6.21 -12.60 0.62
C MET A 19 -6.42 -11.08 0.55
N LEU A 20 -5.46 -10.34 1.09
CA LEU A 20 -5.54 -8.88 1.09
C LEU A 20 -5.71 -8.34 -0.31
N VAL A 21 -4.70 -8.54 -1.14
CA VAL A 21 -4.73 -8.09 -2.53
C VAL A 21 -6.01 -8.54 -3.23
N GLN A 22 -6.43 -9.76 -2.93
CA GLN A 22 -7.64 -10.33 -3.52
C GLN A 22 -8.87 -9.53 -3.10
N ARG A 23 -8.97 -9.26 -1.80
CA ARG A 23 -10.11 -8.52 -1.27
C ARG A 23 -10.16 -7.11 -1.86
N ILE A 24 -9.00 -6.51 -2.05
CA ILE A 24 -8.91 -5.17 -2.61
C ILE A 24 -9.32 -5.16 -4.09
N GLU A 25 -8.62 -5.95 -4.89
CA GLU A 25 -8.92 -6.03 -6.31
C GLU A 25 -10.37 -6.40 -6.55
N LYS A 26 -10.92 -7.25 -5.68
CA LYS A 26 -12.31 -7.69 -5.80
C LYS A 26 -13.26 -6.52 -5.51
N TYR A 27 -13.15 -5.97 -4.31
CA TYR A 27 -14.01 -4.86 -3.90
C TYR A 27 -13.97 -3.74 -4.93
N ALA A 28 -12.76 -3.37 -5.35
CA ALA A 28 -12.58 -2.31 -6.33
C ALA A 28 -13.21 -2.70 -7.67
N LYS A 29 -12.89 -3.88 -8.15
CA LYS A 29 -13.44 -4.37 -9.42
C LYS A 29 -14.96 -4.39 -9.39
N SER A 30 -15.53 -4.58 -8.20
CA SER A 30 -16.98 -4.61 -8.04
C SER A 30 -17.54 -3.20 -7.94
N LYS A 31 -16.85 -2.35 -7.19
CA LYS A 31 -17.28 -0.97 -7.01
C LYS A 31 -17.06 -0.16 -8.27
N ASN A 32 -16.25 -0.69 -9.18
CA ASN A 32 -15.95 -0.01 -10.43
C ASN A 32 -15.22 1.31 -10.19
N ILE A 33 -14.08 1.24 -9.51
CA ILE A 33 -13.30 2.42 -9.20
C ILE A 33 -11.99 2.43 -10.00
N ASN A 34 -11.58 3.61 -10.43
CA ASN A 34 -10.35 3.76 -11.20
C ASN A 34 -9.12 3.74 -10.28
N ALA A 35 -8.69 2.55 -9.91
CA ALA A 35 -7.53 2.40 -9.04
C ALA A 35 -6.82 1.08 -9.29
N THR A 36 -5.59 0.96 -8.77
CA THR A 36 -4.81 -0.25 -8.95
C THR A 36 -3.91 -0.50 -7.74
N ILE A 37 -3.43 -1.73 -7.60
CA ILE A 37 -2.55 -2.09 -6.50
C ILE A 37 -1.52 -3.14 -6.92
N GLU A 38 -0.34 -3.09 -6.32
CA GLU A 38 0.72 -4.03 -6.64
C GLU A 38 1.69 -4.17 -5.47
N ALA A 39 2.20 -5.38 -5.28
CA ALA A 39 3.14 -5.65 -4.20
C ALA A 39 4.54 -5.94 -4.74
N ILE A 40 5.55 -5.60 -3.96
CA ILE A 40 6.94 -5.82 -4.36
C ILE A 40 7.84 -6.04 -3.15
N ALA A 41 9.13 -6.20 -3.41
CA ALA A 41 10.09 -6.41 -2.34
C ALA A 41 10.78 -5.10 -1.94
N GLU A 42 11.22 -5.02 -0.69
CA GLU A 42 11.88 -3.83 -0.19
C GLU A 42 13.09 -3.47 -1.06
N THR A 43 13.64 -4.48 -1.74
CA THR A 43 14.80 -4.28 -2.60
C THR A 43 14.46 -3.33 -3.75
N ARG A 44 13.25 -3.44 -4.26
CA ARG A 44 12.81 -2.59 -5.37
C ARG A 44 11.88 -1.48 -4.87
N LEU A 45 11.60 -1.49 -3.57
CA LEU A 45 10.73 -0.49 -2.97
C LEU A 45 11.20 0.92 -3.31
N SER A 46 12.48 1.20 -3.05
CA SER A 46 13.05 2.50 -3.32
C SER A 46 13.22 2.71 -4.83
N GLU A 47 13.02 1.64 -5.60
CA GLU A 47 13.16 1.71 -7.05
C GLU A 47 11.79 1.76 -7.72
N VAL A 48 10.74 1.68 -6.91
CA VAL A 48 9.37 1.72 -7.43
C VAL A 48 8.59 2.89 -6.83
N VAL A 49 8.93 3.25 -5.59
CA VAL A 49 8.25 4.35 -4.91
C VAL A 49 8.57 5.68 -5.58
N ASP A 50 9.56 5.67 -6.45
CA ASP A 50 9.97 6.89 -7.17
C ASP A 50 8.92 7.28 -8.20
N ARG A 51 8.12 6.31 -8.62
CA ARG A 51 7.08 6.55 -9.61
C ARG A 51 5.70 6.26 -9.03
N PHE A 52 5.62 5.26 -8.16
CA PHE A 52 4.36 4.88 -7.54
C PHE A 52 3.68 6.10 -6.91
N ASP A 53 2.44 5.90 -6.48
CA ASP A 53 1.68 6.99 -5.86
C ASP A 53 1.78 6.91 -4.34
N VAL A 54 1.08 5.94 -3.75
CA VAL A 54 1.08 5.77 -2.31
C VAL A 54 1.85 4.51 -1.91
N VAL A 55 2.30 4.47 -0.66
CA VAL A 55 3.05 3.33 -0.16
C VAL A 55 2.39 2.73 1.09
N LEU A 56 2.43 1.41 1.19
CA LEU A 56 1.83 0.72 2.33
C LEU A 56 2.77 -0.35 2.87
N LEU A 57 2.95 -0.36 4.19
CA LEU A 57 3.83 -1.32 4.83
C LEU A 57 3.01 -2.44 5.49
N ALA A 58 3.53 -3.66 5.43
CA ALA A 58 2.84 -4.80 6.02
C ALA A 58 3.26 -4.99 7.47
N PRO A 59 2.44 -5.72 8.23
CA PRO A 59 2.70 -6.00 9.65
C PRO A 59 3.88 -6.94 9.86
N GLN A 60 4.23 -7.17 11.12
CA GLN A 60 5.35 -8.05 11.45
C GLN A 60 6.66 -7.48 10.92
N SER A 61 6.70 -6.16 10.74
CA SER A 61 7.90 -5.50 10.24
C SER A 61 8.65 -4.80 11.37
N ARG A 62 9.81 -5.35 11.72
CA ARG A 62 10.62 -4.79 12.78
C ARG A 62 11.63 -3.78 12.23
N PHE A 63 12.58 -4.27 11.44
CA PHE A 63 13.60 -3.41 10.84
C PHE A 63 13.03 -2.67 9.64
N ASN A 64 12.20 -3.35 8.85
CA ASN A 64 11.60 -2.74 7.67
C ASN A 64 10.76 -1.52 8.05
N LYS A 65 9.88 -1.70 9.03
CA LYS A 65 9.01 -0.61 9.48
C LYS A 65 9.85 0.58 9.93
N LYS A 66 10.76 0.35 10.87
CA LYS A 66 11.61 1.41 11.39
C LYS A 66 12.30 2.16 10.24
N ARG A 67 12.95 1.41 9.35
CA ARG A 67 13.63 2.00 8.22
C ARG A 67 12.68 2.82 7.36
N LEU A 68 11.62 2.17 6.90
CA LEU A 68 10.62 2.83 6.05
C LEU A 68 10.14 4.13 6.70
N GLU A 69 10.10 4.14 8.03
CA GLU A 69 9.65 5.31 8.77
C GLU A 69 10.69 6.43 8.67
N GLU A 70 11.92 6.14 9.10
CA GLU A 70 12.99 7.12 9.06
C GLU A 70 13.25 7.59 7.62
N ILE A 71 12.79 6.79 6.67
CA ILE A 71 12.97 7.12 5.26
C ILE A 71 11.79 7.92 4.72
N THR A 72 10.59 7.58 5.19
CA THR A 72 9.38 8.27 4.75
C THR A 72 9.35 9.70 5.25
N LYS A 73 9.85 9.92 6.46
CA LYS A 73 9.89 11.25 7.06
C LYS A 73 10.50 12.26 6.09
N PRO A 74 11.77 12.03 5.73
CA PRO A 74 12.51 12.90 4.81
C PRO A 74 11.98 12.81 3.38
N LYS A 75 11.59 11.61 2.97
CA LYS A 75 11.07 11.39 1.63
C LYS A 75 9.76 12.15 1.43
N GLY A 76 9.06 12.44 2.53
CA GLY A 76 7.81 13.16 2.45
C GLY A 76 6.83 12.51 1.50
N ILE A 77 6.42 11.29 1.83
CA ILE A 77 5.47 10.55 1.00
C ILE A 77 4.39 9.89 1.85
N PRO A 78 3.22 9.66 1.25
CA PRO A 78 2.08 9.03 1.92
C PRO A 78 2.33 7.55 2.23
N ILE A 79 2.57 7.25 3.50
CA ILE A 79 2.82 5.88 3.92
C ILE A 79 1.79 5.42 4.96
N GLU A 80 1.28 4.21 4.77
CA GLU A 80 0.29 3.66 5.69
C GLU A 80 0.66 2.24 6.09
N ILE A 81 0.74 2.00 7.40
CA ILE A 81 1.09 0.69 7.93
C ILE A 81 -0.16 -0.04 8.43
N ILE A 82 -0.39 -1.23 7.90
CA ILE A 82 -1.54 -2.04 8.31
C ILE A 82 -1.35 -2.60 9.71
N ASN A 83 -2.46 -2.80 10.41
CA ASN A 83 -2.41 -3.33 11.77
C ASN A 83 -2.60 -4.85 11.77
N THR A 84 -2.13 -5.50 12.82
CA THR A 84 -2.24 -6.95 12.94
C THR A 84 -3.67 -7.41 12.72
N ILE A 85 -4.62 -6.71 13.34
CA ILE A 85 -6.03 -7.06 13.22
C ILE A 85 -6.51 -6.87 11.78
N ASP A 86 -6.36 -5.65 11.26
CA ASP A 86 -6.77 -5.33 9.90
C ASP A 86 -6.18 -6.34 8.91
N TYR A 87 -5.01 -6.86 9.24
CA TYR A 87 -4.33 -7.83 8.37
C TYR A 87 -4.90 -9.23 8.58
N GLY A 88 -5.15 -9.58 9.84
CA GLY A 88 -5.68 -10.90 10.16
C GLY A 88 -7.07 -11.10 9.61
N THR A 89 -7.95 -10.12 9.83
CA THR A 89 -9.32 -10.20 9.35
C THR A 89 -9.38 -10.05 7.83
N MET A 90 -8.37 -9.40 7.26
CA MET A 90 -8.31 -9.19 5.83
C MET A 90 -9.48 -8.34 5.35
N ASN A 91 -9.40 -7.04 5.59
CA ASN A 91 -10.46 -6.11 5.19
C ASN A 91 -10.05 -5.31 3.95
N GLY A 92 -10.38 -5.84 2.78
CA GLY A 92 -10.02 -5.16 1.54
C GLY A 92 -10.48 -3.71 1.53
N GLU A 93 -11.75 -3.48 1.89
CA GLU A 93 -12.30 -2.14 1.91
C GLU A 93 -11.46 -1.22 2.77
N LYS A 94 -11.15 -1.65 3.98
CA LYS A 94 -10.34 -0.87 4.91
C LYS A 94 -8.96 -0.59 4.33
N VAL A 95 -8.42 -1.57 3.60
CA VAL A 95 -7.11 -1.44 2.99
C VAL A 95 -7.11 -0.35 1.91
N LEU A 96 -7.83 -0.59 0.82
CA LEU A 96 -7.93 0.36 -0.27
C LEU A 96 -8.33 1.74 0.25
N GLN A 97 -9.20 1.76 1.26
CA GLN A 97 -9.66 3.01 1.84
C GLN A 97 -8.50 3.78 2.48
N LEU A 98 -7.79 3.11 3.38
CA LEU A 98 -6.67 3.72 4.08
C LEU A 98 -5.64 4.25 3.07
N ALA A 99 -5.35 3.46 2.05
CA ALA A 99 -4.38 3.84 1.03
C ALA A 99 -4.84 5.11 0.31
N ILE A 100 -5.99 5.03 -0.36
CA ILE A 100 -6.51 6.18 -1.08
C ILE A 100 -6.64 7.39 -0.18
N ASN A 101 -7.16 7.18 1.03
CA ASN A 101 -7.33 8.26 1.99
C ASN A 101 -6.02 8.99 2.23
N ALA A 102 -4.98 8.24 2.61
CA ALA A 102 -3.67 8.83 2.86
C ALA A 102 -3.16 9.59 1.65
N PHE A 103 -3.27 8.97 0.47
CA PHE A 103 -2.82 9.59 -0.77
C PHE A 103 -3.58 10.87 -1.04
N ASN A 104 -4.87 10.89 -0.70
CA ASN A 104 -5.71 12.06 -0.91
C ASN A 104 -5.37 13.15 0.10
N ASN A 105 -5.13 12.75 1.35
CA ASN A 105 -4.79 13.69 2.41
C ASN A 105 -3.40 14.25 2.22
N LYS A 106 -2.52 13.47 1.58
CA LYS A 106 -1.15 13.89 1.34
C LYS A 106 -0.42 14.15 2.65
N SER A 107 -0.80 13.43 3.69
CA SER A 107 -0.18 13.59 5.01
C SER A 107 -0.39 12.36 5.87
N SER A 108 0.67 11.92 6.54
CA SER A 108 0.60 10.74 7.40
C SER A 108 1.80 10.68 8.33
N VAL A 109 2.04 11.78 9.04
CA VAL A 109 3.17 11.84 9.97
C VAL A 109 2.70 11.69 11.42
N GLY A 1 -7.94 13.93 -18.08
CA GLY A 1 -7.15 12.83 -18.59
C GLY A 1 -7.33 11.55 -17.79
N PRO A 2 -6.86 10.43 -18.34
CA PRO A 2 -6.96 9.12 -17.68
C PRO A 2 -6.06 9.02 -16.46
N GLY A 3 -6.64 9.14 -15.28
CA GLY A 3 -5.86 9.06 -14.05
C GLY A 3 -6.07 7.75 -13.32
N SER A 4 -5.18 7.44 -12.39
CA SER A 4 -5.27 6.20 -11.62
C SER A 4 -4.36 6.25 -10.40
N MET A 5 -4.84 5.74 -9.28
CA MET A 5 -4.07 5.73 -8.05
C MET A 5 -3.50 4.33 -7.78
N ASN A 6 -2.19 4.20 -7.90
CA ASN A 6 -1.53 2.91 -7.67
C ASN A 6 -0.95 2.85 -6.26
N ILE A 7 -1.26 1.76 -5.56
CA ILE A 7 -0.76 1.57 -4.20
C ILE A 7 0.35 0.53 -4.16
N LEU A 8 1.30 0.71 -3.25
CA LEU A 8 2.42 -0.21 -3.10
C LEU A 8 2.41 -0.85 -1.71
N LEU A 9 2.43 -2.17 -1.67
CA LEU A 9 2.43 -2.90 -0.40
C LEU A 9 3.81 -3.49 -0.12
N VAL A 10 4.29 -3.31 1.09
CA VAL A 10 5.59 -3.83 1.50
C VAL A 10 5.45 -5.09 2.34
N CYS A 11 5.45 -6.24 1.68
CA CYS A 11 5.32 -7.52 2.36
C CYS A 11 5.53 -8.68 1.40
N GLY A 12 6.01 -9.80 1.94
CA GLY A 12 6.26 -10.97 1.11
C GLY A 12 7.48 -10.81 0.22
N ALA A 13 7.56 -11.63 -0.82
CA ALA A 13 8.70 -11.58 -1.73
C ALA A 13 8.29 -12.04 -3.13
N GLY A 14 7.00 -11.90 -3.44
CA GLY A 14 6.51 -12.31 -4.74
C GLY A 14 5.30 -11.51 -5.18
N MET A 15 4.41 -12.16 -5.94
CA MET A 15 3.20 -11.49 -6.42
C MET A 15 2.27 -12.49 -7.12
N SER A 16 2.06 -13.64 -6.49
CA SER A 16 1.20 -14.67 -7.05
C SER A 16 -0.21 -14.57 -6.49
N THR A 17 -0.93 -13.52 -6.89
CA THR A 17 -2.30 -13.31 -6.43
C THR A 17 -2.40 -13.49 -4.92
N SER A 18 -2.10 -12.42 -4.18
CA SER A 18 -2.16 -12.46 -2.73
C SER A 18 -3.58 -12.22 -2.23
N MET A 19 -3.85 -12.66 -1.01
CA MET A 19 -5.18 -12.49 -0.42
C MET A 19 -5.62 -11.04 -0.48
N LEU A 20 -4.78 -10.15 0.05
CA LEU A 20 -5.08 -8.72 0.07
C LEU A 20 -5.46 -8.23 -1.33
N VAL A 21 -4.57 -8.46 -2.29
CA VAL A 21 -4.82 -8.04 -3.67
C VAL A 21 -6.17 -8.55 -4.17
N GLN A 22 -6.46 -9.81 -3.86
CA GLN A 22 -7.73 -10.42 -4.28
C GLN A 22 -8.91 -9.62 -3.74
N ARG A 23 -8.93 -9.40 -2.44
CA ARG A 23 -10.01 -8.66 -1.79
C ARG A 23 -10.16 -7.27 -2.42
N ILE A 24 -9.10 -6.46 -2.32
CA ILE A 24 -9.12 -5.13 -2.88
C ILE A 24 -9.56 -5.13 -4.34
N GLU A 25 -9.05 -6.11 -5.10
CA GLU A 25 -9.39 -6.23 -6.51
C GLU A 25 -10.89 -6.39 -6.69
N LYS A 26 -11.49 -7.27 -5.90
CA LYS A 26 -12.93 -7.52 -5.97
C LYS A 26 -13.71 -6.27 -5.60
N TYR A 27 -13.51 -5.79 -4.39
CA TYR A 27 -14.21 -4.60 -3.90
C TYR A 27 -14.04 -3.44 -4.89
N ALA A 28 -12.80 -3.17 -5.28
CA ALA A 28 -12.51 -2.10 -6.22
C ALA A 28 -13.22 -2.32 -7.55
N LYS A 29 -12.96 -3.48 -8.16
CA LYS A 29 -13.57 -3.82 -9.44
C LYS A 29 -15.09 -3.68 -9.38
N SER A 30 -15.64 -3.89 -8.19
CA SER A 30 -17.08 -3.79 -7.99
C SER A 30 -17.53 -2.33 -7.99
N LYS A 31 -16.83 -1.51 -7.21
CA LYS A 31 -17.14 -0.09 -7.11
C LYS A 31 -16.75 0.65 -8.38
N ASN A 32 -15.94 0.00 -9.22
CA ASN A 32 -15.49 0.59 -10.48
C ASN A 32 -14.63 1.81 -10.21
N ILE A 33 -13.62 1.65 -9.36
CA ILE A 33 -12.72 2.74 -9.01
C ILE A 33 -11.41 2.63 -9.79
N ASN A 34 -10.87 3.78 -10.19
CA ASN A 34 -9.61 3.82 -10.94
C ASN A 34 -8.42 3.76 -9.99
N ALA A 35 -8.06 2.55 -9.57
CA ALA A 35 -6.93 2.37 -8.66
C ALA A 35 -6.30 1.00 -8.86
N THR A 36 -5.10 0.82 -8.30
CA THR A 36 -4.39 -0.44 -8.42
C THR A 36 -3.60 -0.75 -7.14
N ILE A 37 -3.23 -2.01 -6.98
CA ILE A 37 -2.47 -2.44 -5.80
C ILE A 37 -1.51 -3.56 -6.14
N GLU A 38 -0.32 -3.52 -5.55
CA GLU A 38 0.70 -4.53 -5.79
C GLU A 38 1.69 -4.59 -4.64
N ALA A 39 2.14 -5.80 -4.31
CA ALA A 39 3.09 -6.00 -3.23
C ALA A 39 4.44 -6.48 -3.76
N ILE A 40 5.50 -6.14 -3.04
CA ILE A 40 6.85 -6.55 -3.44
C ILE A 40 7.79 -6.56 -2.25
N ALA A 41 9.03 -6.97 -2.48
CA ALA A 41 10.04 -7.03 -1.44
C ALA A 41 10.49 -5.62 -1.03
N GLU A 42 11.42 -5.56 -0.08
CA GLU A 42 11.94 -4.28 0.39
C GLU A 42 13.00 -3.73 -0.54
N THR A 43 13.75 -4.64 -1.17
CA THR A 43 14.82 -4.27 -2.08
C THR A 43 14.25 -3.69 -3.37
N ARG A 44 13.05 -4.12 -3.73
CA ARG A 44 12.39 -3.65 -4.95
C ARG A 44 11.47 -2.47 -4.64
N LEU A 45 11.22 -2.24 -3.36
CA LEU A 45 10.35 -1.14 -2.94
C LEU A 45 10.85 0.19 -3.50
N SER A 46 12.16 0.38 -3.46
CA SER A 46 12.76 1.62 -3.97
C SER A 46 12.75 1.64 -5.50
N GLU A 47 12.43 0.49 -6.10
CA GLU A 47 12.39 0.39 -7.55
C GLU A 47 10.95 0.42 -8.05
N VAL A 48 10.00 0.61 -7.13
CA VAL A 48 8.58 0.68 -7.48
C VAL A 48 7.94 1.94 -6.95
N VAL A 49 8.36 2.36 -5.76
CA VAL A 49 7.81 3.58 -5.14
C VAL A 49 8.10 4.80 -6.00
N ASP A 50 9.15 4.72 -6.82
CA ASP A 50 9.53 5.82 -7.69
C ASP A 50 8.42 6.12 -8.69
N ARG A 51 7.59 5.12 -8.99
CA ARG A 51 6.50 5.29 -9.93
C ARG A 51 5.16 5.27 -9.21
N PHE A 52 5.04 4.42 -8.20
CA PHE A 52 3.81 4.30 -7.43
C PHE A 52 3.41 5.64 -6.83
N ASP A 53 2.30 5.65 -6.10
CA ASP A 53 1.82 6.87 -5.47
C ASP A 53 1.79 6.72 -3.95
N VAL A 54 1.18 5.64 -3.49
CA VAL A 54 1.08 5.37 -2.05
C VAL A 54 1.99 4.21 -1.64
N VAL A 55 2.56 4.31 -0.45
CA VAL A 55 3.45 3.28 0.06
C VAL A 55 2.97 2.76 1.41
N LEU A 56 2.28 1.62 1.40
CA LEU A 56 1.77 1.02 2.63
C LEU A 56 2.65 -0.15 3.07
N LEU A 57 3.02 -0.16 4.35
CA LEU A 57 3.86 -1.23 4.89
C LEU A 57 3.00 -2.30 5.54
N ALA A 58 3.64 -3.39 5.95
CA ALA A 58 2.93 -4.49 6.59
C ALA A 58 3.13 -4.46 8.10
N PRO A 59 2.24 -5.15 8.83
CA PRO A 59 2.29 -5.22 10.29
C PRO A 59 3.47 -6.04 10.79
N GLN A 60 4.13 -6.75 9.89
CA GLN A 60 5.27 -7.58 10.23
C GLN A 60 6.57 -6.95 9.73
N SER A 61 7.24 -6.22 10.62
CA SER A 61 8.49 -5.56 10.26
C SER A 61 9.31 -5.23 11.51
N ARG A 62 10.59 -5.57 11.49
CA ARG A 62 11.47 -5.32 12.62
C ARG A 62 12.16 -3.96 12.47
N PHE A 63 13.02 -3.86 11.46
CA PHE A 63 13.75 -2.62 11.20
C PHE A 63 13.34 -2.01 9.87
N ASN A 64 12.84 -2.85 8.97
CA ASN A 64 12.41 -2.40 7.65
C ASN A 64 11.45 -1.22 7.76
N LYS A 65 10.42 -1.38 8.60
CA LYS A 65 9.44 -0.33 8.81
C LYS A 65 10.08 0.92 9.41
N LYS A 66 11.09 0.71 10.24
CA LYS A 66 11.79 1.82 10.88
C LYS A 66 12.48 2.69 9.84
N ARG A 67 13.36 2.09 9.06
CA ARG A 67 14.09 2.82 8.02
C ARG A 67 13.12 3.44 7.01
N LEU A 68 12.24 2.61 6.46
CA LEU A 68 11.26 3.07 5.48
C LEU A 68 10.53 4.30 6.00
N GLU A 69 9.82 4.15 7.10
CA GLU A 69 9.07 5.25 7.69
C GLU A 69 9.98 6.43 8.00
N GLU A 70 11.13 6.14 8.59
CA GLU A 70 12.09 7.18 8.94
C GLU A 70 12.51 7.97 7.70
N ILE A 71 12.44 7.33 6.54
CA ILE A 71 12.81 7.96 5.29
C ILE A 71 11.60 8.63 4.64
N THR A 72 10.43 8.07 4.86
CA THR A 72 9.20 8.61 4.30
C THR A 72 8.87 9.97 4.92
N LYS A 73 9.11 10.10 6.22
CA LYS A 73 8.85 11.35 6.92
C LYS A 73 9.47 12.53 6.19
N PRO A 74 10.80 12.51 6.04
CA PRO A 74 11.54 13.58 5.37
C PRO A 74 11.29 13.59 3.86
N LYS A 75 11.06 12.41 3.29
CA LYS A 75 10.80 12.28 1.87
C LYS A 75 9.49 12.97 1.49
N GLY A 76 8.56 13.02 2.43
CA GLY A 76 7.28 13.66 2.18
C GLY A 76 6.42 12.86 1.22
N ILE A 77 6.01 11.66 1.64
CA ILE A 77 5.17 10.80 0.81
C ILE A 77 4.08 10.14 1.64
N PRO A 78 2.98 9.78 0.97
CA PRO A 78 1.84 9.12 1.62
C PRO A 78 2.17 7.69 2.06
N ILE A 79 2.54 7.54 3.32
CA ILE A 79 2.89 6.23 3.86
C ILE A 79 1.96 5.87 5.02
N GLU A 80 1.47 4.63 5.01
CA GLU A 80 0.57 4.15 6.06
C GLU A 80 0.89 2.71 6.43
N ILE A 81 0.50 2.31 7.64
CA ILE A 81 0.75 0.96 8.11
C ILE A 81 -0.57 0.22 8.38
N ILE A 82 -0.74 -0.92 7.73
CA ILE A 82 -1.95 -1.72 7.89
C ILE A 82 -1.97 -2.40 9.25
N ASN A 83 -3.05 -2.17 10.01
CA ASN A 83 -3.19 -2.76 11.34
C ASN A 83 -3.00 -4.27 11.28
N THR A 84 -2.48 -4.84 12.36
CA THR A 84 -2.25 -6.28 12.43
C THR A 84 -3.54 -7.05 12.17
N ILE A 85 -4.58 -6.72 12.91
CA ILE A 85 -5.87 -7.38 12.75
C ILE A 85 -6.41 -7.22 11.34
N ASP A 86 -6.42 -5.98 10.85
CA ASP A 86 -6.91 -5.70 9.51
C ASP A 86 -6.19 -6.57 8.48
N TYR A 87 -4.88 -6.65 8.59
CA TYR A 87 -4.08 -7.45 7.66
C TYR A 87 -4.47 -8.92 7.74
N GLY A 88 -4.35 -9.50 8.92
CA GLY A 88 -4.69 -10.89 9.10
C GLY A 88 -6.09 -11.22 8.59
N THR A 89 -7.02 -10.31 8.83
CA THR A 89 -8.40 -10.50 8.39
C THR A 89 -8.53 -10.30 6.89
N MET A 90 -7.61 -9.55 6.31
CA MET A 90 -7.62 -9.28 4.88
C MET A 90 -8.86 -8.50 4.48
N ASN A 91 -8.98 -7.29 5.02
CA ASN A 91 -10.13 -6.44 4.73
C ASN A 91 -9.81 -5.47 3.58
N GLY A 92 -10.16 -5.88 2.37
CA GLY A 92 -9.91 -5.06 1.21
C GLY A 92 -10.45 -3.65 1.37
N GLU A 93 -11.68 -3.54 1.85
CA GLU A 93 -12.31 -2.24 2.05
C GLU A 93 -11.42 -1.32 2.88
N LYS A 94 -11.00 -1.80 4.05
CA LYS A 94 -10.14 -1.02 4.93
C LYS A 94 -8.81 -0.69 4.24
N VAL A 95 -8.29 -1.65 3.47
CA VAL A 95 -7.04 -1.45 2.77
C VAL A 95 -7.12 -0.28 1.81
N LEU A 96 -7.91 -0.45 0.73
CA LEU A 96 -8.07 0.59 -0.26
C LEU A 96 -8.47 1.91 0.39
N GLN A 97 -9.34 1.83 1.39
CA GLN A 97 -9.81 3.02 2.10
C GLN A 97 -8.63 3.76 2.74
N LEU A 98 -7.81 3.03 3.48
CA LEU A 98 -6.66 3.63 4.14
C LEU A 98 -5.71 4.27 3.13
N ALA A 99 -5.34 3.50 2.10
CA ALA A 99 -4.46 4.01 1.06
C ALA A 99 -4.96 5.33 0.49
N ILE A 100 -6.19 5.31 -0.02
CA ILE A 100 -6.78 6.52 -0.59
C ILE A 100 -6.79 7.66 0.41
N ASN A 101 -7.11 7.35 1.66
CA ASN A 101 -7.16 8.35 2.71
C ASN A 101 -5.79 9.00 2.89
N ALA A 102 -4.74 8.19 2.88
CA ALA A 102 -3.38 8.69 3.03
C ALA A 102 -2.98 9.57 1.85
N PHE A 103 -3.31 9.13 0.65
CA PHE A 103 -2.98 9.87 -0.55
C PHE A 103 -3.66 11.24 -0.55
N ASN A 104 -4.96 11.25 -0.23
CA ASN A 104 -5.72 12.49 -0.18
C ASN A 104 -5.17 13.43 0.88
N ASN A 105 -4.99 12.91 2.08
CA ASN A 105 -4.48 13.71 3.20
C ASN A 105 -3.12 14.32 2.84
N LYS A 106 -2.27 13.51 2.22
CA LYS A 106 -0.94 13.97 1.82
C LYS A 106 -0.18 14.53 3.02
N SER A 107 -0.51 14.04 4.21
CA SER A 107 0.13 14.50 5.43
C SER A 107 1.48 13.80 5.63
N SER A 108 2.46 14.55 6.13
CA SER A 108 3.79 14.00 6.37
C SER A 108 4.65 14.98 7.15
N VAL A 109 4.13 15.43 8.29
CA VAL A 109 4.84 16.37 9.13
C VAL A 109 4.21 16.46 10.52
N GLY A 1 -1.91 5.59 -15.97
CA GLY A 1 -2.73 6.20 -16.99
C GLY A 1 -3.29 7.54 -16.57
N PRO A 2 -4.05 8.19 -17.47
CA PRO A 2 -4.65 9.50 -17.20
C PRO A 2 -5.77 9.41 -16.18
N GLY A 3 -6.36 8.22 -16.04
CA GLY A 3 -7.44 8.03 -15.10
C GLY A 3 -7.30 6.74 -14.31
N SER A 4 -6.29 6.67 -13.45
CA SER A 4 -6.05 5.47 -12.65
C SER A 4 -5.20 5.81 -11.43
N MET A 5 -4.97 4.80 -10.59
CA MET A 5 -4.16 4.99 -9.38
C MET A 5 -3.32 3.75 -9.10
N ASN A 6 -2.05 3.97 -8.80
CA ASN A 6 -1.12 2.88 -8.51
C ASN A 6 -0.68 2.91 -7.05
N ILE A 7 -1.14 1.93 -6.28
CA ILE A 7 -0.79 1.84 -4.87
C ILE A 7 0.39 0.89 -4.65
N LEU A 8 1.30 1.28 -3.76
CA LEU A 8 2.47 0.46 -3.46
C LEU A 8 2.35 -0.17 -2.07
N LEU A 9 2.68 -1.44 -1.99
CA LEU A 9 2.62 -2.16 -0.71
C LEU A 9 3.95 -2.83 -0.40
N VAL A 10 4.35 -2.79 0.87
CA VAL A 10 5.60 -3.39 1.30
C VAL A 10 5.35 -4.51 2.31
N CYS A 11 5.44 -5.74 1.84
CA CYS A 11 5.23 -6.91 2.70
C CYS A 11 5.71 -8.19 2.03
N GLY A 12 5.07 -8.54 0.92
CA GLY A 12 5.46 -9.74 0.19
C GLY A 12 4.65 -10.96 0.62
N ALA A 13 3.42 -10.73 1.05
CA ALA A 13 2.54 -11.81 1.49
C ALA A 13 1.80 -12.43 0.31
N GLY A 14 2.42 -13.44 -0.30
CA GLY A 14 1.80 -14.10 -1.43
C GLY A 14 2.12 -13.41 -2.75
N MET A 15 2.55 -14.20 -3.74
CA MET A 15 2.88 -13.65 -5.05
C MET A 15 1.63 -13.37 -5.86
N SER A 16 1.27 -12.10 -5.98
CA SER A 16 0.09 -11.69 -6.73
C SER A 16 -1.18 -12.12 -6.00
N THR A 17 -1.49 -13.42 -6.07
CA THR A 17 -2.68 -13.95 -5.42
C THR A 17 -2.55 -13.90 -3.91
N SER A 18 -3.60 -13.40 -3.25
CA SER A 18 -3.60 -13.29 -1.79
C SER A 18 -4.97 -12.89 -1.29
N MET A 19 -5.26 -13.27 -0.04
CA MET A 19 -6.55 -12.95 0.57
C MET A 19 -6.83 -11.45 0.50
N LEU A 20 -5.96 -10.66 1.11
CA LEU A 20 -6.11 -9.21 1.13
C LEU A 20 -6.30 -8.68 -0.28
N VAL A 21 -5.42 -9.07 -1.20
CA VAL A 21 -5.49 -8.63 -2.58
C VAL A 21 -6.85 -8.98 -3.19
N GLN A 22 -7.31 -10.20 -2.95
CA GLN A 22 -8.59 -10.66 -3.48
C GLN A 22 -9.72 -9.75 -3.00
N ARG A 23 -9.72 -9.43 -1.71
CA ARG A 23 -10.74 -8.58 -1.13
C ARG A 23 -10.69 -7.19 -1.73
N ILE A 24 -9.48 -6.69 -1.94
CA ILE A 24 -9.30 -5.36 -2.52
C ILE A 24 -9.76 -5.30 -3.98
N GLU A 25 -9.20 -6.20 -4.79
CA GLU A 25 -9.56 -6.27 -6.20
C GLU A 25 -11.06 -6.50 -6.37
N LYS A 26 -11.63 -7.30 -5.48
CA LYS A 26 -13.06 -7.61 -5.53
C LYS A 26 -13.89 -6.36 -5.25
N TYR A 27 -13.68 -5.77 -4.08
CA TYR A 27 -14.42 -4.57 -3.68
C TYR A 27 -14.34 -3.50 -4.77
N ALA A 28 -13.13 -3.26 -5.27
CA ALA A 28 -12.93 -2.27 -6.32
C ALA A 28 -13.62 -2.69 -7.61
N LYS A 29 -13.42 -3.93 -8.02
CA LYS A 29 -14.02 -4.46 -9.23
C LYS A 29 -15.54 -4.31 -9.20
N SER A 30 -16.11 -4.38 -8.00
CA SER A 30 -17.55 -4.26 -7.82
C SER A 30 -17.97 -2.79 -7.78
N LYS A 31 -17.17 -1.97 -7.11
CA LYS A 31 -17.45 -0.54 -6.99
C LYS A 31 -17.19 0.17 -8.31
N ASN A 32 -16.46 -0.50 -9.21
CA ASN A 32 -16.15 0.08 -10.51
C ASN A 32 -15.27 1.33 -10.36
N ILE A 33 -14.14 1.16 -9.69
CA ILE A 33 -13.22 2.27 -9.48
C ILE A 33 -11.91 2.06 -10.24
N ASN A 34 -11.35 3.14 -10.75
CA ASN A 34 -10.11 3.07 -11.52
C ASN A 34 -8.90 3.15 -10.58
N ALA A 35 -8.55 2.02 -9.99
CA ALA A 35 -7.40 1.95 -9.08
C ALA A 35 -6.77 0.56 -9.08
N THR A 36 -5.50 0.50 -8.74
CA THR A 36 -4.78 -0.77 -8.71
C THR A 36 -3.69 -0.76 -7.64
N ILE A 37 -3.51 -1.88 -6.95
CA ILE A 37 -2.50 -1.99 -5.91
C ILE A 37 -1.51 -3.11 -6.23
N GLU A 38 -0.26 -2.93 -5.79
CA GLU A 38 0.78 -3.93 -6.02
C GLU A 38 1.79 -3.92 -4.90
N ALA A 39 2.36 -5.09 -4.61
CA ALA A 39 3.35 -5.23 -3.55
C ALA A 39 4.69 -5.69 -4.11
N ILE A 40 5.77 -5.26 -3.47
CA ILE A 40 7.11 -5.63 -3.90
C ILE A 40 8.09 -5.65 -2.72
N ALA A 41 9.33 -6.04 -3.00
CA ALA A 41 10.36 -6.09 -1.97
C ALA A 41 10.90 -4.70 -1.66
N GLU A 42 11.70 -4.60 -0.59
CA GLU A 42 12.28 -3.33 -0.20
C GLU A 42 13.44 -2.95 -1.12
N THR A 43 14.07 -3.95 -1.71
CA THR A 43 15.19 -3.71 -2.61
C THR A 43 14.76 -2.91 -3.83
N ARG A 44 13.53 -3.14 -4.29
CA ARG A 44 13.00 -2.44 -5.45
C ARG A 44 12.03 -1.34 -5.02
N LEU A 45 11.73 -1.31 -3.72
CA LEU A 45 10.82 -0.31 -3.18
C LEU A 45 11.26 1.10 -3.58
N SER A 46 12.53 1.40 -3.36
CA SER A 46 13.07 2.72 -3.69
C SER A 46 13.21 2.88 -5.20
N GLU A 47 13.01 1.79 -5.93
CA GLU A 47 13.12 1.81 -7.39
C GLU A 47 11.73 1.82 -8.03
N VAL A 48 10.69 1.78 -7.19
CA VAL A 48 9.32 1.78 -7.67
C VAL A 48 8.53 2.95 -7.09
N VAL A 49 8.85 3.30 -5.84
CA VAL A 49 8.17 4.40 -5.17
C VAL A 49 8.42 5.72 -5.89
N ASP A 50 9.49 5.77 -6.67
CA ASP A 50 9.84 6.98 -7.41
C ASP A 50 8.81 7.25 -8.51
N ARG A 51 8.03 6.23 -8.85
CA ARG A 51 7.01 6.37 -9.89
C ARG A 51 5.62 6.12 -9.31
N PHE A 52 5.54 5.22 -8.33
CA PHE A 52 4.27 4.89 -7.71
C PHE A 52 3.62 6.13 -7.11
N ASP A 53 2.46 5.96 -6.49
CA ASP A 53 1.74 7.06 -5.87
C ASP A 53 1.83 7.00 -4.35
N VAL A 54 1.14 6.02 -3.76
CA VAL A 54 1.15 5.85 -2.32
C VAL A 54 1.93 4.60 -1.92
N VAL A 55 2.37 4.57 -0.67
CA VAL A 55 3.14 3.43 -0.16
C VAL A 55 2.52 2.88 1.12
N LEU A 56 2.66 1.58 1.33
CA LEU A 56 2.12 0.93 2.51
C LEU A 56 3.12 -0.07 3.10
N LEU A 57 2.95 -0.38 4.38
CA LEU A 57 3.84 -1.32 5.06
C LEU A 57 3.04 -2.40 5.77
N ALA A 58 3.72 -3.48 6.15
CA ALA A 58 3.08 -4.59 6.85
C ALA A 58 3.44 -4.59 8.33
N PRO A 59 2.61 -5.27 9.14
CA PRO A 59 2.83 -5.36 10.59
C PRO A 59 4.04 -6.21 10.95
N GLN A 60 4.48 -7.04 10.01
CA GLN A 60 5.63 -7.90 10.22
C GLN A 60 6.91 -7.24 9.72
N SER A 61 7.56 -6.49 10.61
CA SER A 61 8.79 -5.78 10.24
C SER A 61 9.54 -5.35 11.50
N ARG A 62 10.79 -5.78 11.62
CA ARG A 62 11.62 -5.43 12.76
C ARG A 62 12.42 -4.15 12.49
N PHE A 63 13.34 -4.24 11.54
CA PHE A 63 14.18 -3.09 11.18
C PHE A 63 13.60 -2.36 9.97
N ASN A 64 12.87 -3.09 9.15
CA ASN A 64 12.26 -2.51 7.95
C ASN A 64 11.46 -1.26 8.29
N LYS A 65 10.54 -1.40 9.24
CA LYS A 65 9.71 -0.27 9.65
C LYS A 65 10.57 0.88 10.17
N LYS A 66 11.66 0.54 10.84
CA LYS A 66 12.56 1.54 11.39
C LYS A 66 13.15 2.41 10.27
N ARG A 67 13.86 1.77 9.34
CA ARG A 67 14.47 2.48 8.22
C ARG A 67 13.40 3.13 7.35
N LEU A 68 12.37 2.38 7.01
CA LEU A 68 11.28 2.89 6.18
C LEU A 68 10.73 4.20 6.74
N GLU A 69 10.53 4.23 8.06
CA GLU A 69 10.01 5.43 8.71
C GLU A 69 11.06 6.55 8.70
N GLU A 70 12.30 6.20 8.99
CA GLU A 70 13.38 7.17 9.01
C GLU A 70 13.64 7.73 7.61
N ILE A 71 13.18 7.01 6.60
CA ILE A 71 13.36 7.42 5.21
C ILE A 71 12.14 8.18 4.71
N THR A 72 10.96 7.72 5.10
CA THR A 72 9.71 8.34 4.68
C THR A 72 9.55 9.73 5.31
N LYS A 73 10.01 9.86 6.56
CA LYS A 73 9.92 11.13 7.26
C LYS A 73 10.52 12.26 6.42
N PRO A 74 11.81 12.15 6.09
CA PRO A 74 12.51 13.16 5.29
C PRO A 74 12.05 13.17 3.84
N LYS A 75 11.74 11.98 3.31
CA LYS A 75 11.28 11.85 1.93
C LYS A 75 9.93 12.55 1.74
N GLY A 76 9.18 12.68 2.83
CA GLY A 76 7.89 13.32 2.76
C GLY A 76 6.96 12.66 1.75
N ILE A 77 6.61 11.40 2.01
CA ILE A 77 5.73 10.66 1.13
C ILE A 77 4.60 10.00 1.90
N PRO A 78 3.48 9.75 1.21
CA PRO A 78 2.30 9.11 1.82
C PRO A 78 2.54 7.65 2.15
N ILE A 79 2.79 7.37 3.42
CA ILE A 79 3.04 6.00 3.86
C ILE A 79 2.01 5.57 4.90
N GLU A 80 1.47 4.36 4.72
CA GLU A 80 0.47 3.83 5.64
C GLU A 80 0.86 2.44 6.12
N ILE A 81 0.23 1.99 7.20
CA ILE A 81 0.50 0.67 7.76
C ILE A 81 -0.79 -0.08 8.07
N ILE A 82 -0.87 -1.33 7.65
CA ILE A 82 -2.04 -2.16 7.89
C ILE A 82 -2.07 -2.66 9.33
N ASN A 83 -3.26 -2.72 9.91
CA ASN A 83 -3.42 -3.19 11.28
C ASN A 83 -3.51 -4.71 11.33
N THR A 84 -2.91 -5.30 12.36
CA THR A 84 -2.93 -6.75 12.53
C THR A 84 -4.34 -7.30 12.41
N ILE A 85 -5.32 -6.50 12.81
CA ILE A 85 -6.71 -6.91 12.77
C ILE A 85 -7.21 -6.99 11.33
N ASP A 86 -7.20 -5.86 10.63
CA ASP A 86 -7.65 -5.81 9.25
C ASP A 86 -6.88 -6.80 8.38
N TYR A 87 -5.62 -7.03 8.74
CA TYR A 87 -4.78 -7.96 8.00
C TYR A 87 -5.22 -9.41 8.24
N GLY A 88 -5.37 -9.78 9.50
CA GLY A 88 -5.79 -11.13 9.84
C GLY A 88 -7.15 -11.47 9.25
N THR A 89 -8.11 -10.57 9.40
CA THR A 89 -9.45 -10.78 8.88
C THR A 89 -9.51 -10.54 7.37
N MET A 90 -8.52 -9.81 6.86
CA MET A 90 -8.46 -9.51 5.44
C MET A 90 -9.65 -8.66 5.01
N ASN A 91 -9.54 -7.34 5.20
CA ASN A 91 -10.61 -6.42 4.84
C ASN A 91 -10.19 -5.55 3.66
N GLY A 92 -10.51 -6.01 2.46
CA GLY A 92 -10.16 -5.26 1.26
C GLY A 92 -10.63 -3.82 1.32
N GLU A 93 -11.89 -3.63 1.71
CA GLU A 93 -12.47 -2.30 1.81
C GLU A 93 -11.59 -1.38 2.66
N LYS A 94 -11.23 -1.87 3.85
CA LYS A 94 -10.39 -1.10 4.76
C LYS A 94 -9.02 -0.82 4.15
N VAL A 95 -8.49 -1.81 3.44
CA VAL A 95 -7.19 -1.66 2.79
C VAL A 95 -7.21 -0.53 1.77
N LEU A 96 -7.96 -0.72 0.68
CA LEU A 96 -8.06 0.29 -0.36
C LEU A 96 -8.43 1.64 0.22
N GLN A 97 -9.37 1.65 1.16
CA GLN A 97 -9.82 2.88 1.80
C GLN A 97 -8.65 3.61 2.44
N LEU A 98 -7.83 2.86 3.17
CA LEU A 98 -6.68 3.44 3.85
C LEU A 98 -5.68 4.01 2.84
N ALA A 99 -5.33 3.21 1.84
CA ALA A 99 -4.40 3.64 0.81
C ALA A 99 -4.83 4.98 0.21
N ILE A 100 -6.05 5.02 -0.31
CA ILE A 100 -6.58 6.24 -0.92
C ILE A 100 -6.60 7.39 0.08
N ASN A 101 -6.96 7.08 1.32
CA ASN A 101 -7.03 8.09 2.38
C ASN A 101 -5.70 8.82 2.51
N ALA A 102 -4.62 8.06 2.70
CA ALA A 102 -3.28 8.63 2.83
C ALA A 102 -2.86 9.35 1.55
N PHE A 103 -3.18 8.74 0.41
CA PHE A 103 -2.84 9.33 -0.88
C PHE A 103 -3.34 10.77 -0.98
N ASN A 104 -4.65 10.93 -0.90
CA ASN A 104 -5.27 12.25 -0.99
C ASN A 104 -4.89 13.11 0.21
N ASN A 105 -4.73 12.47 1.37
CA ASN A 105 -4.35 13.17 2.58
C ASN A 105 -3.08 13.99 2.38
N LYS A 106 -2.05 13.34 1.87
CA LYS A 106 -0.78 14.01 1.62
C LYS A 106 -0.79 14.72 0.27
N SER A 107 -0.47 16.01 0.28
CA SER A 107 -0.44 16.80 -0.94
C SER A 107 0.73 16.39 -1.84
N SER A 108 0.43 15.54 -2.82
CA SER A 108 1.45 15.07 -3.75
C SER A 108 2.02 16.22 -4.57
N VAL A 109 3.31 16.13 -4.88
CA VAL A 109 3.99 17.17 -5.66
C VAL A 109 3.43 17.22 -7.08
N GLY A 1 -5.62 5.72 -20.92
CA GLY A 1 -4.90 6.93 -20.53
C GLY A 1 -4.57 6.97 -19.06
N PRO A 2 -3.75 7.96 -18.65
CA PRO A 2 -3.35 8.12 -17.26
C PRO A 2 -4.49 8.57 -16.36
N GLY A 3 -4.25 8.61 -15.06
CA GLY A 3 -5.27 9.03 -14.12
C GLY A 3 -5.46 8.05 -12.98
N SER A 4 -5.37 6.76 -13.30
CA SER A 4 -5.54 5.71 -12.29
C SER A 4 -4.56 5.91 -11.14
N MET A 5 -4.91 5.38 -9.97
CA MET A 5 -4.07 5.49 -8.79
C MET A 5 -3.45 4.14 -8.44
N ASN A 6 -2.15 4.00 -8.71
CA ASN A 6 -1.44 2.77 -8.42
C ASN A 6 -1.02 2.72 -6.95
N ILE A 7 -1.54 1.74 -6.22
CA ILE A 7 -1.21 1.57 -4.81
C ILE A 7 0.00 0.66 -4.63
N LEU A 8 0.81 0.94 -3.63
CA LEU A 8 1.99 0.14 -3.34
C LEU A 8 1.86 -0.57 -2.00
N LEU A 9 2.12 -1.88 -2.00
CA LEU A 9 2.04 -2.67 -0.77
C LEU A 9 3.36 -3.38 -0.48
N VAL A 10 3.69 -3.49 0.80
CA VAL A 10 4.93 -4.15 1.20
C VAL A 10 4.65 -5.27 2.18
N CYS A 11 4.49 -6.49 1.67
CA CYS A 11 4.23 -7.66 2.50
C CYS A 11 4.80 -8.91 1.88
N GLY A 12 5.53 -9.69 2.68
CA GLY A 12 6.12 -10.92 2.19
C GLY A 12 5.35 -12.15 2.61
N ALA A 13 5.82 -13.32 2.18
CA ALA A 13 5.17 -14.58 2.52
C ALA A 13 3.70 -14.56 2.11
N GLY A 14 3.45 -14.71 0.81
CA GLY A 14 2.08 -14.70 0.31
C GLY A 14 2.02 -14.84 -1.20
N MET A 15 2.97 -14.22 -1.89
CA MET A 15 3.01 -14.28 -3.34
C MET A 15 1.73 -13.72 -3.95
N SER A 16 1.62 -13.80 -5.28
CA SER A 16 0.44 -13.31 -5.97
C SER A 16 -0.80 -14.11 -5.59
N THR A 17 -1.96 -13.61 -5.95
CA THR A 17 -3.22 -14.28 -5.64
C THR A 17 -3.46 -14.33 -4.14
N SER A 18 -2.86 -13.40 -3.41
CA SER A 18 -3.00 -13.35 -1.96
C SER A 18 -4.41 -12.93 -1.57
N MET A 19 -4.79 -13.25 -0.33
CA MET A 19 -6.12 -12.90 0.16
C MET A 19 -6.32 -11.39 0.15
N LEU A 20 -5.41 -10.67 0.81
CA LEU A 20 -5.49 -9.22 0.87
C LEU A 20 -5.65 -8.62 -0.53
N VAL A 21 -4.65 -8.81 -1.37
CA VAL A 21 -4.68 -8.30 -2.74
C VAL A 21 -5.97 -8.70 -3.45
N GLN A 22 -6.41 -9.92 -3.19
CA GLN A 22 -7.64 -10.44 -3.80
C GLN A 22 -8.85 -9.64 -3.34
N ARG A 23 -8.91 -9.36 -2.05
CA ARG A 23 -10.02 -8.61 -1.47
C ARG A 23 -10.05 -7.19 -2.03
N ILE A 24 -8.87 -6.60 -2.18
CA ILE A 24 -8.76 -5.23 -2.70
C ILE A 24 -9.18 -5.17 -4.17
N GLU A 25 -8.55 -6.00 -5.00
CA GLU A 25 -8.87 -6.03 -6.42
C GLU A 25 -10.33 -6.37 -6.65
N LYS A 26 -10.87 -7.25 -5.81
CA LYS A 26 -12.26 -7.66 -5.91
C LYS A 26 -13.21 -6.49 -5.61
N TYR A 27 -13.08 -5.95 -4.40
CA TYR A 27 -13.92 -4.83 -3.99
C TYR A 27 -13.88 -3.70 -5.02
N ALA A 28 -12.67 -3.36 -5.46
CA ALA A 28 -12.49 -2.30 -6.44
C ALA A 28 -13.11 -2.68 -7.78
N LYS A 29 -12.80 -3.89 -8.25
CA LYS A 29 -13.33 -4.37 -9.52
C LYS A 29 -14.85 -4.36 -9.51
N SER A 30 -15.43 -4.53 -8.32
CA SER A 30 -16.88 -4.55 -8.17
C SER A 30 -17.44 -3.14 -8.07
N LYS A 31 -16.74 -2.29 -7.31
CA LYS A 31 -17.16 -0.90 -7.12
C LYS A 31 -16.92 -0.09 -8.38
N ASN A 32 -16.09 -0.62 -9.28
CA ASN A 32 -15.77 0.05 -10.52
C ASN A 32 -15.03 1.36 -10.27
N ILE A 33 -13.88 1.26 -9.61
CA ILE A 33 -13.07 2.43 -9.29
C ILE A 33 -11.77 2.42 -10.08
N ASN A 34 -11.31 3.61 -10.48
CA ASN A 34 -10.07 3.74 -11.24
C ASN A 34 -8.86 3.72 -10.31
N ALA A 35 -8.42 2.52 -9.95
CA ALA A 35 -7.27 2.36 -9.08
C ALA A 35 -6.53 1.05 -9.36
N THR A 36 -5.32 0.94 -8.83
CA THR A 36 -4.52 -0.26 -9.02
C THR A 36 -3.83 -0.68 -7.73
N ILE A 37 -3.38 -1.93 -7.68
CA ILE A 37 -2.70 -2.45 -6.49
C ILE A 37 -1.52 -3.33 -6.89
N GLU A 38 -0.45 -3.26 -6.11
CA GLU A 38 0.75 -4.05 -6.36
C GLU A 38 1.57 -4.23 -5.10
N ALA A 39 2.07 -5.45 -4.89
CA ALA A 39 2.88 -5.76 -3.72
C ALA A 39 4.30 -6.11 -4.11
N ILE A 40 5.27 -5.57 -3.39
CA ILE A 40 6.68 -5.83 -3.66
C ILE A 40 7.52 -5.69 -2.39
N ALA A 41 8.82 -5.87 -2.53
CA ALA A 41 9.74 -5.76 -1.41
C ALA A 41 10.23 -4.33 -1.24
N GLU A 42 10.59 -3.97 -0.02
CA GLU A 42 11.09 -2.63 0.28
C GLU A 42 12.30 -2.30 -0.58
N THR A 43 13.00 -3.33 -1.03
CA THR A 43 14.19 -3.15 -1.86
C THR A 43 13.85 -2.36 -3.12
N ARG A 44 12.75 -2.70 -3.76
CA ARG A 44 12.32 -2.02 -4.98
C ARG A 44 11.15 -1.08 -4.69
N LEU A 45 10.95 -0.76 -3.42
CA LEU A 45 9.87 0.13 -3.01
C LEU A 45 10.15 1.56 -3.43
N SER A 46 11.34 2.06 -3.08
CA SER A 46 11.74 3.42 -3.42
C SER A 46 12.08 3.53 -4.91
N GLU A 47 12.26 2.39 -5.55
CA GLU A 47 12.58 2.36 -6.97
C GLU A 47 11.32 2.40 -7.83
N VAL A 48 10.20 2.00 -7.23
CA VAL A 48 8.92 1.98 -7.93
C VAL A 48 8.01 3.11 -7.45
N VAL A 49 8.25 3.55 -6.22
CA VAL A 49 7.45 4.63 -5.62
C VAL A 49 7.40 5.84 -6.55
N ASP A 50 8.45 6.03 -7.33
CA ASP A 50 8.52 7.15 -8.27
C ASP A 50 7.31 7.16 -9.20
N ARG A 51 6.73 5.98 -9.42
CA ARG A 51 5.57 5.85 -10.28
C ARG A 51 4.29 5.68 -9.46
N PHE A 52 4.35 4.82 -8.46
CA PHE A 52 3.20 4.57 -7.60
C PHE A 52 2.78 5.83 -6.87
N ASP A 53 1.59 5.80 -6.28
CA ASP A 53 1.06 6.95 -5.56
C ASP A 53 1.33 6.82 -4.06
N VAL A 54 0.58 5.95 -3.39
CA VAL A 54 0.75 5.73 -1.97
C VAL A 54 1.38 4.37 -1.69
N VAL A 55 1.91 4.20 -0.48
CA VAL A 55 2.55 2.96 -0.08
C VAL A 55 2.04 2.49 1.28
N LEU A 56 2.02 1.17 1.48
CA LEU A 56 1.57 0.59 2.73
C LEU A 56 2.50 -0.52 3.20
N LEU A 57 2.82 -0.52 4.49
CA LEU A 57 3.70 -1.52 5.06
C LEU A 57 2.94 -2.43 6.02
N ALA A 58 3.18 -3.73 5.92
CA ALA A 58 2.53 -4.71 6.77
C ALA A 58 2.97 -4.56 8.23
N PRO A 59 2.17 -5.09 9.15
CA PRO A 59 2.46 -5.03 10.59
C PRO A 59 3.65 -5.89 10.98
N GLN A 60 3.89 -6.95 10.20
CA GLN A 60 5.01 -7.85 10.47
C GLN A 60 6.32 -7.26 9.99
N SER A 61 7.11 -6.75 10.94
CA SER A 61 8.40 -6.14 10.60
C SER A 61 9.10 -5.65 11.87
N ARG A 62 10.33 -6.13 12.07
CA ARG A 62 11.12 -5.74 13.23
C ARG A 62 11.97 -4.51 12.93
N PHE A 63 12.93 -4.68 12.04
CA PHE A 63 13.82 -3.58 11.66
C PHE A 63 13.32 -2.87 10.41
N ASN A 64 12.61 -3.62 9.57
CA ASN A 64 12.07 -3.07 8.33
C ASN A 64 11.27 -1.79 8.61
N LYS A 65 10.33 -1.88 9.54
CA LYS A 65 9.50 -0.74 9.89
C LYS A 65 10.35 0.43 10.35
N LYS A 66 11.39 0.14 11.13
CA LYS A 66 12.29 1.17 11.63
C LYS A 66 12.93 1.94 10.47
N ARG A 67 13.55 1.21 9.56
CA ARG A 67 14.20 1.82 8.40
C ARG A 67 13.19 2.53 7.51
N LEU A 68 12.11 1.83 7.17
CA LEU A 68 11.06 2.38 6.33
C LEU A 68 10.59 3.73 6.87
N GLU A 69 10.46 3.81 8.19
CA GLU A 69 10.01 5.04 8.84
C GLU A 69 11.10 6.11 8.79
N GLU A 70 12.34 5.69 9.05
CA GLU A 70 13.47 6.61 9.03
C GLU A 70 13.77 7.10 7.62
N ILE A 71 13.25 6.38 6.64
CA ILE A 71 13.45 6.74 5.23
C ILE A 71 12.25 7.52 4.69
N THR A 72 11.06 7.13 5.11
CA THR A 72 9.84 7.79 4.66
C THR A 72 9.71 9.18 5.27
N LYS A 73 10.11 9.30 6.53
CA LYS A 73 10.04 10.58 7.24
C LYS A 73 10.72 11.68 6.43
N PRO A 74 12.01 11.47 6.13
CA PRO A 74 12.81 12.44 5.36
C PRO A 74 12.38 12.50 3.89
N LYS A 75 12.05 11.36 3.32
CA LYS A 75 11.62 11.28 1.94
C LYS A 75 10.30 12.02 1.73
N GLY A 76 9.54 12.17 2.81
CA GLY A 76 8.26 12.86 2.73
C GLY A 76 7.33 12.23 1.72
N ILE A 77 7.03 10.95 1.90
CA ILE A 77 6.14 10.24 1.00
C ILE A 77 4.97 9.61 1.76
N PRO A 78 3.85 9.39 1.05
CA PRO A 78 2.65 8.80 1.64
C PRO A 78 2.84 7.32 1.97
N ILE A 79 3.05 7.03 3.25
CA ILE A 79 3.23 5.66 3.70
C ILE A 79 2.30 5.31 4.85
N GLU A 80 1.58 4.21 4.72
CA GLU A 80 0.65 3.77 5.74
C GLU A 80 1.09 2.46 6.37
N ILE A 81 0.57 2.16 7.56
CA ILE A 81 0.92 0.94 8.26
C ILE A 81 -0.32 0.12 8.59
N ILE A 82 -0.39 -1.08 8.03
CA ILE A 82 -1.53 -1.97 8.28
C ILE A 82 -1.50 -2.53 9.69
N ASN A 83 -2.61 -2.39 10.40
CA ASN A 83 -2.71 -2.88 11.78
C ASN A 83 -2.75 -4.42 11.80
N THR A 84 -2.28 -5.00 12.89
CA THR A 84 -2.26 -6.45 13.04
C THR A 84 -3.63 -7.05 12.74
N ILE A 85 -4.68 -6.33 13.13
CA ILE A 85 -6.04 -6.79 12.91
C ILE A 85 -6.40 -6.76 11.42
N ASP A 86 -6.26 -5.59 10.82
CA ASP A 86 -6.57 -5.43 9.39
C ASP A 86 -5.79 -6.43 8.56
N TYR A 87 -4.60 -6.80 9.03
CA TYR A 87 -3.75 -7.74 8.32
C TYR A 87 -4.22 -9.17 8.56
N GLY A 88 -4.60 -9.47 9.80
CA GLY A 88 -5.06 -10.81 10.14
C GLY A 88 -6.39 -11.14 9.49
N THR A 89 -7.32 -10.19 9.54
CA THR A 89 -8.65 -10.39 8.96
C THR A 89 -8.63 -10.13 7.46
N MET A 90 -7.67 -9.32 7.02
CA MET A 90 -7.55 -8.99 5.60
C MET A 90 -8.77 -8.23 5.11
N ASN A 91 -8.87 -6.96 5.49
CA ASN A 91 -9.99 -6.12 5.08
C ASN A 91 -9.64 -5.29 3.85
N GLY A 92 -9.94 -5.83 2.68
CA GLY A 92 -9.64 -5.13 1.44
C GLY A 92 -10.21 -3.71 1.43
N GLU A 93 -11.47 -3.59 1.83
CA GLU A 93 -12.12 -2.28 1.87
C GLU A 93 -11.29 -1.27 2.67
N LYS A 94 -10.89 -1.68 3.87
CA LYS A 94 -10.10 -0.82 4.74
C LYS A 94 -8.76 -0.49 4.10
N VAL A 95 -8.17 -1.46 3.44
CA VAL A 95 -6.89 -1.27 2.78
C VAL A 95 -6.98 -0.20 1.69
N LEU A 96 -7.72 -0.50 0.63
CA LEU A 96 -7.90 0.44 -0.47
C LEU A 96 -8.35 1.81 0.04
N GLN A 97 -9.27 1.79 1.01
CA GLN A 97 -9.78 3.03 1.59
C GLN A 97 -8.65 3.87 2.18
N LEU A 98 -7.84 3.24 3.02
CA LEU A 98 -6.72 3.93 3.65
C LEU A 98 -5.76 4.50 2.61
N ALA A 99 -5.41 3.68 1.62
CA ALA A 99 -4.51 4.11 0.55
C ALA A 99 -5.01 5.39 -0.12
N ILE A 100 -6.26 5.34 -0.59
CA ILE A 100 -6.86 6.49 -1.26
C ILE A 100 -6.84 7.72 -0.35
N ASN A 101 -7.22 7.52 0.91
CA ASN A 101 -7.24 8.62 1.87
C ASN A 101 -5.89 9.31 1.94
N ALA A 102 -4.83 8.52 2.09
CA ALA A 102 -3.48 9.06 2.17
C ALA A 102 -3.10 9.76 0.88
N PHE A 103 -3.50 9.19 -0.25
CA PHE A 103 -3.19 9.77 -1.56
C PHE A 103 -3.74 11.19 -1.66
N ASN A 104 -5.04 11.33 -1.40
CA ASN A 104 -5.69 12.64 -1.47
C ASN A 104 -5.17 13.56 -0.37
N ASN A 105 -5.03 13.01 0.83
CA ASN A 105 -4.55 13.78 1.98
C ASN A 105 -3.18 14.38 1.68
N LYS A 106 -2.29 13.57 1.12
CA LYS A 106 -0.94 14.02 0.79
C LYS A 106 -0.39 14.94 1.88
N SER A 107 -0.63 14.57 3.13
CA SER A 107 -0.16 15.36 4.26
C SER A 107 -0.16 14.53 5.54
N SER A 108 -1.32 13.97 5.87
CA SER A 108 -1.46 13.15 7.07
C SER A 108 -1.17 13.98 8.33
N VAL A 109 -2.24 14.43 8.97
CA VAL A 109 -2.10 15.22 10.19
C VAL A 109 -3.22 14.93 11.17
#